data_4BRP
#
_entry.id   4BRP
#
_cell.length_a   129.608
_cell.length_b   129.608
_cell.length_c   162.698
_cell.angle_alpha   90.00
_cell.angle_beta   90.00
_cell.angle_gamma   120.00
#
_symmetry.space_group_name_H-M   'P 32 2 1'
#
loop_
_entity.id
_entity.type
_entity.pdbx_description
1 polymer 'ECTONUCLEOSIDE TRIPHOSPHATE DIPHOSPHOHYDROLASE I'
2 non-polymer 'BROMIDE ION'
3 water water
#
_entity_poly.entity_id   1
_entity_poly.type   'polypeptide(L)'
_entity_poly.pdbx_seq_one_letter_code
;MDTNPCEKHSCIAVIDAGSTGSRLHIYSYDTDDTNTPIHIEEIWNKKIKPGFASIQPNSVTIDAYLTMLLADAPIHNIPV
YFYATAGMRLLPQSQQKKYYDELDYWFRQQSQWQLVEAKTITGNDEALFDWLAVNYKLDTLKSVQNKSVGVMDMGGASVQ
IVFPMPKNAEISKHNQVELNIYGQNINLYVHSFLGLGQTEMSHQFLNSPSCFANDYPLPDGESGQGNAPSCKEEVTSLMN
SVHKVNQQIQPLLALNPVNEWYSIGGISNLASSQLFHFENSELTNQSLLQQGDNQICHQQWDILNGQYPDDEYLYQYCLL
SSYYYALMVDGYGINPNQTIHYIPPEQNLDWTIGVVLHRALEHHHHHH
;
_entity_poly.pdbx_strand_id   A,B,C,D
#
loop_
_chem_comp.id
_chem_comp.type
_chem_comp.name
_chem_comp.formula
BR non-polymer 'BROMIDE ION' 'Br -1'
#
# COMPACT_ATOMS: atom_id res chain seq x y z
N PRO A 5 -44.89 11.54 28.37
CA PRO A 5 -45.09 10.09 28.49
C PRO A 5 -44.10 9.36 29.41
N CYS A 6 -42.84 9.64 29.22
CA CYS A 6 -41.83 9.08 30.09
C CYS A 6 -41.61 9.90 31.36
N GLU A 7 -42.56 10.77 31.66
CA GLU A 7 -42.54 11.51 32.89
C GLU A 7 -43.41 10.76 33.90
N LYS A 8 -44.60 10.31 33.51
CA LYS A 8 -45.44 9.52 34.42
C LYS A 8 -44.93 8.08 34.60
N HIS A 9 -44.22 7.57 33.60
CA HIS A 9 -43.79 6.19 33.61
C HIS A 9 -42.33 6.13 33.24
N SER A 10 -41.66 5.07 33.64
CA SER A 10 -40.27 4.90 33.24
C SER A 10 -40.20 4.46 31.78
N CYS A 11 -39.09 4.77 31.12
CA CYS A 11 -38.85 4.30 29.76
C CYS A 11 -37.41 4.01 29.58
N ILE A 12 -37.09 2.99 28.79
CA ILE A 12 -35.73 2.94 28.30
C ILE A 12 -35.67 2.59 26.84
N ALA A 13 -34.56 2.93 26.18
CA ALA A 13 -34.36 2.50 24.82
C ALA A 13 -33.31 1.45 24.84
N VAL A 14 -33.51 0.39 24.05
CA VAL A 14 -32.52 -0.65 23.91
C VAL A 14 -32.26 -0.80 22.41
N ILE A 15 -30.98 -0.72 22.05
CA ILE A 15 -30.55 -0.99 20.68
C ILE A 15 -29.84 -2.34 20.56
N ASP A 16 -30.47 -3.21 19.81
CA ASP A 16 -29.92 -4.48 19.43
C ASP A 16 -29.15 -4.30 18.14
N ALA A 17 -27.82 -4.28 18.25
CA ALA A 17 -26.98 -4.26 17.07
C ALA A 17 -26.54 -5.63 16.56
N GLY A 18 -27.38 -6.28 15.77
CA GLY A 18 -27.14 -7.63 15.26
C GLY A 18 -26.40 -7.69 13.94
N SER A 19 -25.99 -8.89 13.54
CA SER A 19 -25.27 -9.04 12.31
C SER A 19 -25.93 -8.44 11.02
N THR A 20 -27.25 -8.45 10.89
CA THR A 20 -27.82 -7.94 9.61
C THR A 20 -28.42 -6.56 9.71
N GLY A 21 -28.47 -6.04 10.93
CA GLY A 21 -29.19 -4.81 11.18
C GLY A 21 -29.21 -4.43 12.63
N SER A 22 -29.64 -3.20 12.88
CA SER A 22 -29.73 -2.70 14.22
C SER A 22 -31.18 -2.35 14.46
N ARG A 23 -31.67 -2.70 15.63
CA ARG A 23 -33.05 -2.49 15.93
C ARG A 23 -33.16 -1.71 17.22
N LEU A 24 -33.84 -0.55 17.15
CA LEU A 24 -34.16 0.18 18.30
C LEU A 24 -35.48 -0.25 18.86
N HIS A 25 -35.48 -0.46 20.15
CA HIS A 25 -36.72 -0.70 20.88
C HIS A 25 -36.87 0.34 21.96
N ILE A 26 -38.03 0.96 22.09
CA ILE A 26 -38.27 1.76 23.27
C ILE A 26 -39.38 1.10 24.08
N TYR A 27 -39.10 0.91 25.40
CA TYR A 27 -40.06 0.35 26.37
C TYR A 27 -40.50 1.32 27.49
N SER A 28 -41.79 1.37 27.78
CA SER A 28 -42.28 1.94 29.02
C SER A 28 -42.60 0.78 29.96
N TYR A 29 -42.61 1.11 31.23
CA TYR A 29 -43.02 0.16 32.28
C TYR A 29 -43.32 0.91 33.56
N ASP A 30 -44.05 0.25 34.46
CA ASP A 30 -44.18 0.72 35.84
C ASP A 30 -43.33 -0.16 36.75
N THR A 31 -43.31 0.16 38.05
CA THR A 31 -42.55 -0.60 39.05
C THR A 31 -43.45 -1.17 40.18
N ASP A 32 -43.38 -2.48 40.47
CA ASP A 32 -44.16 -3.07 41.60
C ASP A 32 -43.51 -2.77 42.99
N ASP A 33 -44.04 -3.38 44.05
CA ASP A 33 -43.46 -3.33 45.45
C ASP A 33 -41.99 -3.80 45.53
N THR A 34 -41.61 -4.81 44.74
CA THR A 34 -40.28 -5.41 44.81
C THR A 34 -39.24 -4.58 44.02
N ASN A 35 -39.60 -3.35 43.62
CA ASN A 35 -38.72 -2.52 42.80
C ASN A 35 -38.54 -3.08 41.37
N THR A 36 -39.25 -4.16 41.01
CA THR A 36 -39.14 -4.83 39.71
C THR A 36 -40.13 -4.28 38.64
N PRO A 37 -39.69 -4.15 37.37
CA PRO A 37 -40.56 -3.59 36.37
C PRO A 37 -41.79 -4.45 36.06
N ILE A 38 -42.97 -3.83 35.89
CA ILE A 38 -44.19 -4.55 35.41
C ILE A 38 -44.92 -3.76 34.32
N HIS A 39 -45.83 -4.44 33.64
CA HIS A 39 -46.62 -3.87 32.56
C HIS A 39 -45.72 -3.25 31.52
N ILE A 40 -44.69 -3.98 31.16
CA ILE A 40 -43.69 -3.53 30.18
C ILE A 40 -44.30 -3.53 28.76
N GLU A 41 -44.22 -2.43 28.04
CA GLU A 41 -44.84 -2.33 26.72
C GLU A 41 -43.87 -1.69 25.76
N GLU A 42 -43.84 -2.17 24.54
CA GLU A 42 -43.06 -1.53 23.47
C GLU A 42 -43.82 -0.44 22.81
N ILE A 43 -43.30 0.77 22.81
CA ILE A 43 -44.03 1.92 22.23
C ILE A 43 -43.39 2.45 20.97
N TRP A 44 -42.20 1.94 20.61
CA TRP A 44 -41.60 2.31 19.38
C TRP A 44 -40.64 1.25 18.98
N ASN A 45 -40.46 1.07 17.67
CA ASN A 45 -39.71 -0.04 17.12
C ASN A 45 -39.27 0.31 15.71
N LYS A 46 -37.95 0.33 15.48
CA LYS A 46 -37.40 0.59 14.14
C LYS A 46 -36.14 -0.20 13.85
N LYS A 47 -36.10 -0.74 12.65
CA LYS A 47 -34.91 -1.41 12.21
C LYS A 47 -34.27 -0.65 11.08
N ILE A 48 -32.94 -0.57 11.05
CA ILE A 48 -32.22 -0.23 9.82
C ILE A 48 -31.20 -1.27 9.38
N LYS A 49 -30.77 -1.18 8.13
CA LYS A 49 -29.72 -2.04 7.59
C LYS A 49 -28.59 -1.22 7.08
N PRO A 50 -27.37 -1.82 7.02
CA PRO A 50 -26.88 -3.14 7.31
C PRO A 50 -26.43 -3.20 8.72
N GLY A 51 -25.61 -4.20 9.06
CA GLY A 51 -25.14 -4.38 10.43
C GLY A 51 -24.08 -3.39 10.86
N PHE A 52 -24.08 -2.97 12.12
CA PHE A 52 -23.08 -2.04 12.61
C PHE A 52 -21.63 -2.46 12.33
N ALA A 53 -21.39 -3.75 12.50
CA ALA A 53 -20.03 -4.34 12.35
C ALA A 53 -19.56 -4.45 10.96
N SER A 54 -20.39 -4.14 9.98
CA SER A 54 -19.90 -4.17 8.60
C SER A 54 -19.58 -2.78 8.11
N ILE A 55 -19.90 -1.69 8.85
CA ILE A 55 -19.68 -0.33 8.30
C ILE A 55 -18.36 0.27 8.74
N GLN A 56 -17.99 1.35 8.08
CA GLN A 56 -16.69 1.92 8.34
C GLN A 56 -16.74 2.54 9.72
N PRO A 57 -15.71 2.28 10.51
CA PRO A 57 -15.75 2.82 11.81
C PRO A 57 -15.17 4.21 11.88
N ASN A 58 -15.76 5.17 11.19
CA ASN A 58 -15.28 6.54 11.36
C ASN A 58 -16.51 7.35 11.75
N SER A 59 -16.28 8.58 12.19
CA SER A 59 -17.37 9.45 12.62
C SER A 59 -18.49 9.72 11.57
N VAL A 60 -18.10 10.10 10.38
CA VAL A 60 -19.04 10.41 9.31
C VAL A 60 -19.94 9.17 9.03
N THR A 61 -19.39 7.97 9.10
CA THR A 61 -20.21 6.82 8.77
C THR A 61 -21.14 6.45 9.89
N ILE A 62 -20.68 6.62 11.11
CA ILE A 62 -21.44 6.21 12.26
C ILE A 62 -22.48 7.27 12.66
N ASP A 63 -22.18 8.53 12.44
CA ASP A 63 -23.15 9.57 12.58
C ASP A 63 -24.33 9.31 11.63
N ALA A 64 -24.06 9.07 10.35
CA ALA A 64 -25.14 8.78 9.39
C ALA A 64 -25.94 7.54 9.85
N TYR A 65 -25.25 6.47 10.23
CA TYR A 65 -25.96 5.25 10.71
C TYR A 65 -26.84 5.50 11.95
N LEU A 66 -26.31 6.26 12.93
CA LEU A 66 -27.10 6.61 14.17
C LEU A 66 -28.26 7.58 13.93
N THR A 67 -28.02 8.54 13.04
CA THR A 67 -28.96 9.52 12.77
C THR A 67 -30.09 8.81 12.09
N MET A 68 -29.77 7.99 11.12
CA MET A 68 -30.81 7.26 10.40
C MET A 68 -31.59 6.37 11.37
N LEU A 69 -30.98 5.90 12.45
CA LEU A 69 -31.67 4.97 13.34
C LEU A 69 -32.56 5.66 14.34
N LEU A 70 -32.18 6.87 14.76
CA LEU A 70 -32.76 7.54 15.94
C LEU A 70 -33.48 8.87 15.64
N ALA A 71 -33.30 9.43 14.46
CA ALA A 71 -33.80 10.80 14.13
C ALA A 71 -35.31 10.91 14.23
N ASP A 72 -36.03 9.87 13.83
CA ASP A 72 -37.47 9.98 13.69
C ASP A 72 -38.17 9.46 14.92
N ALA A 73 -37.41 9.08 15.93
CA ALA A 73 -38.04 8.57 17.13
C ALA A 73 -38.83 9.64 17.78
N PRO A 74 -40.09 9.39 18.18
CA PRO A 74 -40.89 10.43 18.85
C PRO A 74 -40.68 10.54 20.41
N ILE A 75 -39.79 9.76 21.03
CA ILE A 75 -39.40 9.97 22.43
C ILE A 75 -37.92 10.33 22.60
N HIS A 76 -37.68 11.41 23.32
CA HIS A 76 -36.31 11.87 23.61
C HIS A 76 -36.10 11.91 25.10
N ASN A 77 -34.86 12.05 25.49
CA ASN A 77 -34.52 12.32 26.87
C ASN A 77 -34.72 11.09 27.71
N ILE A 78 -34.18 9.98 27.26
CA ILE A 78 -34.25 8.74 28.04
C ILE A 78 -33.00 7.89 27.98
N PRO A 79 -32.94 6.90 28.82
CA PRO A 79 -31.66 6.21 28.75
C PRO A 79 -31.60 5.25 27.61
N VAL A 80 -30.39 5.06 27.09
CA VAL A 80 -30.12 4.16 26.02
C VAL A 80 -29.07 3.14 26.38
N TYR A 81 -29.35 1.91 26.01
CA TYR A 81 -28.44 0.76 26.12
C TYR A 81 -28.18 0.32 24.72
N PHE A 82 -26.92 0.16 24.38
CA PHE A 82 -26.54 -0.17 23.02
C PHE A 82 -25.66 -1.39 23.19
N TYR A 83 -26.23 -2.52 22.77
CA TYR A 83 -25.69 -3.82 22.93
C TYR A 83 -25.55 -4.49 21.56
N ALA A 84 -24.31 -4.73 21.10
CA ALA A 84 -24.04 -5.45 19.85
C ALA A 84 -23.91 -6.93 20.23
N THR A 85 -24.25 -7.80 19.28
CA THR A 85 -24.34 -9.22 19.54
C THR A 85 -23.35 -9.88 18.61
N ALA A 86 -23.75 -10.96 17.95
CA ALA A 86 -22.75 -11.91 17.36
C ALA A 86 -21.89 -11.29 16.26
N GLY A 87 -22.46 -10.43 15.42
CA GLY A 87 -21.65 -9.80 14.29
C GLY A 87 -20.41 -9.21 14.86
N MET A 88 -20.54 -8.39 15.91
CA MET A 88 -19.38 -7.74 16.57
C MET A 88 -18.45 -8.74 17.24
N ARG A 89 -19.02 -9.83 17.79
CA ARG A 89 -18.19 -10.89 18.40
C ARG A 89 -17.22 -11.55 17.37
N LEU A 90 -17.54 -11.44 16.06
CA LEU A 90 -16.56 -11.94 15.00
C LEU A 90 -15.31 -11.14 14.77
N LEU A 91 -15.30 -9.92 15.31
CA LEU A 91 -14.22 -9.01 15.16
C LEU A 91 -13.29 -9.05 16.36
N PRO A 92 -12.01 -8.80 16.13
CA PRO A 92 -11.13 -8.73 17.29
C PRO A 92 -11.40 -7.50 18.09
N GLN A 93 -10.97 -7.51 19.35
CA GLN A 93 -11.19 -6.40 20.23
C GLN A 93 -10.76 -5.02 19.63
N SER A 94 -9.64 -5.02 18.94
CA SER A 94 -9.03 -3.78 18.49
C SER A 94 -9.77 -3.10 17.34
N GLN A 95 -10.52 -3.86 16.55
CA GLN A 95 -11.45 -3.27 15.61
C GLN A 95 -12.70 -2.76 16.33
N GLN A 96 -13.17 -3.54 17.28
CA GLN A 96 -14.30 -3.10 18.04
C GLN A 96 -14.12 -1.77 18.72
N LYS A 97 -13.02 -1.61 19.38
CA LYS A 97 -12.82 -0.41 20.14
C LYS A 97 -12.97 0.81 19.23
N LYS A 98 -12.59 0.69 17.96
CA LYS A 98 -12.79 1.83 17.06
C LYS A 98 -14.26 2.27 17.02
N TYR A 99 -15.15 1.28 16.99
CA TYR A 99 -16.55 1.57 16.96
C TYR A 99 -17.04 2.25 18.23
N TYR A 100 -16.63 1.74 19.39
CA TYR A 100 -17.14 2.28 20.66
C TYR A 100 -16.55 3.68 20.93
N ASP A 101 -15.30 3.87 20.58
CA ASP A 101 -14.75 5.26 20.66
C ASP A 101 -15.59 6.24 19.88
N GLU A 102 -15.95 5.92 18.66
CA GLU A 102 -16.82 6.83 17.89
C GLU A 102 -18.19 7.02 18.46
N LEU A 103 -18.76 5.92 18.85
CA LEU A 103 -20.03 5.91 19.55
C LEU A 103 -20.03 6.73 20.82
N ASP A 104 -19.02 6.54 21.64
CA ASP A 104 -18.87 7.41 22.79
C ASP A 104 -18.87 8.88 22.34
N TYR A 105 -18.09 9.19 21.32
CA TYR A 105 -18.04 10.58 20.85
C TYR A 105 -19.38 11.04 20.36
N TRP A 106 -20.08 10.24 19.58
CA TRP A 106 -21.36 10.75 19.05
C TRP A 106 -22.35 11.08 20.19
N PHE A 107 -22.43 10.20 21.18
CA PHE A 107 -23.39 10.40 22.28
C PHE A 107 -23.08 11.60 23.18
N ARG A 108 -21.82 11.94 23.32
CA ARG A 108 -21.46 13.19 24.01
C ARG A 108 -21.70 14.40 23.20
N GLN A 109 -21.80 14.33 21.87
CA GLN A 109 -22.10 15.56 21.06
C GLN A 109 -23.54 15.98 21.10
N GLN A 110 -24.36 15.27 21.86
CA GLN A 110 -25.79 15.60 21.84
C GLN A 110 -26.40 15.32 23.21
N SER A 111 -27.60 15.85 23.46
CA SER A 111 -28.17 15.84 24.80
C SER A 111 -29.56 15.20 24.84
N GLN A 112 -30.05 14.67 23.73
CA GLN A 112 -31.36 14.04 23.73
C GLN A 112 -31.33 12.60 24.27
N TRP A 113 -30.28 11.87 24.02
CA TRP A 113 -30.17 10.51 24.53
C TRP A 113 -29.12 10.47 25.66
N GLN A 114 -29.40 9.73 26.70
CA GLN A 114 -28.53 9.56 27.81
C GLN A 114 -27.97 8.12 27.69
N LEU A 115 -26.79 8.01 27.14
CA LEU A 115 -26.08 6.76 26.99
C LEU A 115 -25.75 6.20 28.36
N VAL A 116 -26.24 5.01 28.66
CA VAL A 116 -25.80 4.33 29.84
C VAL A 116 -24.64 3.37 29.57
N GLU A 117 -24.73 2.57 28.50
CA GLU A 117 -23.69 1.60 28.14
C GLU A 117 -23.74 1.30 26.67
N ALA A 118 -22.56 1.07 26.11
CA ALA A 118 -22.42 0.61 24.74
C ALA A 118 -21.39 -0.45 24.85
N LYS A 119 -21.75 -1.67 24.49
CA LYS A 119 -20.76 -2.73 24.40
C LYS A 119 -21.30 -3.94 23.65
N THR A 120 -20.42 -4.86 23.38
CA THR A 120 -20.75 -6.11 22.84
C THR A 120 -21.04 -7.03 24.00
N ILE A 121 -22.22 -7.63 24.04
CA ILE A 121 -22.57 -8.52 25.14
C ILE A 121 -22.14 -9.92 24.73
N THR A 122 -21.88 -10.80 25.69
CA THR A 122 -21.49 -12.18 25.35
C THR A 122 -22.73 -12.96 24.98
N GLY A 123 -22.57 -14.08 24.28
CA GLY A 123 -23.72 -14.96 24.04
C GLY A 123 -24.34 -15.40 25.35
N ASN A 124 -23.53 -15.59 26.40
CA ASN A 124 -24.13 -15.91 27.71
C ASN A 124 -25.03 -14.82 28.30
N ASP A 125 -24.69 -13.54 28.12
CA ASP A 125 -25.52 -12.42 28.54
C ASP A 125 -26.82 -12.46 27.71
N GLU A 126 -26.67 -12.63 26.40
CA GLU A 126 -27.80 -12.74 25.51
C GLU A 126 -28.73 -13.89 25.89
N ALA A 127 -28.18 -15.04 26.26
CA ALA A 127 -28.98 -16.17 26.74
C ALA A 127 -29.85 -15.83 27.91
N LEU A 128 -29.25 -15.15 28.87
CA LEU A 128 -29.96 -14.74 30.03
C LEU A 128 -31.16 -13.87 29.68
N PHE A 129 -30.95 -12.90 28.77
CA PHE A 129 -32.02 -12.00 28.37
C PHE A 129 -33.10 -12.78 27.60
N ASP A 130 -32.73 -13.84 26.89
CA ASP A 130 -33.69 -14.70 26.21
C ASP A 130 -34.63 -15.33 27.24
N TRP A 131 -34.06 -15.93 28.28
CA TRP A 131 -34.83 -16.60 29.32
C TRP A 131 -35.85 -15.65 30.00
N LEU A 132 -35.38 -14.44 30.28
CA LEU A 132 -36.21 -13.47 30.97
C LEU A 132 -37.33 -13.09 30.03
N ALA A 133 -36.99 -12.81 28.79
CA ALA A 133 -37.99 -12.26 27.88
C ALA A 133 -39.16 -13.23 27.76
N VAL A 134 -38.82 -14.54 27.66
CA VAL A 134 -39.80 -15.56 27.41
C VAL A 134 -40.62 -15.70 28.66
N ASN A 135 -39.96 -15.85 29.80
CA ASN A 135 -40.70 -16.08 31.04
C ASN A 135 -41.49 -14.87 31.50
N TYR A 136 -41.06 -13.67 31.10
CA TYR A 136 -41.90 -12.47 31.25
C TYR A 136 -43.19 -12.66 30.49
N LYS A 137 -43.09 -13.05 29.23
CA LYS A 137 -44.28 -13.28 28.38
C LYS A 137 -45.13 -14.39 28.97
N LEU A 138 -44.51 -15.40 29.52
CA LEU A 138 -45.36 -16.47 30.08
C LEU A 138 -45.89 -16.15 31.47
N ASP A 139 -45.42 -15.06 32.07
CA ASP A 139 -45.93 -14.62 33.37
C ASP A 139 -45.52 -15.57 34.48
N THR A 140 -44.44 -16.29 34.25
CA THR A 140 -43.92 -17.26 35.17
C THR A 140 -42.80 -16.69 36.05
N LEU A 141 -42.54 -15.39 35.97
CA LEU A 141 -41.53 -14.82 36.84
C LEU A 141 -42.14 -14.33 38.10
N LYS A 142 -43.38 -13.83 38.04
CA LYS A 142 -44.12 -13.43 39.26
C LYS A 142 -44.33 -14.63 40.19
N SER A 143 -44.97 -15.69 39.69
CA SER A 143 -45.25 -16.91 40.51
C SER A 143 -44.01 -17.79 40.78
N VAL A 144 -43.94 -18.23 42.05
CA VAL A 144 -42.89 -19.13 42.58
C VAL A 144 -42.94 -20.42 41.76
N GLN A 145 -42.10 -20.50 40.73
CA GLN A 145 -42.18 -21.60 39.78
C GLN A 145 -41.76 -22.94 40.47
N ASN A 146 -42.72 -23.85 40.54
CA ASN A 146 -42.39 -25.22 40.78
C ASN A 146 -41.84 -25.77 39.41
N LYS A 147 -42.22 -25.14 38.27
CA LYS A 147 -41.98 -25.66 36.91
C LYS A 147 -40.61 -25.21 36.32
N SER A 148 -39.83 -26.15 35.77
CA SER A 148 -38.56 -25.85 35.08
C SER A 148 -38.76 -25.49 33.55
N VAL A 149 -38.58 -24.20 33.18
CA VAL A 149 -38.67 -23.69 31.75
C VAL A 149 -37.32 -23.46 31.11
N GLY A 150 -37.11 -24.09 29.95
CA GLY A 150 -35.88 -23.94 29.13
C GLY A 150 -36.12 -23.14 27.85
N VAL A 151 -35.11 -22.41 27.42
CA VAL A 151 -35.26 -21.53 26.31
C VAL A 151 -34.08 -21.71 25.39
N MET A 152 -34.35 -21.87 24.10
CA MET A 152 -33.34 -21.98 23.06
C MET A 152 -33.62 -20.90 22.00
N ASP A 153 -32.55 -20.22 21.58
CA ASP A 153 -32.52 -19.17 20.61
C ASP A 153 -31.67 -19.71 19.46
N MET A 154 -32.30 -19.71 18.29
CA MET A 154 -31.68 -20.02 17.04
C MET A 154 -31.49 -18.65 16.34
N GLY A 155 -30.31 -18.07 16.57
CA GLY A 155 -29.90 -16.81 15.96
C GLY A 155 -29.19 -17.00 14.64
N GLY A 156 -28.96 -15.90 13.94
CA GLY A 156 -28.25 -15.92 12.66
C GLY A 156 -26.78 -16.38 12.74
N ALA A 157 -26.08 -15.91 13.78
CA ALA A 157 -24.66 -16.22 13.91
C ALA A 157 -24.32 -17.10 15.12
N SER A 158 -25.11 -17.00 16.20
CA SER A 158 -24.98 -17.91 17.35
C SER A 158 -26.31 -18.52 17.79
N VAL A 159 -26.21 -19.55 18.63
CA VAL A 159 -27.32 -20.16 19.23
C VAL A 159 -27.07 -20.15 20.69
N GLN A 160 -28.16 -19.98 21.42
CA GLN A 160 -28.10 -19.98 22.84
C GLN A 160 -29.05 -21.06 23.41
N ILE A 161 -28.69 -21.52 24.60
CA ILE A 161 -29.52 -22.38 25.43
C ILE A 161 -29.34 -21.97 26.90
N VAL A 162 -30.43 -22.05 27.65
CA VAL A 162 -30.38 -21.62 29.01
C VAL A 162 -31.44 -22.37 29.76
N PHE A 163 -31.15 -22.71 31.04
CA PHE A 163 -32.12 -23.47 31.89
C PHE A 163 -31.77 -23.45 33.39
N PRO A 164 -32.73 -23.73 34.22
CA PRO A 164 -32.46 -23.76 35.66
C PRO A 164 -31.47 -24.84 36.09
N MET A 165 -30.50 -24.43 36.90
CA MET A 165 -29.47 -25.30 37.43
C MET A 165 -28.93 -24.65 38.67
N PRO A 166 -28.78 -25.43 39.74
CA PRO A 166 -28.21 -24.86 40.95
C PRO A 166 -26.69 -24.71 40.81
N LYS A 167 -26.14 -23.74 41.55
CA LYS A 167 -24.71 -23.44 41.50
C LYS A 167 -23.85 -24.69 41.57
N ASN A 168 -22.75 -24.69 40.82
CA ASN A 168 -21.96 -25.89 40.60
C ASN A 168 -20.49 -25.47 40.38
N ALA A 169 -19.65 -25.78 41.35
CA ALA A 169 -18.30 -25.28 41.38
C ALA A 169 -17.40 -26.02 40.42
N GLU A 170 -17.81 -27.18 39.92
CA GLU A 170 -17.06 -27.90 38.87
C GLU A 170 -17.31 -27.32 37.45
N ILE A 171 -18.27 -26.38 37.33
CA ILE A 171 -18.64 -25.67 36.07
C ILE A 171 -18.22 -24.19 36.07
N SER A 172 -17.74 -23.68 34.93
CA SER A 172 -17.21 -22.30 34.85
C SER A 172 -18.21 -21.25 35.28
N LYS A 173 -17.72 -20.23 35.93
CA LYS A 173 -18.57 -19.16 36.42
C LYS A 173 -19.28 -18.42 35.28
N HIS A 174 -18.64 -18.31 34.12
CA HIS A 174 -19.16 -17.56 32.95
C HIS A 174 -20.42 -18.24 32.39
N ASN A 175 -20.58 -19.55 32.68
CA ASN A 175 -21.75 -20.32 32.28
C ASN A 175 -22.88 -20.39 33.31
N GLN A 176 -22.79 -19.59 34.35
CA GLN A 176 -23.79 -19.63 35.40
C GLN A 176 -24.19 -18.24 35.86
N VAL A 177 -25.45 -18.07 36.15
CA VAL A 177 -25.98 -16.78 36.48
C VAL A 177 -26.93 -16.95 37.65
N GLU A 178 -26.75 -16.12 38.67
CA GLU A 178 -27.63 -16.08 39.84
C GLU A 178 -28.34 -14.76 39.77
N LEU A 179 -29.66 -14.75 39.78
CA LEU A 179 -30.35 -13.43 39.82
C LEU A 179 -31.52 -13.48 40.78
N ASN A 180 -31.87 -12.30 41.32
CA ASN A 180 -32.99 -12.19 42.25
C ASN A 180 -34.05 -11.28 41.61
N ILE A 181 -35.28 -11.77 41.48
CA ILE A 181 -36.30 -11.05 40.72
C ILE A 181 -37.73 -11.38 41.17
N TYR A 182 -38.58 -10.34 41.26
CA TYR A 182 -39.88 -10.42 41.94
C TYR A 182 -39.73 -11.12 43.30
N GLY A 183 -38.60 -10.86 43.95
CA GLY A 183 -38.24 -11.49 45.23
C GLY A 183 -37.85 -12.96 45.23
N GLN A 184 -37.61 -13.55 44.05
CA GLN A 184 -37.25 -14.96 43.95
C GLN A 184 -35.78 -15.07 43.54
N ASN A 185 -35.14 -16.15 43.98
CA ASN A 185 -33.75 -16.43 43.67
C ASN A 185 -33.60 -17.52 42.61
N ILE A 186 -32.96 -17.16 41.50
CA ILE A 186 -32.91 -18.04 40.32
C ILE A 186 -31.48 -18.29 39.91
N ASN A 187 -31.18 -19.55 39.59
CA ASN A 187 -29.89 -19.91 39.08
C ASN A 187 -29.99 -20.63 37.80
N LEU A 188 -29.18 -20.20 36.86
CA LEU A 188 -29.37 -20.61 35.50
C LEU A 188 -28.07 -21.05 34.97
N TYR A 189 -28.13 -22.07 34.13
CA TYR A 189 -27.04 -22.39 33.22
C TYR A 189 -27.34 -21.62 31.95
N VAL A 190 -26.28 -21.01 31.41
CA VAL A 190 -26.32 -20.29 30.12
C VAL A 190 -25.11 -20.79 29.26
N HIS A 191 -25.35 -21.01 27.97
CA HIS A 191 -24.30 -21.26 26.98
C HIS A 191 -24.66 -20.67 25.63
N SER A 192 -23.66 -20.14 24.95
CA SER A 192 -23.76 -19.72 23.55
C SER A 192 -22.67 -20.38 22.75
N PHE A 193 -23.02 -20.85 21.54
CA PHE A 193 -22.11 -21.47 20.56
C PHE A 193 -21.96 -20.55 19.35
N LEU A 194 -20.86 -19.80 19.31
CA LEU A 194 -20.56 -18.85 18.26
C LEU A 194 -20.13 -19.58 16.99
N GLY A 195 -20.87 -19.33 15.92
CA GLY A 195 -20.58 -19.99 14.66
C GLY A 195 -21.62 -20.98 14.22
N LEU A 196 -22.40 -21.46 15.18
CA LEU A 196 -23.40 -22.50 14.97
C LEU A 196 -24.80 -21.91 14.67
N GLY A 197 -24.88 -20.58 14.64
CA GLY A 197 -26.10 -19.91 14.15
C GLY A 197 -26.27 -20.15 12.69
N GLN A 198 -27.47 -20.04 12.22
CA GLN A 198 -27.80 -20.63 10.96
C GLN A 198 -27.14 -20.05 9.75
N THR A 199 -26.86 -18.77 9.78
CA THR A 199 -26.16 -18.17 8.65
C THR A 199 -24.74 -18.68 8.60
N GLU A 200 -23.98 -18.63 9.71
CA GLU A 200 -22.58 -19.13 9.69
C GLU A 200 -22.44 -20.56 9.38
N MET A 201 -23.24 -21.36 10.08
CA MET A 201 -23.34 -22.79 9.87
C MET A 201 -23.57 -23.12 8.38
N SER A 202 -24.44 -22.37 7.71
CA SER A 202 -24.88 -22.76 6.39
C SER A 202 -23.77 -22.65 5.39
N HIS A 203 -22.80 -21.79 5.68
CA HIS A 203 -21.59 -21.63 4.81
C HIS A 203 -20.67 -22.90 4.62
N GLN A 204 -20.84 -23.89 5.52
CA GLN A 204 -20.09 -25.13 5.46
C GLN A 204 -20.81 -26.20 4.63
N PHE A 205 -22.07 -25.98 4.33
CA PHE A 205 -22.89 -27.07 3.75
C PHE A 205 -23.42 -26.72 2.36
N LEU A 206 -23.00 -25.59 1.78
CA LEU A 206 -23.63 -25.21 0.54
C LEU A 206 -23.44 -26.17 -0.63
N ASN A 207 -22.46 -27.08 -0.58
CA ASN A 207 -22.21 -27.99 -1.71
C ASN A 207 -22.57 -29.46 -1.36
N SER A 208 -23.36 -29.61 -0.32
CA SER A 208 -23.92 -30.89 0.13
C SER A 208 -25.25 -31.13 -0.56
N PRO A 209 -25.28 -31.98 -1.59
CA PRO A 209 -26.52 -32.33 -2.29
C PRO A 209 -27.65 -32.85 -1.38
N SER A 210 -27.30 -33.51 -0.27
CA SER A 210 -28.33 -34.04 0.65
C SER A 210 -29.20 -32.94 1.24
N CYS A 211 -28.70 -31.71 1.28
CA CYS A 211 -29.31 -30.67 2.07
C CYS A 211 -30.17 -29.73 1.20
N PHE A 212 -30.45 -30.10 -0.02
CA PHE A 212 -31.22 -29.22 -0.89
C PHE A 212 -32.14 -30.07 -1.74
N ALA A 213 -33.20 -29.45 -2.23
CA ALA A 213 -34.22 -30.05 -3.12
C ALA A 213 -33.58 -30.65 -4.39
N ASN A 214 -34.17 -31.71 -4.92
CA ASN A 214 -33.60 -32.37 -6.08
C ASN A 214 -33.45 -31.30 -7.18
N ASP A 215 -32.28 -31.30 -7.83
CA ASP A 215 -31.90 -30.37 -8.91
C ASP A 215 -31.65 -28.94 -8.46
N TYR A 216 -31.63 -28.63 -7.15
CA TYR A 216 -31.23 -27.24 -6.76
C TYR A 216 -29.80 -27.07 -7.30
N PRO A 217 -29.48 -25.91 -7.93
CA PRO A 217 -28.10 -25.69 -8.50
C PRO A 217 -27.10 -25.27 -7.43
N LEU A 218 -26.18 -26.20 -7.09
CA LEU A 218 -25.16 -25.91 -6.07
C LEU A 218 -24.10 -25.01 -6.68
N PRO A 219 -23.37 -24.26 -5.84
CA PRO A 219 -22.31 -23.34 -6.30
C PRO A 219 -21.28 -24.05 -7.16
N ASP A 220 -20.94 -25.30 -6.82
CA ASP A 220 -19.94 -26.04 -7.59
C ASP A 220 -20.51 -26.66 -8.88
N GLY A 221 -21.80 -26.42 -9.18
CA GLY A 221 -22.38 -26.88 -10.47
C GLY A 221 -23.03 -28.27 -10.46
N GLU A 222 -22.89 -28.98 -9.35
CA GLU A 222 -23.62 -30.19 -9.08
C GLU A 222 -25.08 -29.88 -8.76
N SER A 223 -25.87 -30.96 -8.57
CA SER A 223 -27.30 -30.91 -8.36
C SER A 223 -27.77 -31.32 -6.98
N GLY A 224 -28.74 -30.57 -6.45
CA GLY A 224 -29.41 -31.00 -5.25
C GLY A 224 -29.99 -32.40 -5.39
N GLN A 225 -29.94 -33.13 -4.28
CA GLN A 225 -30.59 -34.43 -4.15
C GLN A 225 -30.96 -34.69 -2.68
N GLY A 226 -32.11 -34.12 -2.31
CA GLY A 226 -32.43 -33.98 -0.93
C GLY A 226 -32.66 -35.28 -0.20
N ASN A 227 -32.09 -35.34 1.00
CA ASN A 227 -32.36 -36.35 1.95
C ASN A 227 -32.08 -35.94 3.39
N ALA A 228 -33.15 -35.64 4.15
CA ALA A 228 -33.01 -35.00 5.47
C ALA A 228 -32.20 -35.75 6.50
N PRO A 229 -32.43 -37.07 6.64
CA PRO A 229 -31.59 -37.81 7.61
C PRO A 229 -30.13 -37.63 7.33
N SER A 230 -29.75 -37.66 6.03
CA SER A 230 -28.33 -37.50 5.61
C SER A 230 -27.82 -36.09 5.96
N CYS A 231 -28.61 -35.09 5.56
CA CYS A 231 -28.23 -33.73 5.83
C CYS A 231 -28.05 -33.56 7.32
N LYS A 232 -28.98 -34.14 8.10
CA LYS A 232 -28.83 -34.16 9.57
C LYS A 232 -27.46 -34.70 10.03
N GLU A 233 -27.01 -35.84 9.50
CA GLU A 233 -25.69 -36.44 9.88
C GLU A 233 -24.51 -35.53 9.56
N GLU A 234 -24.53 -34.90 8.40
CA GLU A 234 -23.46 -33.94 8.05
C GLU A 234 -23.37 -32.78 9.09
N VAL A 235 -24.51 -32.12 9.37
CA VAL A 235 -24.56 -31.04 10.34
C VAL A 235 -24.21 -31.52 11.78
N THR A 236 -24.63 -32.73 12.13
CA THR A 236 -24.28 -33.30 13.38
C THR A 236 -22.79 -33.35 13.59
N SER A 237 -22.01 -33.56 12.53
CA SER A 237 -20.50 -33.62 12.65
C SER A 237 -19.90 -32.32 13.16
N LEU A 238 -20.42 -31.20 12.64
CA LEU A 238 -20.09 -29.85 13.11
C LEU A 238 -20.54 -29.54 14.53
N MET A 239 -21.79 -29.85 14.83
CA MET A 239 -22.28 -29.75 16.20
C MET A 239 -21.37 -30.47 17.19
N ASN A 240 -21.17 -31.77 16.97
CA ASN A 240 -20.50 -32.59 17.97
C ASN A 240 -18.99 -32.71 17.76
N SER A 241 -18.52 -33.08 16.57
CA SER A 241 -17.07 -33.33 16.39
C SER A 241 -16.31 -32.03 16.59
N VAL A 242 -16.88 -30.90 16.12
CA VAL A 242 -16.21 -29.59 16.29
C VAL A 242 -16.61 -28.86 17.56
N HIS A 243 -17.86 -28.48 17.74
CA HIS A 243 -18.23 -27.72 18.96
C HIS A 243 -18.54 -28.54 20.25
N LYS A 244 -18.68 -29.85 20.11
CA LYS A 244 -18.82 -30.73 21.26
C LYS A 244 -20.06 -30.41 22.08
N VAL A 245 -21.17 -30.13 21.41
CA VAL A 245 -22.38 -29.78 22.11
C VAL A 245 -22.83 -30.91 23.05
N ASN A 246 -22.91 -32.13 22.49
CA ASN A 246 -23.35 -33.31 23.25
C ASN A 246 -22.62 -33.40 24.59
N GLN A 247 -21.31 -33.30 24.57
CA GLN A 247 -20.47 -33.55 25.75
C GLN A 247 -20.68 -32.49 26.81
N GLN A 248 -20.92 -31.29 26.36
CA GLN A 248 -21.12 -30.17 27.26
C GLN A 248 -22.55 -30.08 27.78
N ILE A 249 -23.55 -30.39 26.96
CA ILE A 249 -24.95 -30.16 27.37
C ILE A 249 -25.72 -31.38 27.92
N GLN A 250 -25.53 -32.57 27.35
CA GLN A 250 -26.35 -33.72 27.77
C GLN A 250 -26.16 -34.12 29.20
N PRO A 251 -24.91 -34.10 29.69
CA PRO A 251 -24.82 -34.56 31.07
C PRO A 251 -25.62 -33.62 31.97
N LEU A 252 -25.68 -32.35 31.63
CA LEU A 252 -26.32 -31.38 32.50
C LEU A 252 -27.84 -31.44 32.45
N LEU A 253 -28.42 -31.64 31.24
CA LEU A 253 -29.86 -31.87 31.10
C LEU A 253 -30.37 -33.17 31.74
N ALA A 254 -29.54 -34.21 31.80
CA ALA A 254 -29.89 -35.42 32.48
C ALA A 254 -30.02 -35.09 33.97
N LEU A 255 -29.12 -34.28 34.50
CA LEU A 255 -29.13 -33.98 35.93
C LEU A 255 -30.12 -32.85 36.29
N ASN A 256 -30.54 -32.04 35.32
CA ASN A 256 -31.41 -30.94 35.66
C ASN A 256 -32.53 -30.86 34.62
N PRO A 257 -33.53 -31.76 34.69
CA PRO A 257 -34.41 -31.90 33.53
C PRO A 257 -35.32 -30.69 33.38
N VAL A 258 -35.63 -30.36 32.14
CA VAL A 258 -36.55 -29.29 31.83
C VAL A 258 -37.99 -29.79 31.63
N ASN A 259 -38.94 -29.15 32.29
CA ASN A 259 -40.38 -29.48 32.13
C ASN A 259 -41.01 -28.95 30.86
N GLU A 260 -40.54 -27.80 30.36
CA GLU A 260 -41.05 -27.20 29.13
C GLU A 260 -39.97 -26.44 28.39
N TRP A 261 -39.97 -26.61 27.09
CA TRP A 261 -39.02 -25.97 26.24
C TRP A 261 -39.68 -24.91 25.41
N TYR A 262 -39.02 -23.76 25.24
CA TYR A 262 -39.48 -22.70 24.32
C TYR A 262 -38.36 -22.32 23.44
N SER A 263 -38.65 -22.05 22.19
CA SER A 263 -37.66 -21.60 21.27
C SER A 263 -38.09 -20.32 20.65
N ILE A 264 -37.09 -19.50 20.28
CA ILE A 264 -37.32 -18.20 19.58
C ILE A 264 -36.28 -18.17 18.51
N GLY A 265 -36.38 -17.22 17.57
CA GLY A 265 -35.47 -17.13 16.45
C GLY A 265 -36.04 -17.84 15.24
N GLY A 266 -35.16 -18.34 14.37
CA GLY A 266 -35.52 -18.79 13.03
C GLY A 266 -36.54 -19.90 12.99
N ILE A 267 -36.55 -20.69 14.03
CA ILE A 267 -37.42 -21.82 14.01
C ILE A 267 -38.86 -21.40 13.98
N SER A 268 -39.19 -20.28 14.64
CA SER A 268 -40.53 -19.63 14.48
C SER A 268 -40.87 -19.32 13.02
N ASN A 269 -39.95 -18.80 12.25
CA ASN A 269 -40.27 -18.45 10.88
C ASN A 269 -40.45 -19.69 10.06
N LEU A 270 -39.66 -20.72 10.31
CA LEU A 270 -39.83 -21.88 9.50
C LEU A 270 -41.17 -22.57 9.76
N ALA A 271 -41.43 -22.82 11.03
CA ALA A 271 -42.56 -23.61 11.44
C ALA A 271 -43.90 -22.92 11.20
N SER A 272 -43.89 -21.63 10.98
CA SER A 272 -45.13 -20.98 10.63
C SER A 272 -45.13 -20.59 9.18
N SER A 273 -44.26 -21.16 8.36
CA SER A 273 -44.41 -20.85 6.96
C SER A 273 -45.51 -21.73 6.34
N GLN A 274 -45.82 -21.50 5.07
CA GLN A 274 -46.90 -22.22 4.36
C GLN A 274 -46.66 -23.71 4.09
N LEU A 275 -45.40 -24.10 4.02
CA LEU A 275 -45.02 -25.48 3.74
C LEU A 275 -44.99 -26.39 4.94
N PHE A 276 -45.07 -25.81 6.14
CA PHE A 276 -45.14 -26.59 7.38
C PHE A 276 -46.50 -26.41 8.07
N HIS A 277 -46.91 -27.45 8.78
CA HIS A 277 -48.23 -27.45 9.39
C HIS A 277 -48.00 -27.84 10.86
N PHE A 278 -48.28 -26.96 11.81
CA PHE A 278 -48.23 -27.28 13.25
C PHE A 278 -49.40 -26.66 14.01
N GLU A 279 -49.89 -27.38 15.00
CA GLU A 279 -50.96 -26.86 15.87
C GLU A 279 -50.42 -26.34 17.21
N ASN A 280 -51.13 -25.34 17.72
CA ASN A 280 -50.92 -24.81 19.03
C ASN A 280 -49.51 -24.26 19.17
N SER A 281 -48.94 -23.79 18.04
CA SER A 281 -47.68 -23.05 18.09
C SER A 281 -46.66 -23.89 18.81
N GLU A 282 -46.70 -25.21 18.61
CA GLU A 282 -45.69 -26.11 19.16
C GLU A 282 -45.34 -27.21 18.17
N LEU A 283 -44.18 -27.84 18.30
CA LEU A 283 -43.79 -28.93 17.37
C LEU A 283 -43.07 -30.07 18.08
N THR A 284 -42.75 -31.12 17.34
CA THR A 284 -41.80 -32.13 17.77
C THR A 284 -40.71 -32.18 16.73
N ASN A 285 -39.51 -32.56 17.16
CA ASN A 285 -38.46 -32.76 16.20
C ASN A 285 -38.77 -33.89 15.18
N GLN A 286 -39.44 -34.97 15.59
CA GLN A 286 -39.67 -36.07 14.64
C GLN A 286 -40.51 -35.58 13.46
N SER A 287 -41.50 -34.76 13.77
CA SER A 287 -42.38 -34.22 12.75
C SER A 287 -41.76 -33.10 11.88
N LEU A 288 -40.93 -32.29 12.49
CA LEU A 288 -40.23 -31.26 11.74
C LEU A 288 -39.33 -31.87 10.66
N LEU A 289 -38.57 -32.90 11.04
CA LEU A 289 -37.63 -33.53 10.16
C LEU A 289 -38.36 -34.17 9.03
N GLN A 290 -39.47 -34.82 9.40
CA GLN A 290 -40.29 -35.53 8.43
C GLN A 290 -40.92 -34.56 7.42
N GLN A 291 -41.58 -33.51 7.92
CA GLN A 291 -42.19 -32.53 6.99
C GLN A 291 -41.14 -31.89 6.07
N GLY A 292 -39.99 -31.52 6.62
CA GLY A 292 -38.89 -31.06 5.77
C GLY A 292 -38.54 -32.05 4.64
N ASP A 293 -38.41 -33.31 5.02
CA ASP A 293 -38.04 -34.35 4.08
C ASP A 293 -39.04 -34.48 2.90
N ASN A 294 -40.31 -34.53 3.23
CA ASN A 294 -41.33 -34.75 2.21
C ASN A 294 -41.76 -33.48 1.48
N GLN A 295 -41.74 -32.36 2.18
CA GLN A 295 -42.17 -31.16 1.55
C GLN A 295 -41.06 -30.39 0.82
N ILE A 296 -39.79 -30.58 1.16
CA ILE A 296 -38.70 -29.83 0.43
C ILE A 296 -37.58 -30.71 -0.08
N CYS A 297 -36.91 -31.44 0.81
CA CYS A 297 -35.78 -32.30 0.40
C CYS A 297 -36.07 -33.17 -0.81
N HIS A 298 -37.17 -33.89 -0.82
CA HIS A 298 -37.43 -34.85 -1.89
C HIS A 298 -38.24 -34.32 -3.04
N GLN A 299 -38.50 -33.01 -3.05
CA GLN A 299 -39.24 -32.38 -4.14
C GLN A 299 -38.30 -32.05 -5.29
N GLN A 300 -38.88 -31.67 -6.42
CA GLN A 300 -38.18 -31.08 -7.58
C GLN A 300 -38.10 -29.57 -7.47
N TRP A 301 -36.88 -29.06 -7.36
CA TRP A 301 -36.71 -27.62 -7.14
C TRP A 301 -37.47 -26.77 -8.16
N ASP A 302 -37.37 -27.10 -9.46
CA ASP A 302 -38.00 -26.32 -10.54
C ASP A 302 -39.52 -26.25 -10.36
N ILE A 303 -40.11 -27.24 -9.71
CA ILE A 303 -41.56 -27.18 -9.46
C ILE A 303 -41.95 -26.51 -8.14
N LEU A 304 -41.18 -26.79 -7.12
CA LEU A 304 -41.35 -26.13 -5.85
C LEU A 304 -41.17 -24.62 -5.96
N ASN A 305 -40.16 -24.19 -6.71
CA ASN A 305 -39.91 -22.76 -6.90
C ASN A 305 -40.99 -22.06 -7.77
N GLY A 306 -41.49 -22.79 -8.76
CA GLY A 306 -42.59 -22.29 -9.58
C GLY A 306 -43.84 -22.03 -8.76
N GLN A 307 -44.05 -22.82 -7.71
CA GLN A 307 -45.22 -22.71 -6.86
C GLN A 307 -45.13 -21.50 -5.94
N TYR A 308 -43.92 -21.15 -5.50
CA TYR A 308 -43.69 -20.01 -4.59
C TYR A 308 -42.45 -19.14 -4.99
N PRO A 309 -42.44 -18.63 -6.24
CA PRO A 309 -41.42 -17.60 -6.49
C PRO A 309 -41.71 -16.47 -5.50
N ASP A 310 -40.71 -15.68 -5.12
CA ASP A 310 -40.90 -14.58 -4.13
C ASP A 310 -40.66 -15.03 -2.72
N ASP A 311 -40.74 -16.33 -2.45
CA ASP A 311 -40.20 -16.83 -1.18
C ASP A 311 -38.70 -17.04 -1.37
N GLU A 312 -37.93 -16.07 -0.89
CA GLU A 312 -36.50 -16.07 -1.06
C GLU A 312 -35.84 -17.00 0.02
N TYR A 313 -36.57 -17.46 1.04
CA TYR A 313 -35.94 -18.35 2.11
C TYR A 313 -36.18 -19.84 1.91
N LEU A 314 -37.21 -20.15 1.16
CA LEU A 314 -37.67 -21.50 0.90
C LEU A 314 -36.59 -22.52 0.54
N TYR A 315 -35.65 -22.12 -0.33
CA TYR A 315 -34.55 -22.99 -0.84
C TYR A 315 -33.72 -23.66 0.27
N GLN A 316 -33.73 -23.09 1.47
CA GLN A 316 -32.96 -23.61 2.61
C GLN A 316 -33.69 -24.51 3.59
N TYR A 317 -34.94 -24.83 3.34
CA TYR A 317 -35.77 -25.38 4.43
C TYR A 317 -35.39 -26.80 4.71
N CYS A 318 -34.86 -27.45 3.68
CA CYS A 318 -34.37 -28.79 3.82
C CYS A 318 -33.17 -28.79 4.73
N LEU A 319 -32.31 -27.82 4.57
CA LEU A 319 -31.14 -27.73 5.46
C LEU A 319 -31.51 -27.34 6.90
N LEU A 320 -32.41 -26.36 6.99
CA LEU A 320 -32.80 -25.81 8.31
C LEU A 320 -33.57 -26.81 9.19
N SER A 321 -34.54 -27.50 8.58
CA SER A 321 -35.13 -28.67 9.25
C SER A 321 -34.04 -29.57 9.83
N SER A 322 -33.13 -29.99 8.98
CA SER A 322 -32.09 -30.97 9.38
C SER A 322 -31.16 -30.40 10.49
N TYR A 323 -30.80 -29.13 10.32
CA TYR A 323 -30.03 -28.44 11.32
C TYR A 323 -30.74 -28.35 12.66
N TYR A 324 -32.02 -27.94 12.65
CA TYR A 324 -32.71 -27.79 13.94
C TYR A 324 -32.76 -29.15 14.64
N TYR A 325 -33.01 -30.22 13.87
CA TYR A 325 -33.10 -31.54 14.46
C TYR A 325 -31.73 -31.95 14.99
N ALA A 326 -30.68 -31.72 14.21
CA ALA A 326 -29.34 -32.03 14.66
C ALA A 326 -29.07 -31.37 16.00
N LEU A 327 -29.37 -30.11 16.04
CA LEU A 327 -29.00 -29.32 17.18
C LEU A 327 -29.76 -29.82 18.36
N MET A 328 -31.08 -29.88 18.21
CA MET A 328 -31.93 -30.23 19.39
C MET A 328 -31.74 -31.65 19.89
N VAL A 329 -31.69 -32.61 18.97
CA VAL A 329 -31.74 -34.04 19.26
C VAL A 329 -30.31 -34.56 19.47
N ASP A 330 -29.43 -34.41 18.47
CA ASP A 330 -28.08 -35.02 18.57
C ASP A 330 -27.12 -34.21 19.39
N GLY A 331 -27.45 -32.93 19.56
CA GLY A 331 -26.68 -32.03 20.36
C GLY A 331 -27.21 -31.97 21.79
N TYR A 332 -28.34 -31.30 22.00
CA TYR A 332 -28.83 -31.13 23.33
C TYR A 332 -29.38 -32.44 23.95
N GLY A 333 -29.72 -33.44 23.12
CA GLY A 333 -30.18 -34.76 23.64
C GLY A 333 -31.64 -34.81 24.01
N ILE A 334 -32.44 -33.96 23.38
CA ILE A 334 -33.87 -33.91 23.59
C ILE A 334 -34.50 -35.06 22.81
N ASN A 335 -35.57 -35.62 23.33
CA ASN A 335 -36.31 -36.67 22.62
C ASN A 335 -36.95 -36.07 21.33
N PRO A 336 -36.86 -36.80 20.23
CA PRO A 336 -37.52 -36.40 18.99
C PRO A 336 -39.03 -36.19 19.11
N ASN A 337 -39.68 -36.89 20.03
CA ASN A 337 -41.13 -36.77 20.23
C ASN A 337 -41.53 -35.79 21.32
N GLN A 338 -40.57 -35.07 21.88
CA GLN A 338 -40.88 -34.03 22.88
C GLN A 338 -41.40 -32.75 22.25
N THR A 339 -42.40 -32.17 22.91
CA THR A 339 -43.05 -30.96 22.50
C THR A 339 -42.09 -29.73 22.70
N ILE A 340 -41.85 -28.99 21.63
CA ILE A 340 -41.09 -27.77 21.69
C ILE A 340 -42.06 -26.61 21.37
N HIS A 341 -42.29 -25.71 22.31
CA HIS A 341 -43.15 -24.54 22.01
C HIS A 341 -42.38 -23.50 21.31
N TYR A 342 -42.99 -22.81 20.33
CA TYR A 342 -42.30 -21.74 19.64
C TYR A 342 -43.18 -20.52 19.65
N ILE A 343 -42.58 -19.37 19.89
CA ILE A 343 -43.32 -18.14 19.96
C ILE A 343 -43.61 -17.68 18.53
N PRO A 344 -44.83 -17.19 18.29
CA PRO A 344 -45.16 -16.77 16.92
C PRO A 344 -44.55 -15.42 16.56
N PRO A 345 -44.10 -15.24 15.30
CA PRO A 345 -43.51 -13.99 14.76
C PRO A 345 -44.32 -12.73 15.08
N GLU A 346 -45.63 -12.84 14.88
CA GLU A 346 -46.53 -11.73 15.10
C GLU A 346 -46.61 -11.21 16.52
N GLN A 347 -46.06 -11.93 17.51
CA GLN A 347 -45.97 -11.39 18.85
C GLN A 347 -44.72 -10.53 19.08
N ASN A 348 -43.77 -10.59 18.15
CA ASN A 348 -42.58 -9.75 18.23
C ASN A 348 -41.97 -9.76 19.60
N LEU A 349 -41.76 -10.96 20.15
CA LEU A 349 -41.00 -11.10 21.36
C LEU A 349 -39.56 -11.13 20.98
N ASP A 350 -38.76 -10.24 21.57
CA ASP A 350 -37.33 -10.54 21.59
C ASP A 350 -36.61 -10.17 22.87
N TRP A 351 -35.40 -10.63 22.91
CA TRP A 351 -34.58 -10.60 24.05
C TRP A 351 -34.41 -9.26 24.65
N THR A 352 -34.58 -8.17 23.89
CA THR A 352 -34.27 -6.85 24.44
C THR A 352 -35.11 -6.52 25.66
N ILE A 353 -36.26 -7.19 25.75
CA ILE A 353 -37.18 -6.88 26.88
C ILE A 353 -36.58 -7.38 28.16
N GLY A 354 -35.70 -8.37 28.06
CA GLY A 354 -34.93 -8.82 29.19
C GLY A 354 -34.02 -7.74 29.73
N VAL A 355 -33.62 -6.81 28.88
CA VAL A 355 -32.74 -5.78 29.34
C VAL A 355 -33.50 -4.88 30.28
N VAL A 356 -34.81 -4.73 30.07
CA VAL A 356 -35.58 -3.87 30.97
C VAL A 356 -35.61 -4.46 32.37
N LEU A 357 -35.76 -5.78 32.45
CA LEU A 357 -35.81 -6.54 33.74
C LEU A 357 -34.47 -6.66 34.49
N HIS A 358 -33.36 -6.71 33.77
CA HIS A 358 -32.05 -7.00 34.34
C HIS A 358 -31.15 -5.91 33.92
N ARG A 359 -31.01 -4.87 34.71
CA ARG A 359 -30.10 -3.83 34.29
C ARG A 359 -28.68 -4.27 33.97
N PRO B 5 -1.25 2.13 -27.01
CA PRO B 5 -0.57 1.01 -26.30
C PRO B 5 -1.11 -0.40 -26.58
N CYS B 6 -2.43 -0.55 -26.49
CA CYS B 6 -3.15 -1.77 -26.85
C CYS B 6 -3.45 -1.89 -28.38
N GLU B 7 -2.88 -0.98 -29.16
CA GLU B 7 -3.03 -1.04 -30.62
C GLU B 7 -1.90 -1.86 -31.18
N LYS B 8 -0.69 -1.70 -30.65
CA LYS B 8 0.41 -2.56 -31.11
C LYS B 8 0.42 -3.88 -30.35
N HIS B 9 -0.27 -3.96 -29.22
CA HIS B 9 -0.35 -5.20 -28.44
C HIS B 9 -1.78 -5.48 -28.03
N SER B 10 -2.05 -6.73 -27.68
CA SER B 10 -3.37 -7.09 -27.16
C SER B 10 -3.41 -6.77 -25.68
N CYS B 11 -4.61 -6.43 -25.20
CA CYS B 11 -4.87 -6.15 -23.80
C CYS B 11 -6.23 -6.72 -23.37
N ILE B 12 -6.32 -7.08 -22.09
CA ILE B 12 -7.58 -7.37 -21.50
C ILE B 12 -7.63 -6.90 -20.07
N ALA B 13 -8.83 -6.61 -19.62
CA ALA B 13 -9.04 -6.33 -18.22
C ALA B 13 -9.74 -7.51 -17.59
N VAL B 14 -9.35 -7.80 -16.38
CA VAL B 14 -9.99 -8.83 -15.63
C VAL B 14 -10.30 -8.33 -14.27
N ILE B 15 -11.58 -8.43 -13.87
CA ILE B 15 -12.01 -7.98 -12.58
C ILE B 15 -12.22 -9.15 -11.66
N ASP B 16 -11.54 -9.11 -10.54
CA ASP B 16 -11.63 -10.11 -9.46
C ASP B 16 -12.56 -9.57 -8.41
N ALA B 17 -13.81 -9.94 -8.43
CA ALA B 17 -14.72 -9.57 -7.36
C ALA B 17 -14.72 -10.63 -6.19
N GLY B 18 -13.77 -10.49 -5.28
CA GLY B 18 -13.67 -11.31 -4.10
C GLY B 18 -14.48 -10.80 -2.93
N SER B 19 -14.38 -11.55 -1.82
CA SER B 19 -15.20 -11.27 -0.65
C SER B 19 -14.90 -9.97 0.11
N THR B 20 -13.66 -9.49 0.07
CA THR B 20 -13.35 -8.22 0.74
C THR B 20 -13.15 -7.07 -0.19
N GLY B 21 -13.18 -7.34 -1.50
CA GLY B 21 -12.95 -6.26 -2.44
C GLY B 21 -12.89 -6.72 -3.86
N SER B 22 -13.02 -5.76 -4.80
CA SER B 22 -12.85 -6.04 -6.19
C SER B 22 -11.56 -5.39 -6.65
N ARG B 23 -10.83 -6.17 -7.45
CA ARG B 23 -9.49 -5.76 -7.90
C ARG B 23 -9.43 -5.82 -9.41
N LEU B 24 -9.19 -4.68 -10.06
CA LEU B 24 -9.07 -4.59 -11.52
C LEU B 24 -7.60 -4.82 -11.86
N HIS B 25 -7.37 -5.73 -12.83
CA HIS B 25 -6.06 -5.99 -13.49
C HIS B 25 -6.15 -5.74 -14.99
N ILE B 26 -5.25 -4.96 -15.57
CA ILE B 26 -5.20 -4.82 -17.01
C ILE B 26 -3.86 -5.40 -17.48
N TYR B 27 -3.88 -6.29 -18.48
CA TYR B 27 -2.74 -6.99 -18.95
C TYR B 27 -2.47 -6.76 -20.44
N SER B 28 -1.20 -6.48 -20.77
CA SER B 28 -0.71 -6.53 -22.14
C SER B 28 0.02 -7.80 -22.39
N TYR B 29 -0.03 -8.25 -23.64
CA TYR B 29 0.63 -9.48 -24.02
C TYR B 29 0.81 -9.59 -25.54
N ASP B 30 1.82 -10.35 -25.96
CA ASP B 30 1.95 -10.75 -27.38
C ASP B 30 1.62 -12.24 -27.55
N THR B 31 1.67 -12.72 -28.80
CA THR B 31 1.19 -14.07 -29.16
C THR B 31 2.20 -14.90 -29.99
N ASP B 32 2.54 -16.09 -29.48
CA ASP B 32 3.50 -17.03 -30.12
C ASP B 32 2.92 -17.72 -31.35
N ASP B 33 3.78 -18.48 -32.04
CA ASP B 33 3.39 -19.28 -33.21
C ASP B 33 2.38 -20.35 -32.78
N THR B 34 2.18 -20.46 -31.47
CA THR B 34 1.28 -21.40 -30.85
C THR B 34 -0.11 -20.90 -30.61
N ASN B 35 -0.38 -19.63 -30.96
CA ASN B 35 -1.63 -18.90 -30.60
C ASN B 35 -1.79 -18.63 -29.08
N THR B 36 -0.77 -18.98 -28.30
CA THR B 36 -0.79 -18.85 -26.87
C THR B 36 -0.12 -17.51 -26.50
N PRO B 37 -0.77 -16.72 -25.65
CA PRO B 37 -0.18 -15.47 -25.17
C PRO B 37 1.25 -15.57 -24.60
N ILE B 38 2.10 -14.59 -24.87
CA ILE B 38 3.43 -14.51 -24.25
C ILE B 38 3.67 -13.08 -23.67
N HIS B 39 4.70 -12.94 -22.83
CA HIS B 39 5.13 -11.65 -22.24
C HIS B 39 3.98 -10.86 -21.61
N ILE B 40 3.26 -11.56 -20.77
CA ILE B 40 2.07 -11.03 -20.18
C ILE B 40 2.57 -10.08 -19.13
N GLU B 41 2.11 -8.82 -19.17
CA GLU B 41 2.54 -7.77 -18.20
C GLU B 41 1.33 -7.02 -17.65
N GLU B 42 1.33 -6.81 -16.35
CA GLU B 42 0.25 -6.12 -15.73
C GLU B 42 0.59 -4.63 -15.81
N ILE B 43 -0.29 -3.83 -16.40
CA ILE B 43 0.03 -2.38 -16.60
C ILE B 43 -0.83 -1.45 -15.78
N TRP B 44 -1.83 -2.01 -15.13
CA TRP B 44 -2.63 -1.27 -14.22
C TRP B 44 -3.26 -2.26 -13.23
N ASN B 45 -3.44 -1.80 -12.02
CA ASN B 45 -3.91 -2.64 -10.93
C ASN B 45 -4.60 -1.69 -9.97
N LYS B 46 -5.85 -1.90 -9.67
CA LYS B 46 -6.53 -1.02 -8.68
C LYS B 46 -7.46 -1.80 -7.80
N LYS B 47 -7.41 -1.62 -6.49
CA LYS B 47 -8.41 -2.20 -5.57
C LYS B 47 -9.38 -1.20 -4.91
N ILE B 48 -10.65 -1.60 -4.74
CA ILE B 48 -11.58 -0.90 -3.90
C ILE B 48 -12.28 -1.89 -2.97
N LYS B 49 -12.94 -1.32 -1.98
CA LYS B 49 -13.67 -2.04 -0.95
C LYS B 49 -15.02 -1.40 -0.88
N PRO B 50 -16.03 -2.13 -0.41
CA PRO B 50 -16.05 -3.48 0.15
C PRO B 50 -16.25 -4.51 -0.95
N GLY B 51 -16.54 -5.74 -0.59
CA GLY B 51 -16.83 -6.78 -1.59
C GLY B 51 -18.17 -6.59 -2.30
N PHE B 52 -18.22 -6.91 -3.60
CA PHE B 52 -19.37 -6.68 -4.48
C PHE B 52 -20.60 -7.28 -3.89
N ALA B 53 -20.41 -8.43 -3.25
CA ALA B 53 -21.56 -9.20 -2.72
C ALA B 53 -22.17 -8.65 -1.48
N SER B 54 -21.56 -7.65 -0.86
CA SER B 54 -22.15 -7.02 0.32
C SER B 54 -22.86 -5.74 -0.01
N ILE B 55 -22.75 -5.21 -1.24
CA ILE B 55 -23.52 -3.99 -1.53
C ILE B 55 -24.95 -4.24 -2.01
N GLN B 56 -25.76 -3.18 -2.01
CA GLN B 56 -27.12 -3.23 -2.53
C GLN B 56 -27.16 -3.46 -4.01
N PRO B 57 -27.90 -4.45 -4.43
CA PRO B 57 -27.90 -4.69 -5.82
C PRO B 57 -28.91 -3.85 -6.56
N ASN B 58 -28.68 -2.56 -6.67
CA ASN B 58 -29.52 -1.68 -7.45
C ASN B 58 -28.62 -0.79 -8.27
N SER B 59 -29.20 -0.03 -9.21
CA SER B 59 -28.41 0.69 -10.30
C SER B 59 -27.56 1.77 -9.66
N VAL B 60 -28.12 2.50 -8.74
CA VAL B 60 -27.42 3.67 -8.18
C VAL B 60 -26.20 3.16 -7.40
N THR B 61 -26.29 2.01 -6.78
CA THR B 61 -25.17 1.57 -5.92
C THR B 61 -24.08 0.85 -6.70
N ILE B 62 -24.52 0.07 -7.69
CA ILE B 62 -23.58 -0.54 -8.59
C ILE B 62 -22.93 0.46 -9.51
N ASP B 63 -23.62 1.52 -9.91
CA ASP B 63 -23.01 2.55 -10.73
C ASP B 63 -21.88 3.21 -9.91
N ALA B 64 -22.15 3.60 -8.68
CA ALA B 64 -21.12 4.18 -7.78
C ALA B 64 -19.92 3.18 -7.62
N TYR B 65 -20.18 1.95 -7.24
CA TYR B 65 -19.10 0.95 -7.17
C TYR B 65 -18.22 0.77 -8.40
N LEU B 66 -18.85 0.67 -9.58
CA LEU B 66 -18.09 0.42 -10.84
C LEU B 66 -17.30 1.63 -11.29
N THR B 67 -17.88 2.82 -11.12
CA THR B 67 -17.31 4.08 -11.47
C THR B 67 -16.10 4.19 -10.58
N MET B 68 -16.28 3.93 -9.28
CA MET B 68 -15.15 4.05 -8.33
C MET B 68 -14.01 3.11 -8.64
N LEU B 69 -14.34 1.96 -9.21
CA LEU B 69 -13.35 0.97 -9.58
C LEU B 69 -12.69 1.23 -10.92
N LEU B 70 -13.39 1.85 -11.87
CA LEU B 70 -12.90 1.97 -13.28
C LEU B 70 -12.56 3.40 -13.76
N ALA B 71 -12.99 4.43 -13.01
CA ALA B 71 -13.04 5.79 -13.56
C ALA B 71 -11.68 6.39 -13.79
N ASP B 72 -10.72 6.06 -12.95
CA ASP B 72 -9.40 6.60 -13.12
C ASP B 72 -8.43 5.77 -13.95
N ALA B 73 -8.92 4.68 -14.55
CA ALA B 73 -8.05 3.79 -15.37
C ALA B 73 -7.65 4.54 -16.60
N PRO B 74 -6.38 4.43 -16.97
CA PRO B 74 -5.88 5.13 -18.15
C PRO B 74 -6.02 4.36 -19.48
N ILE B 75 -6.48 3.11 -19.47
CA ILE B 75 -6.66 2.39 -20.74
C ILE B 75 -8.12 2.12 -20.95
N HIS B 76 -8.63 2.45 -22.13
CA HIS B 76 -10.08 2.26 -22.47
C HIS B 76 -10.24 1.38 -23.70
N ASN B 77 -11.45 0.90 -23.94
CA ASN B 77 -11.77 0.29 -25.23
C ASN B 77 -11.05 -1.00 -25.37
N ILE B 78 -11.16 -1.79 -24.32
CA ILE B 78 -10.67 -3.13 -24.30
C ILE B 78 -11.64 -4.12 -23.67
N PRO B 79 -11.40 -5.42 -23.86
CA PRO B 79 -12.44 -6.31 -23.39
C PRO B 79 -12.29 -6.51 -21.90
N VAL B 80 -13.43 -6.79 -21.25
CA VAL B 80 -13.49 -6.96 -19.80
C VAL B 80 -14.11 -8.29 -19.44
N TYR B 81 -13.52 -8.91 -18.45
CA TYR B 81 -13.98 -10.16 -17.86
C TYR B 81 -14.26 -9.84 -16.42
N PHE B 82 -15.50 -9.95 -15.98
CA PHE B 82 -15.82 -9.72 -14.63
C PHE B 82 -16.17 -11.07 -13.98
N TYR B 83 -15.31 -11.48 -13.05
CA TYR B 83 -15.44 -12.80 -12.43
C TYR B 83 -15.55 -12.68 -10.92
N ALA B 84 -16.69 -13.02 -10.34
CA ALA B 84 -16.80 -13.07 -8.88
C ALA B 84 -16.48 -14.45 -8.36
N THR B 85 -16.00 -14.51 -7.13
CA THR B 85 -15.48 -15.74 -6.53
C THR B 85 -16.34 -15.95 -5.30
N ALA B 86 -15.73 -16.32 -4.18
CA ALA B 86 -16.40 -16.99 -3.08
C ALA B 86 -17.41 -16.17 -2.32
N GLY B 87 -17.14 -14.87 -2.16
CA GLY B 87 -18.14 -14.00 -1.53
C GLY B 87 -19.50 -14.17 -2.19
N MET B 88 -19.54 -14.09 -3.54
CA MET B 88 -20.79 -14.31 -4.33
C MET B 88 -21.33 -15.72 -4.29
N ARG B 89 -20.48 -16.72 -4.22
CA ARG B 89 -20.96 -18.08 -4.14
C ARG B 89 -21.68 -18.36 -2.81
N LEU B 90 -21.57 -17.47 -1.82
CA LEU B 90 -22.39 -17.58 -0.61
C LEU B 90 -23.84 -17.10 -0.74
N LEU B 91 -24.17 -16.42 -1.82
CA LEU B 91 -25.55 -16.00 -2.07
C LEU B 91 -26.26 -17.03 -2.96
N PRO B 92 -27.58 -17.15 -2.85
CA PRO B 92 -28.32 -18.07 -3.71
C PRO B 92 -28.39 -17.53 -5.13
N GLN B 93 -28.78 -18.35 -6.11
CA GLN B 93 -28.79 -17.87 -7.49
C GLN B 93 -29.60 -16.56 -7.58
N SER B 94 -30.70 -16.49 -6.86
CA SER B 94 -31.72 -15.49 -7.11
C SER B 94 -31.32 -14.13 -6.63
N GLN B 95 -30.51 -14.07 -5.60
CA GLN B 95 -29.84 -12.83 -5.25
C GLN B 95 -28.75 -12.44 -6.27
N GLN B 96 -27.99 -13.41 -6.77
CA GLN B 96 -26.86 -13.10 -7.68
C GLN B 96 -27.30 -12.52 -9.00
N LYS B 97 -28.41 -13.04 -9.53
CA LYS B 97 -29.00 -12.56 -10.77
C LYS B 97 -29.34 -11.06 -10.75
N LYS B 98 -29.75 -10.55 -9.61
CA LYS B 98 -30.01 -9.08 -9.49
C LYS B 98 -28.76 -8.28 -9.77
N TYR B 99 -27.60 -8.78 -9.31
CA TYR B 99 -26.32 -8.18 -9.52
C TYR B 99 -25.94 -8.27 -10.99
N TYR B 100 -26.10 -9.43 -11.64
CA TYR B 100 -25.65 -9.53 -13.05
C TYR B 100 -26.54 -8.75 -14.03
N ASP B 101 -27.82 -8.64 -13.70
CA ASP B 101 -28.72 -7.80 -14.47
C ASP B 101 -28.32 -6.33 -14.40
N GLU B 102 -27.99 -5.86 -13.23
CA GLU B 102 -27.61 -4.42 -13.17
C GLU B 102 -26.23 -4.18 -13.79
N LEU B 103 -25.37 -5.13 -13.61
CA LEU B 103 -24.09 -5.05 -14.32
C LEU B 103 -24.18 -5.10 -15.85
N ASP B 104 -25.06 -5.95 -16.35
CA ASP B 104 -25.28 -6.01 -17.76
C ASP B 104 -25.77 -4.67 -18.19
N TYR B 105 -26.77 -4.12 -17.50
CA TYR B 105 -27.31 -2.85 -17.86
C TYR B 105 -26.21 -1.81 -17.82
N TRP B 106 -25.44 -1.76 -16.75
CA TRP B 106 -24.37 -0.71 -16.63
C TRP B 106 -23.43 -0.76 -17.80
N PHE B 107 -23.06 -1.94 -18.22
CA PHE B 107 -22.06 -2.03 -19.32
C PHE B 107 -22.62 -1.61 -20.68
N ARG B 108 -23.92 -1.77 -20.87
CA ARG B 108 -24.60 -1.31 -22.07
C ARG B 108 -24.76 0.20 -22.13
N GLN B 109 -24.79 0.88 -20.99
CA GLN B 109 -24.94 2.32 -21.04
C GLN B 109 -23.69 3.04 -21.36
N GLN B 110 -22.61 2.33 -21.63
CA GLN B 110 -21.37 3.02 -21.99
C GLN B 110 -20.63 2.29 -23.10
N SER B 111 -19.59 2.90 -23.64
CA SER B 111 -18.90 2.32 -24.81
C SER B 111 -17.40 2.18 -24.64
N GLN B 112 -16.88 2.55 -23.48
CA GLN B 112 -15.45 2.44 -23.29
C GLN B 112 -14.94 1.06 -22.91
N TRP B 113 -15.74 0.28 -22.18
CA TRP B 113 -15.40 -1.12 -21.88
C TRP B 113 -16.27 -2.04 -22.68
N GLN B 114 -15.71 -3.13 -23.18
CA GLN B 114 -16.42 -4.13 -23.95
C GLN B 114 -16.49 -5.38 -23.05
N LEU B 115 -17.60 -5.58 -22.40
CA LEU B 115 -17.83 -6.71 -21.48
C LEU B 115 -17.89 -8.00 -22.28
N VAL B 116 -17.00 -8.91 -21.99
CA VAL B 116 -17.12 -10.23 -22.58
C VAL B 116 -18.02 -11.07 -21.70
N GLU B 117 -17.75 -11.09 -20.41
CA GLU B 117 -18.47 -11.97 -19.52
C GLU B 117 -18.49 -11.44 -18.09
N ALA B 118 -19.62 -11.69 -17.43
CA ALA B 118 -19.80 -11.31 -16.06
C ALA B 118 -20.46 -12.50 -15.40
N LYS B 119 -19.74 -13.23 -14.56
CA LYS B 119 -20.33 -14.36 -13.86
C LYS B 119 -19.62 -14.71 -12.55
N THR B 120 -20.24 -15.60 -11.79
CA THR B 120 -19.62 -16.12 -10.60
C THR B 120 -18.90 -17.36 -11.09
N ILE B 121 -17.59 -17.43 -10.90
CA ILE B 121 -16.88 -18.61 -11.45
C ILE B 121 -16.95 -19.60 -10.32
N THR B 122 -16.95 -20.90 -10.57
CA THR B 122 -16.87 -21.84 -9.48
C THR B 122 -15.41 -21.88 -9.01
N GLY B 123 -15.18 -22.48 -7.84
CA GLY B 123 -13.88 -22.71 -7.26
C GLY B 123 -13.02 -23.57 -8.12
N ASN B 124 -13.62 -24.57 -8.76
CA ASN B 124 -12.86 -25.36 -9.72
C ASN B 124 -12.31 -24.52 -10.93
N ASP B 125 -13.10 -23.60 -11.46
CA ASP B 125 -12.60 -22.70 -12.46
C ASP B 125 -11.44 -21.93 -11.88
N GLU B 126 -11.62 -21.41 -10.66
CA GLU B 126 -10.61 -20.62 -9.98
C GLU B 126 -9.32 -21.40 -9.80
N ALA B 127 -9.46 -22.63 -9.33
CA ALA B 127 -8.34 -23.52 -9.13
C ALA B 127 -7.53 -23.65 -10.42
N LEU B 128 -8.23 -23.77 -11.53
CA LEU B 128 -7.54 -23.91 -12.83
C LEU B 128 -6.74 -22.66 -13.12
N PHE B 129 -7.32 -21.47 -12.84
CA PHE B 129 -6.58 -20.25 -13.13
C PHE B 129 -5.40 -20.12 -12.21
N ASP B 130 -5.55 -20.61 -10.97
CA ASP B 130 -4.43 -20.67 -10.01
C ASP B 130 -3.28 -21.51 -10.64
N TRP B 131 -3.60 -22.71 -11.09
CA TRP B 131 -2.52 -23.57 -11.65
C TRP B 131 -1.81 -22.88 -12.78
N LEU B 132 -2.55 -22.20 -13.63
CA LEU B 132 -1.92 -21.57 -14.77
C LEU B 132 -1.13 -20.36 -14.34
N ALA B 133 -1.65 -19.60 -13.39
CA ALA B 133 -0.92 -18.39 -13.06
C ALA B 133 0.46 -18.81 -12.62
N VAL B 134 0.51 -19.83 -11.74
CA VAL B 134 1.76 -20.21 -11.12
C VAL B 134 2.72 -20.77 -12.18
N ASN B 135 2.26 -21.73 -12.95
CA ASN B 135 3.09 -22.25 -14.03
C ASN B 135 3.45 -21.28 -15.14
N TYR B 136 2.65 -20.25 -15.38
CA TYR B 136 3.18 -19.18 -16.21
C TYR B 136 4.46 -18.57 -15.61
N LYS B 137 4.35 -18.12 -14.37
CA LYS B 137 5.44 -17.47 -13.63
C LYS B 137 6.74 -18.34 -13.56
N LEU B 138 6.59 -19.64 -13.33
CA LEU B 138 7.74 -20.56 -13.28
C LEU B 138 8.30 -20.97 -14.64
N ASP B 139 7.63 -20.57 -15.71
CA ASP B 139 8.06 -20.84 -17.08
C ASP B 139 8.02 -22.34 -17.34
N THR B 140 7.09 -23.01 -16.68
CA THR B 140 6.94 -24.44 -16.88
C THR B 140 5.71 -24.59 -17.78
N SER B 148 5.89 -32.64 -12.35
CA SER B 148 4.53 -32.49 -11.88
C SER B 148 4.47 -31.41 -10.80
N VAL B 149 3.75 -30.32 -11.11
CA VAL B 149 3.55 -29.15 -10.21
C VAL B 149 2.11 -28.93 -9.63
N GLY B 150 1.99 -29.09 -8.31
CA GLY B 150 0.77 -28.86 -7.62
C GLY B 150 0.71 -27.39 -7.20
N VAL B 151 -0.52 -26.86 -7.02
CA VAL B 151 -0.75 -25.57 -6.57
C VAL B 151 -1.90 -25.60 -5.56
N MET B 152 -1.72 -24.91 -4.45
CA MET B 152 -2.72 -24.75 -3.41
C MET B 152 -2.99 -23.23 -3.23
N ASP B 153 -4.25 -22.85 -3.15
CA ASP B 153 -4.61 -21.49 -2.89
C ASP B 153 -5.38 -21.42 -1.57
N MET B 154 -4.81 -20.72 -0.58
CA MET B 154 -5.50 -20.48 0.71
C MET B 154 -6.22 -19.11 0.67
N GLY B 155 -7.49 -19.11 0.27
CA GLY B 155 -8.26 -17.89 0.12
C GLY B 155 -8.99 -17.47 1.38
N GLY B 156 -9.67 -16.33 1.33
CA GLY B 156 -10.52 -15.84 2.43
C GLY B 156 -11.70 -16.79 2.74
N ALA B 157 -12.40 -17.23 1.69
CA ALA B 157 -13.65 -18.04 1.89
C ALA B 157 -13.66 -19.49 1.40
N SER B 158 -12.88 -19.77 0.39
CA SER B 158 -12.57 -21.11 0.02
C SER B 158 -11.10 -21.36 -0.13
N VAL B 159 -10.76 -22.64 -0.13
CA VAL B 159 -9.42 -23.10 -0.53
C VAL B 159 -9.47 -23.96 -1.76
N GLN B 160 -8.44 -23.84 -2.61
CA GLN B 160 -8.35 -24.63 -3.81
C GLN B 160 -7.08 -25.49 -3.77
N ILE B 161 -7.18 -26.65 -4.48
CA ILE B 161 -6.01 -27.50 -4.74
C ILE B 161 -6.13 -27.96 -6.20
N VAL B 162 -5.01 -28.14 -6.91
CA VAL B 162 -5.04 -28.61 -8.26
C VAL B 162 -3.72 -29.27 -8.65
N PHE B 163 -3.82 -30.39 -9.35
CA PHE B 163 -2.65 -31.13 -9.80
C PHE B 163 -2.91 -31.95 -11.10
N PRO B 164 -1.83 -32.23 -11.83
CA PRO B 164 -1.92 -33.16 -12.95
C PRO B 164 -2.48 -34.50 -12.53
N MET B 165 -3.38 -35.01 -13.36
CA MET B 165 -3.98 -36.32 -13.17
C MET B 165 -4.64 -36.68 -14.48
N PRO B 166 -4.40 -37.90 -15.00
CA PRO B 166 -5.00 -38.31 -16.27
C PRO B 166 -6.50 -38.51 -16.12
N LYS B 167 -7.23 -38.44 -17.23
CA LYS B 167 -8.69 -38.65 -17.18
C LYS B 167 -9.10 -39.94 -16.44
N ASN B 168 -10.23 -39.85 -15.75
CA ASN B 168 -10.68 -40.89 -14.86
C ASN B 168 -12.20 -40.82 -14.84
N ALA B 169 -12.83 -41.83 -15.41
CA ALA B 169 -14.27 -41.86 -15.51
C ALA B 169 -14.96 -42.09 -14.17
N GLU B 170 -14.30 -42.71 -13.18
CA GLU B 170 -14.93 -42.85 -11.83
C GLU B 170 -15.14 -41.49 -11.08
N ILE B 171 -14.49 -40.45 -11.57
CA ILE B 171 -14.46 -39.12 -10.95
C ILE B 171 -15.36 -38.12 -11.71
N SER B 172 -16.00 -37.23 -10.96
CA SER B 172 -16.92 -36.28 -11.52
C SER B 172 -16.21 -35.40 -12.55
N LYS B 173 -16.90 -35.16 -13.65
CA LYS B 173 -16.38 -34.32 -14.70
C LYS B 173 -16.11 -32.88 -14.25
N HIS B 174 -16.83 -32.39 -13.24
CA HIS B 174 -16.62 -31.02 -12.75
C HIS B 174 -15.28 -30.84 -12.03
N ASN B 175 -14.71 -31.92 -11.52
CA ASN B 175 -13.37 -31.92 -10.89
C ASN B 175 -12.22 -32.22 -11.85
N GLN B 176 -12.53 -32.35 -13.15
CA GLN B 176 -11.49 -32.55 -14.15
C GLN B 176 -11.49 -31.51 -15.27
N VAL B 177 -10.28 -31.15 -15.73
CA VAL B 177 -10.13 -30.14 -16.77
C VAL B 177 -9.07 -30.54 -17.75
N GLU B 178 -9.42 -30.55 -19.04
CA GLU B 178 -8.49 -30.87 -20.07
C GLU B 178 -8.18 -29.60 -20.81
N LEU B 179 -6.91 -29.31 -21.04
CA LEU B 179 -6.56 -28.14 -21.80
C LEU B 179 -5.32 -28.34 -22.66
N ASN B 180 -5.29 -27.62 -23.76
CA ASN B 180 -4.16 -27.68 -24.71
C ASN B 180 -3.46 -26.34 -24.79
N ILE B 181 -2.20 -26.30 -24.37
CA ILE B 181 -1.51 -25.02 -24.24
C ILE B 181 -0.05 -25.19 -24.59
N TYR B 182 0.49 -24.16 -25.26
CA TYR B 182 1.80 -24.21 -25.92
C TYR B 182 2.00 -25.55 -26.64
N GLY B 183 0.95 -26.02 -27.30
CA GLY B 183 0.97 -27.29 -28.03
C GLY B 183 1.15 -28.58 -27.21
N GLN B 184 0.86 -28.50 -25.91
CA GLN B 184 0.94 -29.64 -25.01
C GLN B 184 -0.46 -29.93 -24.45
N ASN B 185 -0.74 -31.22 -24.21
CA ASN B 185 -2.05 -31.66 -23.72
C ASN B 185 -2.04 -31.98 -22.25
N ILE B 186 -2.81 -31.26 -21.45
CA ILE B 186 -2.71 -31.36 -20.02
C ILE B 186 -4.09 -31.80 -19.49
N ASN B 187 -4.08 -32.60 -18.42
CA ASN B 187 -5.27 -32.92 -17.62
C ASN B 187 -5.04 -32.72 -16.15
N LEU B 188 -5.99 -32.04 -15.51
CA LEU B 188 -5.82 -31.59 -14.15
C LEU B 188 -6.99 -31.98 -13.27
N TYR B 189 -6.67 -32.35 -12.03
CA TYR B 189 -7.65 -32.46 -10.99
C TYR B 189 -7.76 -31.09 -10.32
N VAL B 190 -8.99 -30.67 -10.05
CA VAL B 190 -9.26 -29.40 -9.45
C VAL B 190 -10.31 -29.60 -8.35
N HIS B 191 -10.12 -28.98 -7.19
CA HIS B 191 -11.11 -29.08 -6.15
C HIS B 191 -11.15 -27.77 -5.36
N SER B 192 -12.37 -27.34 -5.00
CA SER B 192 -12.56 -26.20 -4.09
C SER B 192 -13.43 -26.57 -2.90
N PHE B 193 -13.02 -26.09 -1.72
CA PHE B 193 -13.75 -26.32 -0.48
C PHE B 193 -14.31 -25.01 0.02
N LEU B 194 -15.56 -24.80 -0.33
CA LEU B 194 -16.27 -23.60 0.08
C LEU B 194 -16.54 -23.64 1.59
N GLY B 195 -16.06 -22.64 2.33
CA GLY B 195 -16.26 -22.59 3.76
C GLY B 195 -15.02 -22.91 4.58
N LEU B 196 -13.99 -23.42 3.92
CA LEU B 196 -12.72 -23.72 4.57
C LEU B 196 -11.66 -22.63 4.38
N GLY B 197 -12.01 -21.52 3.74
CA GLY B 197 -11.10 -20.42 3.63
C GLY B 197 -10.89 -19.79 4.96
N GLN B 198 -9.83 -19.02 5.09
CA GLN B 198 -9.47 -18.71 6.49
C GLN B 198 -10.42 -17.81 7.24
N THR B 199 -11.12 -16.94 6.55
CA THR B 199 -12.06 -16.09 7.21
C THR B 199 -13.28 -16.88 7.67
N GLU B 200 -13.90 -17.69 6.79
CA GLU B 200 -15.07 -18.46 7.21
C GLU B 200 -14.81 -19.49 8.31
N MET B 201 -13.68 -20.14 8.20
CA MET B 201 -13.25 -21.23 9.06
C MET B 201 -13.07 -20.67 10.41
N SER B 202 -12.56 -19.47 10.52
CA SER B 202 -12.12 -19.00 11.81
C SER B 202 -13.34 -18.71 12.69
N HIS B 203 -14.49 -18.46 12.06
CA HIS B 203 -15.71 -18.21 12.77
C HIS B 203 -16.13 -19.48 13.62
N GLN B 204 -15.63 -20.68 13.29
CA GLN B 204 -16.00 -21.79 14.11
C GLN B 204 -15.06 -21.94 15.31
N PHE B 205 -13.99 -21.17 15.41
CA PHE B 205 -12.93 -21.46 16.42
C PHE B 205 -12.54 -20.26 17.30
N LEU B 206 -13.38 -19.26 17.38
CA LEU B 206 -13.06 -18.06 18.14
C LEU B 206 -13.12 -18.13 19.64
N ASN B 207 -13.75 -19.18 20.19
CA ASN B 207 -13.80 -19.36 21.65
C ASN B 207 -13.03 -20.58 22.02
N SER B 208 -12.08 -20.97 21.16
CA SER B 208 -11.14 -22.11 21.42
C SER B 208 -9.87 -21.62 22.08
N PRO B 209 -9.71 -21.88 23.38
CA PRO B 209 -8.51 -21.34 24.04
C PRO B 209 -7.20 -21.84 23.48
N SER B 210 -7.22 -23.04 22.87
CA SER B 210 -5.98 -23.60 22.33
C SER B 210 -5.44 -22.77 21.19
N CYS B 211 -6.33 -22.06 20.50
CA CYS B 211 -5.99 -21.39 19.24
C CYS B 211 -5.51 -19.92 19.36
N PHE B 212 -5.32 -19.43 20.58
CA PHE B 212 -4.84 -18.06 20.78
C PHE B 212 -3.80 -17.95 21.86
N ALA B 213 -3.05 -16.84 21.78
CA ALA B 213 -1.98 -16.52 22.71
C ALA B 213 -2.48 -16.52 24.15
N ASN B 214 -1.62 -16.86 25.13
CA ASN B 214 -2.05 -16.89 26.54
C ASN B 214 -2.68 -15.52 26.93
N ASP B 215 -3.86 -15.55 27.56
CA ASP B 215 -4.59 -14.35 28.03
C ASP B 215 -5.17 -13.44 26.95
N TYR B 216 -5.17 -13.88 25.68
CA TYR B 216 -5.98 -13.24 24.64
C TYR B 216 -7.42 -13.31 25.18
N PRO B 217 -8.19 -12.17 25.16
CA PRO B 217 -9.59 -12.14 25.58
C PRO B 217 -10.54 -12.70 24.50
N LEU B 218 -11.05 -13.91 24.74
CA LEU B 218 -12.01 -14.54 23.81
C LEU B 218 -13.44 -13.89 23.89
N PRO B 219 -14.20 -13.92 22.79
CA PRO B 219 -15.51 -13.27 22.83
C PRO B 219 -16.35 -13.70 24.03
N ASP B 220 -16.24 -14.98 24.46
CA ASP B 220 -17.03 -15.45 25.65
C ASP B 220 -16.48 -14.95 26.98
N GLY B 221 -15.33 -14.31 26.97
CA GLY B 221 -14.77 -13.71 28.17
C GLY B 221 -13.71 -14.57 28.83
N GLU B 222 -13.59 -15.81 28.36
CA GLU B 222 -12.54 -16.71 28.81
C GLU B 222 -11.23 -16.24 28.18
N SER B 223 -10.15 -16.96 28.53
CA SER B 223 -8.80 -16.56 28.19
C SER B 223 -8.13 -17.55 27.21
N GLY B 224 -7.42 -16.97 26.24
CA GLY B 224 -6.52 -17.72 25.39
C GLY B 224 -5.51 -18.47 26.23
N GLN B 225 -5.21 -19.68 25.81
CA GLN B 225 -4.18 -20.54 26.47
C GLN B 225 -3.58 -21.45 25.41
N GLY B 226 -2.72 -20.84 24.59
CA GLY B 226 -2.38 -21.35 23.28
C GLY B 226 -1.57 -22.63 23.32
N ASN B 227 -1.88 -23.49 22.34
CA ASN B 227 -1.28 -24.78 22.12
C ASN B 227 -1.62 -25.36 20.74
N ALA B 228 -0.65 -25.17 19.84
CA ALA B 228 -0.83 -25.48 18.41
C ALA B 228 -1.19 -26.92 18.08
N PRO B 229 -0.56 -27.89 18.74
CA PRO B 229 -1.05 -29.21 18.38
C PRO B 229 -2.54 -29.32 18.72
N SER B 230 -2.95 -28.76 19.85
CA SER B 230 -4.36 -28.85 20.19
C SER B 230 -5.24 -28.19 19.13
N CYS B 231 -4.83 -26.99 18.75
CA CYS B 231 -5.64 -26.19 17.82
C CYS B 231 -5.75 -26.92 16.49
N LYS B 232 -4.63 -27.52 16.07
CA LYS B 232 -4.64 -28.33 14.86
C LYS B 232 -5.73 -29.42 14.87
N GLU B 233 -5.90 -30.12 16.00
CA GLU B 233 -6.87 -31.26 16.06
C GLU B 233 -8.28 -30.72 15.91
N GLU B 234 -8.54 -29.60 16.58
CA GLU B 234 -9.88 -29.03 16.56
C GLU B 234 -10.19 -28.76 15.08
N VAL B 235 -9.31 -28.06 14.40
CA VAL B 235 -9.54 -27.72 13.02
C VAL B 235 -9.60 -28.93 12.11
N THR B 236 -8.73 -29.91 12.37
CA THR B 236 -8.75 -31.14 11.63
C THR B 236 -10.16 -31.73 11.62
N SER B 237 -10.85 -31.71 12.77
CA SER B 237 -12.25 -32.14 12.81
C SER B 237 -13.16 -31.54 11.72
N LEU B 238 -13.04 -30.24 11.53
CA LEU B 238 -13.81 -29.55 10.49
C LEU B 238 -13.36 -29.99 9.08
N MET B 239 -12.07 -30.01 8.83
CA MET B 239 -11.54 -30.50 7.53
C MET B 239 -12.06 -31.91 7.15
N ASN B 240 -11.88 -32.86 8.06
CA ASN B 240 -12.18 -34.28 7.78
C ASN B 240 -13.55 -34.81 8.32
N SER B 241 -13.94 -34.50 9.53
CA SER B 241 -15.29 -34.96 9.95
C SER B 241 -16.41 -34.32 9.13
N VAL B 242 -16.31 -33.03 8.84
CA VAL B 242 -17.35 -32.33 8.06
C VAL B 242 -17.12 -32.29 6.58
N HIS B 243 -16.04 -31.64 6.11
CA HIS B 243 -15.70 -31.62 4.66
C HIS B 243 -15.07 -32.86 4.07
N LYS B 244 -14.64 -33.82 4.88
CA LYS B 244 -14.09 -35.07 4.32
C LYS B 244 -12.94 -34.82 3.31
N VAL B 245 -12.01 -33.97 3.66
CA VAL B 245 -10.92 -33.67 2.75
C VAL B 245 -10.05 -34.89 2.54
N ASN B 246 -9.62 -35.49 3.65
CA ASN B 246 -8.78 -36.70 3.62
C ASN B 246 -9.28 -37.71 2.62
N GLN B 247 -10.57 -38.04 2.67
CA GLN B 247 -11.11 -39.16 1.88
C GLN B 247 -11.08 -38.87 0.42
N GLN B 248 -11.28 -37.60 0.08
CA GLN B 248 -11.42 -37.20 -1.30
C GLN B 248 -10.08 -36.94 -1.91
N ILE B 249 -9.12 -36.40 -1.17
CA ILE B 249 -7.88 -35.96 -1.79
C ILE B 249 -6.74 -36.97 -1.67
N GLN B 250 -6.57 -37.62 -0.51
CA GLN B 250 -5.39 -38.51 -0.29
C GLN B 250 -5.31 -39.66 -1.25
N PRO B 251 -6.40 -40.43 -1.44
CA PRO B 251 -6.29 -41.48 -2.43
C PRO B 251 -5.84 -40.94 -3.80
N LEU B 252 -6.17 -39.72 -4.19
CA LEU B 252 -5.68 -39.22 -5.50
C LEU B 252 -4.23 -38.74 -5.59
N LEU B 253 -3.70 -38.19 -4.51
CA LEU B 253 -2.29 -37.83 -4.45
C LEU B 253 -1.37 -38.97 -4.35
N ALA B 254 -1.84 -40.09 -3.77
CA ALA B 254 -1.08 -41.31 -3.71
C ALA B 254 -0.86 -41.92 -5.11
N LEU B 255 -1.90 -41.87 -5.93
CA LEU B 255 -1.87 -42.44 -7.29
C LEU B 255 -1.42 -41.45 -8.36
N ASN B 256 -1.25 -40.17 -8.02
CA ASN B 256 -0.70 -39.15 -8.97
C ASN B 256 0.17 -38.20 -8.23
N PRO B 257 1.31 -38.69 -7.77
CA PRO B 257 2.08 -37.85 -6.88
C PRO B 257 2.59 -36.57 -7.57
N VAL B 258 2.77 -35.55 -6.74
CA VAL B 258 3.30 -34.26 -7.17
C VAL B 258 4.81 -34.16 -6.91
N ASN B 259 5.58 -33.71 -7.91
CA ASN B 259 6.99 -33.36 -7.69
C ASN B 259 7.30 -32.05 -6.96
N GLU B 260 6.48 -31.01 -7.13
CA GLU B 260 6.71 -29.79 -6.37
C GLU B 260 5.43 -29.08 -6.04
N TRP B 261 5.35 -28.58 -4.82
CA TRP B 261 4.16 -27.88 -4.36
C TRP B 261 4.35 -26.39 -4.34
N TYR B 262 3.33 -25.63 -4.79
CA TYR B 262 3.29 -24.14 -4.60
C TYR B 262 2.01 -23.60 -4.00
N SER B 263 2.16 -22.69 -3.05
CA SER B 263 1.01 -22.11 -2.44
C SER B 263 0.98 -20.64 -2.74
N ILE B 264 -0.24 -20.09 -2.66
CA ILE B 264 -0.53 -18.66 -2.80
C ILE B 264 -1.69 -18.29 -1.85
N GLY B 265 -1.84 -17.04 -1.51
CA GLY B 265 -2.87 -16.73 -0.62
C GLY B 265 -2.28 -16.33 0.67
N GLY B 266 -3.03 -16.54 1.75
CA GLY B 266 -2.67 -16.03 3.07
C GLY B 266 -1.37 -16.61 3.57
N ILE B 267 -0.96 -17.76 3.05
CA ILE B 267 0.22 -18.39 3.59
C ILE B 267 1.48 -17.59 3.29
N SER B 268 1.51 -16.97 2.12
CA SER B 268 2.56 -16.00 1.80
C SER B 268 2.66 -14.84 2.81
N ASN B 269 1.52 -14.38 3.30
CA ASN B 269 1.53 -13.24 4.19
C ASN B 269 1.99 -13.66 5.58
N LEU B 270 1.61 -14.85 6.00
CA LEU B 270 2.00 -15.31 7.32
C LEU B 270 3.50 -15.62 7.30
N ALA B 271 3.94 -16.42 6.34
CA ALA B 271 5.34 -16.88 6.33
C ALA B 271 6.34 -15.74 6.09
N SER B 272 5.91 -14.64 5.51
CA SER B 272 6.85 -13.54 5.31
C SER B 272 6.60 -12.38 6.28
N SER B 273 5.87 -12.60 7.36
CA SER B 273 5.80 -11.56 8.41
C SER B 273 7.03 -11.65 9.28
N GLN B 274 7.13 -10.69 10.18
CA GLN B 274 8.29 -10.58 11.03
C GLN B 274 8.44 -11.71 12.04
N LEU B 275 7.33 -12.37 12.38
CA LEU B 275 7.39 -13.29 13.49
C LEU B 275 7.81 -14.65 13.08
N PHE B 276 7.89 -14.85 11.77
CA PHE B 276 8.39 -16.09 11.21
C PHE B 276 9.70 -15.84 10.45
N HIS B 277 10.52 -16.89 10.40
CA HIS B 277 11.79 -16.90 9.73
C HIS B 277 11.74 -18.12 8.80
N PHE B 278 11.76 -17.92 7.50
CA PHE B 278 11.96 -18.98 6.53
C PHE B 278 12.85 -18.42 5.43
N GLU B 279 13.70 -19.28 4.87
CA GLU B 279 14.66 -18.90 3.82
C GLU B 279 14.03 -19.24 2.49
N ASN B 280 14.50 -18.56 1.46
CA ASN B 280 14.31 -18.99 0.08
C ASN B 280 12.88 -19.07 -0.35
N SER B 281 11.98 -18.48 0.42
CA SER B 281 10.56 -18.41 -0.01
C SER B 281 9.89 -19.82 -0.04
N GLU B 282 10.21 -20.64 0.97
CA GLU B 282 9.67 -21.97 1.11
C GLU B 282 9.57 -22.28 2.60
N LEU B 283 8.76 -23.29 2.92
CA LEU B 283 8.65 -23.76 4.30
C LEU B 283 8.32 -25.23 4.37
N THR B 284 8.30 -25.75 5.58
CA THR B 284 7.82 -27.10 5.82
C THR B 284 6.74 -26.93 6.82
N ASN B 285 5.77 -27.82 6.79
CA ASN B 285 4.75 -27.77 7.80
C ASN B 285 5.22 -27.91 9.23
N GLN B 286 6.11 -28.87 9.52
CA GLN B 286 6.59 -29.11 10.88
C GLN B 286 7.16 -27.81 11.42
N SER B 287 7.80 -27.07 10.55
CA SER B 287 8.49 -25.92 11.06
C SER B 287 7.55 -24.75 11.28
N LEU B 288 6.62 -24.62 10.35
CA LEU B 288 5.52 -23.68 10.51
C LEU B 288 4.72 -23.90 11.82
N LEU B 289 4.36 -25.16 12.07
CA LEU B 289 3.65 -25.49 13.26
C LEU B 289 4.50 -25.15 14.46
N GLN B 290 5.78 -25.48 14.39
CA GLN B 290 6.68 -25.26 15.52
C GLN B 290 6.87 -23.78 15.83
N GLN B 291 7.14 -22.97 14.80
CA GLN B 291 7.28 -21.51 14.97
C GLN B 291 6.01 -20.87 15.52
N GLY B 292 4.86 -21.17 14.94
CA GLY B 292 3.63 -20.71 15.51
C GLY B 292 3.50 -21.04 16.99
N ASP B 293 3.72 -22.31 17.34
CA ASP B 293 3.55 -22.72 18.71
C ASP B 293 4.44 -21.89 19.67
N ASN B 294 5.69 -21.66 19.29
CA ASN B 294 6.67 -20.99 20.20
C ASN B 294 6.65 -19.46 20.17
N GLN B 295 6.42 -18.93 18.98
CA GLN B 295 6.42 -17.50 18.75
C GLN B 295 5.03 -16.84 18.90
N ILE B 296 3.93 -17.60 18.88
CA ILE B 296 2.57 -17.01 19.17
C ILE B 296 1.70 -17.72 20.23
N CYS B 297 1.41 -19.00 20.02
CA CYS B 297 0.53 -19.73 20.92
C CYS B 297 0.96 -19.62 22.41
N HIS B 298 2.24 -19.87 22.68
CA HIS B 298 2.70 -19.95 24.09
C HIS B 298 3.18 -18.63 24.64
N GLN B 299 3.06 -17.55 23.88
CA GLN B 299 3.41 -16.22 24.39
C GLN B 299 2.29 -15.56 25.21
N GLN B 300 2.65 -14.52 25.96
CA GLN B 300 1.71 -13.65 26.70
C GLN B 300 1.19 -12.56 25.77
N TRP B 301 -0.11 -12.59 25.50
CA TRP B 301 -0.69 -11.65 24.53
C TRP B 301 -0.32 -10.17 24.84
N ASP B 302 -0.42 -9.82 26.12
CA ASP B 302 -0.23 -8.44 26.54
C ASP B 302 1.17 -7.97 26.18
N ILE B 303 2.14 -8.89 26.23
CA ILE B 303 3.51 -8.58 25.86
C ILE B 303 3.71 -8.61 24.34
N LEU B 304 3.19 -9.65 23.71
CA LEU B 304 3.26 -9.81 22.27
C LEU B 304 2.59 -8.65 21.55
N ASN B 305 1.44 -8.23 22.05
CA ASN B 305 0.73 -7.13 21.45
C ASN B 305 1.41 -5.78 21.71
N GLY B 306 2.06 -5.66 22.86
CA GLY B 306 2.91 -4.51 23.17
C GLY B 306 4.09 -4.36 22.23
N GLN B 307 4.67 -5.48 21.81
CA GLN B 307 5.86 -5.46 20.95
C GLN B 307 5.56 -5.03 19.54
N TYR B 308 4.36 -5.35 19.06
CA TYR B 308 3.95 -5.03 17.70
C TYR B 308 2.54 -4.47 17.67
N PRO B 309 2.28 -3.38 18.41
CA PRO B 309 0.99 -2.76 18.13
C PRO B 309 0.99 -2.31 16.66
N ASP B 310 -0.19 -2.13 16.06
CA ASP B 310 -0.33 -1.77 14.61
C ASP B 310 -0.23 -2.98 13.66
N ASP B 311 0.11 -4.17 14.18
CA ASP B 311 -0.13 -5.40 13.42
C ASP B 311 -1.56 -5.88 13.78
N GLU B 312 -2.48 -5.64 12.86
CA GLU B 312 -3.87 -5.99 13.06
C GLU B 312 -4.15 -7.49 12.78
N TYR B 313 -3.20 -8.21 12.19
CA TYR B 313 -3.42 -9.65 11.86
C TYR B 313 -2.78 -10.64 12.89
N LEU B 314 -1.73 -10.17 13.58
CA LEU B 314 -0.91 -10.97 14.55
C LEU B 314 -1.67 -11.93 15.45
N TYR B 315 -2.81 -11.46 15.99
CA TYR B 315 -3.60 -12.23 16.97
C TYR B 315 -4.04 -13.62 16.51
N GLN B 316 -4.11 -13.82 15.21
CA GLN B 316 -4.60 -15.08 14.59
C GLN B 316 -3.53 -16.06 14.15
N TYR B 317 -2.26 -15.71 14.32
CA TYR B 317 -1.20 -16.56 13.77
C TYR B 317 -1.10 -17.91 14.49
N CYS B 318 -1.50 -18.00 15.73
CA CYS B 318 -1.56 -19.31 16.35
C CYS B 318 -2.57 -20.16 15.62
N LEU B 319 -3.72 -19.57 15.34
CA LEU B 319 -4.76 -20.30 14.62
C LEU B 319 -4.40 -20.57 13.20
N LEU B 320 -3.88 -19.56 12.51
CA LEU B 320 -3.58 -19.80 11.11
C LEU B 320 -2.47 -20.81 10.94
N SER B 321 -1.41 -20.75 11.76
CA SER B 321 -0.35 -21.81 11.73
C SER B 321 -0.99 -23.16 11.81
N SER B 322 -1.74 -23.35 12.88
CA SER B 322 -2.42 -24.62 13.13
C SER B 322 -3.32 -25.05 11.96
N TYR B 323 -3.96 -24.09 11.31
CA TYR B 323 -4.90 -24.37 10.24
C TYR B 323 -4.24 -24.83 9.00
N TYR B 324 -3.23 -24.10 8.59
CA TYR B 324 -2.49 -24.59 7.41
C TYR B 324 -1.94 -25.98 7.60
N TYR B 325 -1.44 -26.29 8.78
CA TYR B 325 -0.92 -27.61 9.02
C TYR B 325 -2.01 -28.67 8.87
N ALA B 326 -3.17 -28.43 9.45
CA ALA B 326 -4.29 -29.38 9.38
C ALA B 326 -4.71 -29.66 7.95
N LEU B 327 -4.88 -28.58 7.23
CA LEU B 327 -5.28 -28.65 5.87
C LEU B 327 -4.28 -29.36 5.00
N MET B 328 -3.00 -28.97 5.06
CA MET B 328 -1.96 -29.59 4.19
C MET B 328 -1.49 -30.97 4.64
N VAL B 329 -1.35 -31.22 5.95
CA VAL B 329 -0.87 -32.49 6.46
C VAL B 329 -1.98 -33.48 6.77
N ASP B 330 -2.94 -33.13 7.63
CA ASP B 330 -4.02 -34.11 7.95
C ASP B 330 -5.11 -34.14 6.87
N GLY B 331 -5.14 -33.14 5.99
CA GLY B 331 -6.19 -33.04 5.03
C GLY B 331 -5.70 -33.57 3.73
N TYR B 332 -4.74 -32.86 3.14
CA TYR B 332 -4.21 -33.29 1.86
C TYR B 332 -3.22 -34.46 1.92
N GLY B 333 -2.63 -34.74 3.09
CA GLY B 333 -1.73 -35.91 3.26
C GLY B 333 -0.29 -35.73 2.81
N ILE B 334 0.17 -34.50 2.79
CA ILE B 334 1.51 -34.13 2.45
C ILE B 334 2.38 -34.33 3.67
N ASN B 335 3.61 -34.80 3.46
CA ASN B 335 4.52 -35.03 4.57
C ASN B 335 4.81 -33.70 5.31
N PRO B 336 4.77 -33.70 6.67
CA PRO B 336 5.17 -32.49 7.38
C PRO B 336 6.56 -31.96 6.99
N ASN B 337 7.50 -32.83 6.59
CA ASN B 337 8.86 -32.35 6.22
C ASN B 337 9.09 -31.86 4.75
N GLN B 338 8.06 -32.00 3.91
CA GLN B 338 8.26 -31.75 2.50
C GLN B 338 8.27 -30.27 2.37
N THR B 339 9.12 -29.80 1.49
CA THR B 339 9.29 -28.37 1.25
C THR B 339 8.13 -27.82 0.39
N ILE B 340 7.44 -26.80 0.90
CA ILE B 340 6.35 -26.15 0.19
C ILE B 340 6.80 -24.74 -0.22
N HIS B 341 6.85 -24.49 -1.53
CA HIS B 341 7.18 -23.15 -2.09
C HIS B 341 6.01 -22.16 -2.07
N TYR B 342 6.29 -20.94 -1.62
CA TYR B 342 5.26 -19.90 -1.58
C TYR B 342 5.73 -18.72 -2.38
N ILE B 343 4.82 -18.18 -3.14
CA ILE B 343 5.13 -17.00 -3.92
C ILE B 343 5.12 -15.75 -3.03
N PRO B 344 6.19 -14.95 -3.09
CA PRO B 344 6.26 -13.78 -2.21
C PRO B 344 5.20 -12.73 -2.57
N PRO B 345 4.69 -12.00 -1.56
CA PRO B 345 3.69 -10.91 -1.75
C PRO B 345 4.12 -9.83 -2.76
N GLU B 346 5.37 -9.42 -2.67
CA GLU B 346 5.93 -8.38 -3.55
C GLU B 346 5.91 -8.72 -5.05
N GLN B 347 5.66 -9.98 -5.42
CA GLN B 347 5.56 -10.34 -6.85
C GLN B 347 4.16 -10.15 -7.39
N ASN B 348 3.20 -10.00 -6.50
CA ASN B 348 1.84 -9.74 -6.91
C ASN B 348 1.38 -10.71 -7.96
N LEU B 349 1.64 -11.99 -7.75
CA LEU B 349 1.08 -12.97 -8.65
C LEU B 349 -0.33 -13.26 -8.15
N ASP B 350 -1.34 -13.14 -9.01
CA ASP B 350 -2.58 -13.83 -8.71
C ASP B 350 -3.20 -14.46 -9.91
N TRP B 351 -4.33 -15.10 -9.67
CA TRP B 351 -4.97 -15.97 -10.60
C TRP B 351 -5.46 -15.35 -11.86
N THR B 352 -5.68 -14.05 -11.85
CA THR B 352 -6.31 -13.38 -12.96
C THR B 352 -5.47 -13.51 -14.19
N ILE B 353 -4.18 -13.70 -13.99
CA ILE B 353 -3.30 -13.83 -15.13
C ILE B 353 -3.62 -15.13 -15.91
N GLY B 354 -4.14 -16.14 -15.21
CA GLY B 354 -4.60 -17.38 -15.85
C GLY B 354 -5.78 -17.24 -16.78
N VAL B 355 -6.56 -16.15 -16.58
CA VAL B 355 -7.67 -15.80 -17.48
C VAL B 355 -7.10 -15.37 -18.85
N VAL B 356 -5.97 -14.69 -18.82
CA VAL B 356 -5.35 -14.25 -20.05
C VAL B 356 -4.99 -15.51 -20.84
N LEU B 357 -4.57 -16.54 -20.13
CA LEU B 357 -4.16 -17.79 -20.77
C LEU B 357 -5.27 -18.64 -21.34
N HIS B 358 -6.48 -18.52 -20.83
CA HIS B 358 -7.56 -19.42 -21.20
C HIS B 358 -8.79 -18.61 -21.67
N ASN C 4 21.39 1.50 -50.92
CA ASN C 4 21.88 1.70 -49.53
C ASN C 4 23.28 2.30 -49.51
N PRO C 5 23.43 3.39 -48.77
CA PRO C 5 24.47 4.29 -48.29
C PRO C 5 25.50 3.57 -47.40
N CYS C 6 24.97 2.76 -46.48
CA CYS C 6 25.78 2.01 -45.55
C CYS C 6 26.31 0.68 -46.10
N GLU C 7 26.27 0.52 -47.43
CA GLU C 7 26.88 -0.60 -48.13
C GLU C 7 28.22 -0.18 -48.71
N LYS C 8 28.35 1.03 -49.26
CA LYS C 8 29.71 1.43 -49.69
C LYS C 8 30.51 2.03 -48.50
N HIS C 9 29.87 2.36 -47.38
CA HIS C 9 30.61 2.99 -46.30
C HIS C 9 30.22 2.33 -45.06
N SER C 10 31.04 2.50 -44.01
CA SER C 10 30.62 1.97 -42.68
C SER C 10 29.69 2.91 -41.97
N CYS C 11 28.75 2.39 -41.18
CA CYS C 11 27.88 3.19 -40.42
C CYS C 11 27.70 2.61 -39.03
N ILE C 12 27.51 3.48 -38.03
CA ILE C 12 27.00 3.07 -36.75
C ILE C 12 25.99 4.06 -36.16
N ALA C 13 25.16 3.55 -35.26
CA ALA C 13 24.23 4.40 -34.50
C ALA C 13 24.70 4.52 -33.09
N VAL C 14 24.75 5.69 -32.52
CA VAL C 14 25.12 5.82 -31.10
C VAL C 14 23.98 6.59 -30.44
N ILE C 15 23.39 6.01 -29.41
CA ILE C 15 22.31 6.64 -28.67
C ILE C 15 22.87 7.15 -27.36
N ASP C 16 22.82 8.48 -27.21
CA ASP C 16 23.19 9.13 -25.96
C ASP C 16 21.93 9.20 -25.09
N ALA C 17 21.85 8.38 -24.04
CA ALA C 17 20.71 8.41 -23.14
C ALA C 17 21.11 9.18 -21.91
N GLY C 18 20.98 10.51 -22.01
CA GLY C 18 21.26 11.40 -20.89
C GLY C 18 20.05 11.61 -20.04
N SER C 19 20.23 12.48 -19.05
CA SER C 19 19.28 12.70 -18.02
C SER C 19 18.02 13.44 -18.46
N THR C 20 18.10 14.39 -19.40
CA THR C 20 16.83 15.02 -19.90
C THR C 20 16.23 14.42 -21.16
N GLY C 21 16.96 13.56 -21.86
CA GLY C 21 16.46 13.00 -23.10
C GLY C 21 17.49 12.07 -23.68
N SER C 22 17.13 11.40 -24.78
CA SER C 22 18.01 10.50 -25.47
C SER C 22 18.13 10.98 -26.85
N ARG C 23 19.33 10.88 -27.38
CA ARG C 23 19.64 11.46 -28.67
CA ARG C 23 19.62 11.45 -28.67
C ARG C 23 20.32 10.39 -29.58
N LEU C 24 19.69 10.06 -30.69
CA LEU C 24 20.27 9.19 -31.69
C LEU C 24 21.10 9.92 -32.70
N HIS C 25 22.34 9.46 -32.84
CA HIS C 25 23.25 9.86 -33.88
C HIS C 25 23.66 8.66 -34.81
N ILE C 26 23.47 8.81 -36.11
CA ILE C 26 23.95 7.86 -37.06
C ILE C 26 25.09 8.50 -37.82
N TYR C 27 26.25 7.78 -37.87
CA TYR C 27 27.49 8.28 -38.44
C TYR C 27 27.90 7.37 -39.59
N SER C 28 28.36 7.99 -40.67
CA SER C 28 29.09 7.29 -41.70
C SER C 28 30.53 7.57 -41.49
N TYR C 29 31.34 6.67 -42.03
CA TYR C 29 32.75 6.91 -42.06
C TYR C 29 33.52 5.95 -42.96
N ASP C 30 34.74 6.33 -43.25
CA ASP C 30 35.66 5.47 -44.02
C ASP C 30 36.80 5.16 -43.06
N THR C 31 37.69 4.28 -43.47
CA THR C 31 38.80 3.81 -42.65
C THR C 31 40.13 3.99 -43.40
N ASP C 32 41.14 4.60 -42.74
CA ASP C 32 42.47 4.90 -43.33
C ASP C 32 43.39 3.64 -43.32
N ASP C 33 44.63 3.80 -43.81
CA ASP C 33 45.56 2.66 -43.85
C ASP C 33 45.99 2.23 -42.40
N THR C 34 45.72 3.03 -41.35
CA THR C 34 45.98 2.63 -39.93
C THR C 34 44.80 1.93 -39.21
N ASN C 35 43.78 1.52 -39.96
CA ASN C 35 42.55 0.95 -39.42
C ASN C 35 41.70 1.94 -38.52
N THR C 36 42.01 3.24 -38.58
CA THR C 36 41.28 4.25 -37.82
C THR C 36 40.20 4.97 -38.72
N PRO C 37 38.94 5.07 -38.27
CA PRO C 37 37.91 5.83 -39.00
C PRO C 37 38.37 7.25 -39.40
N ILE C 38 38.04 7.64 -40.64
CA ILE C 38 38.17 9.03 -41.12
C ILE C 38 36.86 9.52 -41.81
N HIS C 39 36.81 10.83 -42.08
CA HIS C 39 35.70 11.48 -42.74
C HIS C 39 34.41 11.04 -42.03
N ILE C 40 34.38 11.24 -40.73
CA ILE C 40 33.23 10.87 -39.93
C ILE C 40 32.15 11.95 -40.09
N GLU C 41 30.95 11.57 -40.56
CA GLU C 41 29.86 12.46 -40.83
C GLU C 41 28.55 11.95 -40.19
N GLU C 42 27.87 12.87 -39.50
CA GLU C 42 26.56 12.66 -38.94
C GLU C 42 25.50 12.78 -40.02
N ILE C 43 24.78 11.71 -40.30
CA ILE C 43 23.78 11.73 -41.36
C ILE C 43 22.39 11.63 -40.90
N TRP C 44 22.20 11.44 -39.59
CA TRP C 44 20.89 11.48 -38.96
C TRP C 44 21.06 11.77 -37.50
N ASN C 45 20.16 12.58 -36.95
CA ASN C 45 20.24 13.11 -35.60
C ASN C 45 18.81 13.30 -35.09
N LYS C 46 18.43 12.69 -33.98
CA LYS C 46 17.13 12.96 -33.45
C LYS C 46 17.06 12.87 -31.91
N LYS C 47 16.41 13.82 -31.26
CA LYS C 47 16.24 13.77 -29.82
C LYS C 47 14.84 13.54 -29.40
N ILE C 48 14.65 12.91 -28.26
CA ILE C 48 13.35 12.87 -27.59
C ILE C 48 13.49 13.09 -26.07
N LYS C 49 12.35 13.28 -25.43
CA LYS C 49 12.25 13.50 -24.01
C LYS C 49 11.18 12.57 -23.52
N PRO C 50 11.19 12.21 -22.23
CA PRO C 50 12.11 12.65 -21.21
C PRO C 50 13.30 11.71 -21.17
N GLY C 51 14.11 11.78 -20.11
CA GLY C 51 15.27 10.91 -19.97
C GLY C 51 14.87 9.50 -19.70
N PHE C 52 15.64 8.57 -20.20
CA PHE C 52 15.36 7.14 -20.09
C PHE C 52 15.17 6.70 -18.63
N ALA C 53 16.01 7.26 -17.76
CA ALA C 53 16.05 6.91 -16.36
C ALA C 53 14.81 7.45 -15.58
N SER C 54 14.01 8.28 -16.22
CA SER C 54 12.82 8.72 -15.50
C SER C 54 11.57 7.94 -15.93
N ILE C 55 11.61 7.05 -16.91
CA ILE C 55 10.33 6.37 -17.27
C ILE C 55 10.17 5.04 -16.57
N GLN C 56 8.99 4.49 -16.70
CA GLN C 56 8.71 3.17 -16.16
C GLN C 56 9.48 2.08 -16.88
N PRO C 57 10.23 1.25 -16.13
CA PRO C 57 10.96 0.20 -16.80
C PRO C 57 10.05 -1.04 -16.99
N ASN C 58 9.09 -0.95 -17.92
CA ASN C 58 8.36 -2.13 -18.41
C ASN C 58 8.19 -2.03 -19.92
N SER C 59 7.79 -3.14 -20.53
CA SER C 59 7.83 -3.34 -22.01
C SER C 59 7.03 -2.31 -22.80
N VAL C 60 5.87 -2.02 -22.30
CA VAL C 60 4.92 -1.17 -22.97
C VAL C 60 5.37 0.28 -23.03
N THR C 61 6.08 0.70 -21.99
CA THR C 61 6.62 2.04 -21.93
C THR C 61 7.92 2.13 -22.73
N ILE C 62 8.84 1.19 -22.55
CA ILE C 62 10.09 1.22 -23.29
C ILE C 62 9.81 1.04 -24.77
N ASP C 63 8.90 0.14 -25.09
CA ASP C 63 8.56 -0.06 -26.48
C ASP C 63 8.14 1.28 -27.13
N ALA C 64 7.31 2.01 -26.41
CA ALA C 64 6.83 3.31 -26.84
C ALA C 64 7.97 4.32 -26.93
N TYR C 65 8.86 4.31 -25.95
CA TYR C 65 10.01 5.20 -25.97
C TYR C 65 10.94 4.94 -27.16
N LEU C 66 11.33 3.69 -27.36
CA LEU C 66 12.29 3.32 -28.41
C LEU C 66 11.68 3.51 -29.78
N THR C 67 10.43 3.14 -29.91
CA THR C 67 9.74 3.34 -31.18
C THR C 67 9.76 4.83 -31.54
N MET C 68 9.42 5.69 -30.59
CA MET C 68 9.38 7.12 -30.83
C MET C 68 10.75 7.62 -31.17
N LEU C 69 11.80 6.95 -30.71
CA LEU C 69 13.13 7.42 -30.98
C LEU C 69 13.63 7.03 -32.36
N LEU C 70 13.19 5.88 -32.84
CA LEU C 70 13.85 5.13 -33.89
C LEU C 70 12.96 4.88 -35.13
N ALA C 71 11.67 5.12 -34.98
CA ALA C 71 10.74 4.71 -36.02
C ALA C 71 10.95 5.47 -37.33
N ASP C 72 11.24 6.75 -37.23
CA ASP C 72 11.32 7.60 -38.42
C ASP C 72 12.70 7.67 -39.05
N ALA C 73 13.66 6.93 -38.51
CA ALA C 73 15.04 6.97 -39.06
C ALA C 73 15.08 6.35 -40.46
N PRO C 74 15.75 7.04 -41.40
CA PRO C 74 15.79 6.53 -42.75
C PRO C 74 16.85 5.46 -43.02
N ILE C 75 17.74 5.17 -42.07
CA ILE C 75 18.74 4.14 -42.27
C ILE C 75 18.47 3.01 -41.32
N HIS C 76 18.41 1.79 -41.85
CA HIS C 76 18.25 0.60 -41.04
C HIS C 76 19.43 -0.35 -41.19
N ASN C 77 19.43 -1.41 -40.39
CA ASN C 77 20.32 -2.56 -40.55
C ASN C 77 21.72 -2.18 -40.25
N ILE C 78 21.91 -1.48 -39.14
CA ILE C 78 23.24 -1.12 -38.73
C ILE C 78 23.49 -1.44 -37.30
N PRO C 79 24.77 -1.53 -36.92
CA PRO C 79 25.03 -1.68 -35.48
C PRO C 79 24.52 -0.50 -34.66
N VAL C 80 24.09 -0.77 -33.42
CA VAL C 80 23.70 0.23 -32.44
C VAL C 80 24.42 0.08 -31.11
N TYR C 81 24.84 1.22 -30.54
CA TYR C 81 25.46 1.34 -29.23
C TYR C 81 24.57 2.23 -28.37
N PHE C 82 24.07 1.69 -27.27
CA PHE C 82 23.20 2.40 -26.41
C PHE C 82 23.92 2.67 -25.12
N TYR C 83 24.30 3.93 -24.97
CA TYR C 83 25.10 4.32 -23.83
C TYR C 83 24.35 5.35 -22.99
N ALA C 84 23.98 5.01 -21.75
CA ALA C 84 23.37 5.97 -20.84
C ALA C 84 24.44 6.63 -20.02
N THR C 85 24.19 7.85 -19.56
CA THR C 85 25.22 8.64 -18.88
C THR C 85 24.73 9.01 -17.42
N ALA C 86 24.91 10.24 -16.99
CA ALA C 86 24.78 10.55 -15.54
C ALA C 86 23.45 10.21 -14.93
N GLY C 87 22.35 10.42 -15.66
CA GLY C 87 21.01 10.17 -15.11
C GLY C 87 20.91 8.75 -14.64
N MET C 88 21.35 7.79 -15.45
CA MET C 88 21.32 6.38 -15.03
C MET C 88 22.30 6.06 -13.94
N ARG C 89 23.44 6.74 -13.93
CA ARG C 89 24.39 6.54 -12.82
C ARG C 89 23.80 6.91 -11.50
N LEU C 90 22.79 7.77 -11.47
CA LEU C 90 22.13 8.10 -10.14
C LEU C 90 21.28 6.98 -9.57
N LEU C 91 20.99 5.95 -10.35
CA LEU C 91 20.20 4.84 -9.88
C LEU C 91 21.09 3.67 -9.45
N PRO C 92 20.59 2.89 -8.51
CA PRO C 92 21.37 1.76 -8.09
C PRO C 92 21.38 0.74 -9.15
N GLN C 93 22.30 -0.20 -9.06
CA GLN C 93 22.42 -1.19 -10.10
C GLN C 93 21.12 -1.91 -10.37
N SER C 94 20.41 -2.23 -9.30
CA SER C 94 19.28 -3.14 -9.40
C SER C 94 18.09 -2.49 -10.13
N GLN C 95 18.03 -1.18 -10.12
CA GLN C 95 17.04 -0.47 -10.90
C GLN C 95 17.53 -0.37 -12.33
N GLN C 96 18.82 -0.14 -12.52
CA GLN C 96 19.32 -0.09 -13.88
C GLN C 96 18.97 -1.30 -14.69
N LYS C 97 19.22 -2.48 -14.08
CA LYS C 97 19.12 -3.80 -14.74
C LYS C 97 17.79 -3.99 -15.40
N LYS C 98 16.75 -3.57 -14.71
CA LYS C 98 15.39 -3.72 -15.19
C LYS C 98 15.27 -3.01 -16.50
N TYR C 99 15.90 -1.85 -16.60
CA TYR C 99 15.88 -1.14 -17.86
C TYR C 99 16.59 -1.97 -18.94
N TYR C 100 17.75 -2.52 -18.64
CA TYR C 100 18.53 -3.18 -19.71
C TYR C 100 17.83 -4.49 -20.12
N ASP C 101 17.22 -5.22 -19.17
CA ASP C 101 16.51 -6.44 -19.54
C ASP C 101 15.38 -6.18 -20.56
N GLU C 102 14.70 -5.05 -20.42
CA GLU C 102 13.54 -4.79 -21.26
C GLU C 102 13.97 -4.30 -22.59
N LEU C 103 15.02 -3.49 -22.57
CA LEU C 103 15.81 -3.13 -23.77
C LEU C 103 16.37 -4.34 -24.55
N ASP C 104 17.15 -5.23 -23.89
CA ASP C 104 17.66 -6.47 -24.55
C ASP C 104 16.51 -7.24 -25.22
N TYR C 105 15.41 -7.33 -24.49
CA TYR C 105 14.24 -7.98 -25.00
C TYR C 105 13.69 -7.25 -26.23
N TRP C 106 13.56 -5.94 -26.18
CA TRP C 106 13.01 -5.18 -27.31
C TRP C 106 13.78 -5.34 -28.62
N PHE C 107 15.11 -5.27 -28.52
CA PHE C 107 15.99 -5.41 -29.68
C PHE C 107 15.95 -6.79 -30.32
N ARG C 108 15.76 -7.86 -29.52
CA ARG C 108 15.62 -9.24 -30.02
C ARG C 108 14.27 -9.53 -30.70
N GLN C 109 13.26 -8.71 -30.44
CA GLN C 109 11.96 -8.79 -31.13
C GLN C 109 11.93 -8.06 -32.48
N GLN C 110 13.06 -7.64 -33.01
CA GLN C 110 13.07 -7.07 -34.34
C GLN C 110 14.40 -7.38 -35.04
N SER C 111 14.51 -7.04 -36.32
CA SER C 111 15.76 -7.33 -37.05
C SER C 111 16.39 -6.16 -37.79
N GLN C 112 15.89 -4.95 -37.58
CA GLN C 112 16.45 -3.79 -38.27
C GLN C 112 17.64 -3.17 -37.55
N TRP C 113 17.67 -3.22 -36.22
CA TRP C 113 18.85 -2.79 -35.50
C TRP C 113 19.65 -3.94 -34.92
N GLN C 114 20.97 -3.87 -35.09
CA GLN C 114 21.88 -4.84 -34.57
C GLN C 114 22.50 -4.22 -33.35
N LEU C 115 21.95 -4.54 -32.18
CA LEU C 115 22.46 -4.06 -30.93
C LEU C 115 23.81 -4.66 -30.64
N VAL C 116 24.82 -3.83 -30.45
CA VAL C 116 26.10 -4.31 -30.07
C VAL C 116 26.18 -4.27 -28.57
N GLU C 117 25.91 -3.11 -27.99
CA GLU C 117 26.08 -2.87 -26.57
C GLU C 117 24.99 -1.89 -26.03
N ALA C 118 24.62 -2.10 -24.76
CA ALA C 118 23.75 -1.25 -24.01
C ALA C 118 24.19 -1.24 -22.59
N LYS C 119 24.78 -0.16 -22.15
CA LYS C 119 25.17 -0.06 -20.77
C LYS C 119 25.24 1.41 -20.39
N THR C 120 25.40 1.64 -19.09
CA THR C 120 25.70 2.92 -18.48
C THR C 120 27.19 3.11 -18.48
N ILE C 121 27.71 4.12 -19.14
CA ILE C 121 29.16 4.29 -19.16
C ILE C 121 29.65 5.13 -18.00
N THR C 122 30.90 4.99 -17.62
CA THR C 122 31.37 5.76 -16.45
C THR C 122 31.66 7.13 -16.94
N GLY C 123 31.66 8.12 -16.02
CA GLY C 123 32.18 9.45 -16.31
C GLY C 123 33.54 9.41 -17.03
N ASN C 124 34.43 8.53 -16.62
CA ASN C 124 35.73 8.49 -17.17
C ASN C 124 35.68 8.03 -18.61
N ASP C 125 34.77 7.08 -18.94
CA ASP C 125 34.58 6.66 -20.34
C ASP C 125 34.14 7.93 -21.11
N GLU C 126 33.16 8.60 -20.57
CA GLU C 126 32.65 9.81 -21.18
C GLU C 126 33.71 10.88 -21.38
N ALA C 127 34.54 11.07 -20.39
CA ALA C 127 35.66 12.01 -20.52
C ALA C 127 36.61 11.70 -21.66
N LEU C 128 36.90 10.41 -21.83
CA LEU C 128 37.75 9.96 -22.90
C LEU C 128 37.13 10.38 -24.22
N PHE C 129 35.81 10.16 -24.38
CA PHE C 129 35.12 10.43 -25.68
C PHE C 129 35.02 11.95 -25.92
N ASP C 130 34.85 12.74 -24.85
CA ASP C 130 34.93 14.23 -24.94
C ASP C 130 36.29 14.64 -25.54
N TRP C 131 37.39 14.14 -25.01
CA TRP C 131 38.72 14.47 -25.56
C TRP C 131 38.86 14.09 -27.01
N LEU C 132 38.44 12.87 -27.35
CA LEU C 132 38.52 12.41 -28.74
C LEU C 132 37.69 13.30 -29.66
N ALA C 133 36.51 13.66 -29.23
CA ALA C 133 35.64 14.41 -30.13
C ALA C 133 36.26 15.70 -30.50
N VAL C 134 36.81 16.37 -29.50
CA VAL C 134 37.34 17.71 -29.68
C VAL C 134 38.59 17.66 -30.56
N ASN C 135 39.49 16.74 -30.25
CA ASN C 135 40.66 16.65 -31.04
C ASN C 135 40.39 16.20 -32.44
N TYR C 136 39.36 15.35 -32.62
CA TYR C 136 38.96 15.05 -33.96
C TYR C 136 38.60 16.35 -34.64
N LYS C 137 37.72 17.16 -34.06
CA LYS C 137 37.23 18.37 -34.73
C LYS C 137 38.40 19.32 -34.98
N LEU C 138 39.38 19.35 -34.09
CA LEU C 138 40.58 20.19 -34.30
C LEU C 138 41.58 19.63 -35.28
N ASP C 139 41.43 18.33 -35.60
CA ASP C 139 42.30 17.64 -36.56
C ASP C 139 43.69 17.43 -35.96
N THR C 140 43.76 17.41 -34.63
CA THR C 140 45.01 17.26 -33.90
C THR C 140 45.35 15.82 -33.54
N LEU C 141 44.56 14.85 -33.98
CA LEU C 141 44.90 13.45 -33.74
C LEU C 141 45.90 12.89 -34.75
N LYS C 142 45.71 13.14 -36.05
CA LYS C 142 46.59 12.58 -37.09
C LYS C 142 48.05 12.94 -36.81
N SER C 143 48.33 14.24 -36.75
CA SER C 143 49.71 14.73 -36.57
C SER C 143 50.26 14.45 -35.17
N VAL C 144 51.58 14.21 -35.11
CA VAL C 144 52.37 13.97 -33.87
C VAL C 144 52.36 15.20 -32.99
N GLN C 145 51.47 15.25 -32.02
CA GLN C 145 51.21 16.52 -31.30
C GLN C 145 52.35 16.97 -30.39
N ASN C 146 52.93 18.14 -30.73
CA ASN C 146 53.85 18.85 -29.84
C ASN C 146 53.17 19.58 -28.70
N LYS C 147 51.88 19.93 -28.90
CA LYS C 147 51.12 20.78 -27.97
C LYS C 147 50.10 19.97 -27.18
N SER C 148 50.05 20.24 -25.88
CA SER C 148 49.11 19.56 -24.98
C SER C 148 47.69 20.24 -24.97
N VAL C 149 46.66 19.49 -25.37
CA VAL C 149 45.28 19.95 -25.39
C VAL C 149 44.50 19.30 -24.27
N GLY C 150 43.90 20.13 -23.40
CA GLY C 150 42.97 19.67 -22.37
C GLY C 150 41.53 19.99 -22.69
N VAL C 151 40.60 19.19 -22.16
CA VAL C 151 39.19 19.34 -22.46
C VAL C 151 38.41 19.31 -21.15
N MET C 152 37.44 20.20 -21.02
CA MET C 152 36.53 20.21 -19.87
C MET C 152 35.08 20.15 -20.35
N ASP C 153 34.30 19.27 -19.77
CA ASP C 153 32.90 19.11 -20.16
C ASP C 153 32.08 19.50 -18.99
N MET C 154 31.28 20.54 -19.17
CA MET C 154 30.33 21.04 -18.17
C MET C 154 28.91 20.50 -18.45
N GLY C 155 28.62 19.28 -17.97
CA GLY C 155 27.38 18.57 -18.23
C GLY C 155 26.35 18.94 -17.24
N GLY C 156 25.19 18.33 -17.43
CA GLY C 156 24.05 18.49 -16.58
C GLY C 156 24.17 17.89 -15.19
N ALA C 157 24.63 16.65 -15.12
CA ALA C 157 24.76 15.98 -13.80
C ALA C 157 26.17 15.64 -13.29
N SER C 158 27.11 15.58 -14.21
CA SER C 158 28.56 15.56 -13.89
C SER C 158 29.40 16.52 -14.71
N VAL C 159 30.63 16.70 -14.26
CA VAL C 159 31.62 17.42 -15.03
C VAL C 159 32.82 16.52 -15.23
N GLN C 160 33.42 16.63 -16.41
CA GLN C 160 34.55 15.86 -16.77
C GLN C 160 35.69 16.80 -17.07
N ILE C 161 36.90 16.29 -16.78
CA ILE C 161 38.16 16.93 -17.18
C ILE C 161 39.15 15.87 -17.71
N VAL C 162 39.88 16.24 -18.75
CA VAL C 162 40.81 15.28 -19.36
C VAL C 162 42.02 15.97 -20.02
N PHE C 163 43.20 15.38 -19.85
CA PHE C 163 44.44 15.98 -20.34
C PHE C 163 45.67 15.04 -20.34
N PRO C 164 46.66 15.37 -21.17
CA PRO C 164 47.72 14.36 -21.32
C PRO C 164 48.50 14.11 -20.04
N MET C 165 48.76 12.82 -19.78
CA MET C 165 49.55 12.45 -18.62
C MET C 165 50.08 11.06 -18.79
N PRO C 166 51.41 10.90 -18.63
CA PRO C 166 52.02 9.59 -18.74
C PRO C 166 51.66 8.69 -17.55
N LYS C 167 51.67 7.37 -17.76
CA LYS C 167 51.24 6.38 -16.77
C LYS C 167 51.91 6.62 -15.41
N ASN C 168 51.17 6.35 -14.36
CA ASN C 168 51.58 6.72 -13.03
C ASN C 168 50.98 5.72 -12.06
N ALA C 169 51.84 4.88 -11.52
CA ALA C 169 51.37 3.81 -10.68
C ALA C 169 50.82 4.29 -9.34
N GLU C 170 51.20 5.48 -8.86
CA GLU C 170 50.61 6.00 -7.61
C GLU C 170 49.12 6.39 -7.78
N ILE C 171 48.64 6.54 -9.01
CA ILE C 171 47.27 6.95 -9.33
C ILE C 171 46.41 5.79 -9.83
N SER C 172 45.13 5.75 -9.42
CA SER C 172 44.23 4.62 -9.74
C SER C 172 44.19 4.33 -11.22
N LYS C 173 43.98 3.06 -11.56
CA LYS C 173 43.84 2.64 -12.96
C LYS C 173 42.62 3.25 -13.67
N HIS C 174 41.53 3.42 -12.94
CA HIS C 174 40.25 3.83 -13.55
C HIS C 174 40.34 5.25 -14.09
N ASN C 175 41.28 6.01 -13.57
CA ASN C 175 41.51 7.41 -13.97
C ASN C 175 42.55 7.57 -15.04
N GLN C 176 43.01 6.46 -15.61
CA GLN C 176 43.99 6.52 -16.69
C GLN C 176 43.60 5.74 -17.96
N VAL C 177 44.01 6.25 -19.11
CA VAL C 177 43.65 5.59 -20.35
C VAL C 177 44.82 5.64 -21.30
N GLU C 178 45.17 4.47 -21.85
CA GLU C 178 46.14 4.36 -22.92
C GLU C 178 45.39 4.11 -24.25
N LEU C 179 45.69 4.85 -25.29
CA LEU C 179 45.00 4.59 -26.57
C LEU C 179 46.00 4.78 -27.72
N ASN C 180 45.88 3.94 -28.75
CA ASN C 180 46.80 3.99 -29.89
C ASN C 180 45.94 4.38 -31.09
N ILE C 181 46.16 5.55 -31.66
CA ILE C 181 45.21 6.02 -32.64
C ILE C 181 45.91 6.86 -33.70
N TYR C 182 45.53 6.65 -34.96
CA TYR C 182 46.32 7.10 -36.13
C TYR C 182 47.81 6.67 -35.97
N GLY C 183 47.96 5.48 -35.36
CA GLY C 183 49.26 4.93 -35.03
C GLY C 183 50.02 5.58 -33.88
N GLN C 184 49.41 6.51 -33.15
CA GLN C 184 50.17 7.23 -32.14
C GLN C 184 49.67 6.78 -30.85
N ASN C 185 50.57 6.84 -29.87
CA ASN C 185 50.23 6.45 -28.53
C ASN C 185 49.91 7.65 -27.69
N ILE C 186 48.82 7.51 -26.97
CA ILE C 186 48.33 8.58 -26.17
C ILE C 186 48.00 8.10 -24.79
N ASN C 187 48.54 8.78 -23.78
CA ASN C 187 48.13 8.54 -22.37
C ASN C 187 47.44 9.76 -21.76
N LEU C 188 46.31 9.48 -21.15
CA LEU C 188 45.46 10.54 -20.64
C LEU C 188 45.16 10.31 -19.17
N TYR C 189 44.99 11.42 -18.46
CA TYR C 189 44.21 11.45 -17.20
C TYR C 189 42.75 11.83 -17.48
N VAL C 190 41.82 11.08 -16.89
CA VAL C 190 40.41 11.30 -17.04
C VAL C 190 39.72 11.33 -15.67
N HIS C 191 38.88 12.33 -15.39
CA HIS C 191 38.12 12.33 -14.12
C HIS C 191 36.73 12.88 -14.30
N SER C 192 35.75 12.28 -13.61
CA SER C 192 34.37 12.80 -13.62
C SER C 192 33.95 13.08 -12.21
N PHE C 193 33.26 14.20 -12.01
CA PHE C 193 32.75 14.53 -10.68
C PHE C 193 31.23 14.46 -10.67
N LEU C 194 30.72 13.30 -10.23
CA LEU C 194 29.31 13.05 -10.24
C LEU C 194 28.71 13.91 -9.13
N GLY C 195 27.73 14.74 -9.49
CA GLY C 195 27.06 15.62 -8.56
C GLY C 195 27.45 17.06 -8.76
N LEU C 196 28.50 17.32 -9.52
CA LEU C 196 28.97 18.69 -9.70
C LEU C 196 28.52 19.26 -11.01
N GLY C 197 27.73 18.49 -11.76
CA GLY C 197 27.14 19.06 -12.98
C GLY C 197 26.21 20.19 -12.71
N GLN C 198 25.91 20.99 -13.71
CA GLN C 198 25.22 22.26 -13.37
C GLN C 198 23.81 22.07 -12.89
N THR C 199 23.12 21.02 -13.30
CA THR C 199 21.78 20.73 -12.72
C THR C 199 21.87 20.27 -11.25
N GLU C 200 22.62 19.24 -10.92
CA GLU C 200 22.65 18.79 -9.54
C GLU C 200 23.29 19.76 -8.59
N MET C 201 24.35 20.39 -8.99
CA MET C 201 24.93 21.46 -8.22
C MET C 201 23.89 22.52 -7.84
N SER C 202 23.09 22.96 -8.78
CA SER C 202 22.31 24.15 -8.54
C SER C 202 21.31 23.86 -7.44
N HIS C 203 20.90 22.62 -7.33
CA HIS C 203 20.00 22.27 -6.25
C HIS C 203 20.45 22.56 -4.82
N GLN C 204 21.71 22.88 -4.61
CA GLN C 204 22.19 23.19 -3.31
C GLN C 204 22.29 24.69 -3.07
N PHE C 205 21.94 25.49 -4.06
CA PHE C 205 22.17 26.94 -4.00
C PHE C 205 20.99 27.78 -4.28
N LEU C 206 19.81 27.18 -4.39
CA LEU C 206 18.62 27.91 -4.77
C LEU C 206 18.16 28.99 -3.83
N ASN C 207 18.56 28.91 -2.57
CA ASN C 207 18.15 29.90 -1.56
C ASN C 207 19.34 30.75 -1.17
N SER C 208 20.34 30.77 -2.03
CA SER C 208 21.49 31.71 -1.83
C SER C 208 21.20 33.01 -2.54
N PRO C 209 20.94 34.11 -1.78
CA PRO C 209 20.72 35.42 -2.46
C PRO C 209 21.90 35.89 -3.30
N SER C 210 23.11 35.55 -2.91
CA SER C 210 24.29 36.06 -3.67
C SER C 210 24.26 35.59 -5.12
N CYS C 211 23.55 34.49 -5.37
CA CYS C 211 23.62 33.82 -6.68
C CYS C 211 22.50 34.14 -7.63
N PHE C 212 21.67 35.13 -7.31
CA PHE C 212 20.67 35.59 -8.28
C PHE C 212 20.58 37.11 -8.42
N ALA C 213 20.00 37.57 -9.54
CA ALA C 213 19.76 39.01 -9.80
C ALA C 213 19.00 39.68 -8.65
N ASN C 214 19.18 41.00 -8.46
CA ASN C 214 18.44 41.69 -7.41
C ASN C 214 16.96 41.47 -7.62
N ASP C 215 16.31 41.14 -6.51
CA ASP C 215 14.89 40.83 -6.44
C ASP C 215 14.42 39.52 -7.06
N TYR C 216 15.30 38.62 -7.46
CA TYR C 216 14.80 37.36 -7.93
C TYR C 216 14.11 36.65 -6.72
N PRO C 217 12.91 36.00 -6.96
CA PRO C 217 12.13 35.36 -5.89
C PRO C 217 12.66 33.97 -5.58
N LEU C 218 13.33 33.84 -4.44
CA LEU C 218 13.95 32.58 -4.11
C LEU C 218 12.81 31.70 -3.61
N PRO C 219 12.97 30.39 -3.65
CA PRO C 219 11.91 29.45 -3.17
C PRO C 219 11.47 29.67 -1.69
N ASP C 220 12.41 30.06 -0.82
CA ASP C 220 12.07 30.42 0.58
C ASP C 220 11.35 31.75 0.75
N GLY C 221 11.13 32.51 -0.34
CA GLY C 221 10.41 33.79 -0.24
C GLY C 221 11.33 34.99 0.00
N GLU C 222 12.62 34.77 0.27
CA GLU C 222 13.63 35.83 0.29
C GLU C 222 13.92 36.32 -1.16
N SER C 223 14.70 37.39 -1.25
CA SER C 223 14.99 38.09 -2.48
C SER C 223 16.46 37.92 -2.89
N GLY C 224 16.68 37.69 -4.19
CA GLY C 224 18.00 37.70 -4.76
C GLY C 224 18.67 39.02 -4.48
N GLN C 225 19.97 38.96 -4.23
CA GLN C 225 20.80 40.16 -4.03
C GLN C 225 22.22 39.81 -4.47
N GLY C 226 22.41 39.93 -5.78
CA GLY C 226 23.48 39.27 -6.50
C GLY C 226 24.86 39.83 -6.29
N ASN C 227 25.83 38.92 -6.15
CA ASN C 227 27.22 39.31 -6.00
C ASN C 227 28.08 38.11 -6.34
N ALA C 228 28.66 38.14 -7.56
CA ALA C 228 29.38 37.00 -8.08
C ALA C 228 30.55 36.49 -7.22
N PRO C 229 31.39 37.39 -6.74
CA PRO C 229 32.46 36.83 -5.92
C PRO C 229 31.92 36.05 -4.70
N SER C 230 30.86 36.53 -4.07
CA SER C 230 30.30 35.82 -2.94
C SER C 230 29.73 34.49 -3.38
N CYS C 231 28.97 34.49 -4.49
CA CYS C 231 28.38 33.27 -5.01
C CYS C 231 29.47 32.31 -5.33
N LYS C 232 30.61 32.80 -5.85
CA LYS C 232 31.76 31.93 -6.16
C LYS C 232 32.30 31.21 -4.92
N GLU C 233 32.49 31.94 -3.82
CA GLU C 233 32.93 31.34 -2.57
C GLU C 233 31.95 30.29 -2.06
N GLU C 234 30.65 30.56 -2.13
CA GLU C 234 29.68 29.56 -1.68
C GLU C 234 29.90 28.30 -2.50
N VAL C 235 29.99 28.42 -3.83
CA VAL C 235 30.15 27.22 -4.70
C VAL C 235 31.51 26.51 -4.53
N THR C 236 32.56 27.29 -4.33
CA THR C 236 33.86 26.75 -4.04
C THR C 236 33.81 25.78 -2.85
N SER C 237 33.02 26.10 -1.83
CA SER C 237 32.91 25.20 -0.68
C SER C 237 32.51 23.83 -1.07
N LEU C 238 31.62 23.70 -2.05
CA LEU C 238 31.18 22.39 -2.52
C LEU C 238 32.24 21.70 -3.38
N MET C 239 32.94 22.49 -4.21
CA MET C 239 34.01 22.00 -5.07
C MET C 239 35.08 21.36 -4.24
N ASN C 240 35.60 22.12 -3.28
CA ASN C 240 36.75 21.76 -2.49
C ASN C 240 36.55 21.06 -1.10
N SER C 241 35.69 21.56 -0.22
CA SER C 241 35.44 20.87 1.05
C SER C 241 34.68 19.53 0.84
N VAL C 242 33.79 19.48 -0.15
CA VAL C 242 33.09 18.21 -0.38
C VAL C 242 33.78 17.30 -1.41
N HIS C 243 33.93 17.75 -2.64
CA HIS C 243 34.54 16.95 -3.70
C HIS C 243 36.09 16.98 -3.79
N LYS C 244 36.74 17.90 -3.09
CA LYS C 244 38.19 17.91 -3.05
C LYS C 244 38.84 17.95 -4.45
N VAL C 245 38.22 18.72 -5.33
CA VAL C 245 38.69 18.92 -6.67
C VAL C 245 40.08 19.49 -6.62
N ASN C 246 40.26 20.58 -5.88
CA ASN C 246 41.61 21.15 -5.71
C ASN C 246 42.69 20.12 -5.40
N GLN C 247 42.46 19.26 -4.44
CA GLN C 247 43.51 18.34 -4.01
C GLN C 247 43.87 17.39 -5.09
N GLN C 248 42.87 16.90 -5.80
CA GLN C 248 43.09 15.83 -6.76
C GLN C 248 43.66 16.37 -8.10
N ILE C 249 43.18 17.54 -8.52
CA ILE C 249 43.49 18.05 -9.86
C ILE C 249 44.61 19.10 -9.95
N GLN C 250 44.84 19.93 -8.94
CA GLN C 250 45.95 20.91 -9.07
C GLN C 250 47.36 20.33 -8.99
N PRO C 251 47.62 19.38 -8.08
CA PRO C 251 48.94 18.79 -8.18
C PRO C 251 49.28 18.19 -9.56
N LEU C 252 48.29 17.68 -10.31
CA LEU C 252 48.55 16.99 -11.60
C LEU C 252 48.78 17.98 -12.72
N LEU C 253 47.96 19.03 -12.76
CA LEU C 253 48.13 20.06 -13.78
C LEU C 253 49.43 20.84 -13.67
N ALA C 254 49.95 20.88 -12.45
CA ALA C 254 51.24 21.50 -12.16
C ALA C 254 52.37 20.72 -12.82
N LEU C 255 52.38 19.38 -12.64
CA LEU C 255 53.44 18.48 -13.12
C LEU C 255 53.16 18.05 -14.58
N ASN C 256 51.94 18.28 -15.11
CA ASN C 256 51.60 17.99 -16.52
C ASN C 256 50.81 19.10 -17.20
N PRO C 257 51.44 20.26 -17.43
CA PRO C 257 50.71 21.44 -17.88
C PRO C 257 50.03 21.36 -19.24
N VAL C 258 48.92 22.06 -19.37
CA VAL C 258 48.21 22.09 -20.60
C VAL C 258 48.50 23.38 -21.34
N ASN C 259 48.81 23.27 -22.63
CA ASN C 259 49.05 24.41 -23.47
C ASN C 259 47.76 25.09 -23.94
N GLU C 260 46.69 24.32 -24.20
CA GLU C 260 45.41 24.89 -24.68
C GLU C 260 44.17 24.19 -24.14
N TRP C 261 43.17 24.96 -23.73
CA TRP C 261 41.95 24.44 -23.06
C TRP C 261 40.73 24.56 -23.93
N TYR C 262 39.96 23.47 -24.00
CA TYR C 262 38.68 23.53 -24.64
C TYR C 262 37.57 23.04 -23.74
N SER C 263 36.44 23.72 -23.82
CA SER C 263 35.26 23.33 -23.06
C SER C 263 34.10 23.09 -24.00
N ILE C 264 33.27 22.15 -23.57
CA ILE C 264 32.02 21.88 -24.24
C ILE C 264 30.96 21.84 -23.18
N GLY C 265 29.72 21.69 -23.62
CA GLY C 265 28.60 21.69 -22.67
C GLY C 265 28.07 23.08 -22.38
N GLY C 266 27.61 23.29 -21.17
CA GLY C 266 26.77 24.42 -20.88
C GLY C 266 27.50 25.72 -21.04
N ILE C 267 28.83 25.72 -20.90
CA ILE C 267 29.55 26.95 -21.05
C ILE C 267 29.51 27.59 -22.45
N SER C 268 29.39 26.76 -23.48
CA SER C 268 29.13 27.24 -24.84
C SER C 268 27.85 28.05 -24.95
N ASN C 269 26.80 27.60 -24.26
CA ASN C 269 25.45 28.24 -24.36
C ASN C 269 25.38 29.55 -23.57
N LEU C 270 26.12 29.61 -22.46
CA LEU C 270 26.17 30.84 -21.72
C LEU C 270 26.99 31.83 -22.47
N ALA C 271 28.18 31.44 -22.83
CA ALA C 271 29.11 32.38 -23.48
C ALA C 271 28.67 32.87 -24.86
N SER C 272 27.78 32.20 -25.54
CA SER C 272 27.32 32.74 -26.80
C SER C 272 25.95 33.40 -26.69
N SER C 273 25.45 33.65 -25.47
CA SER C 273 24.15 34.27 -25.36
C SER C 273 24.27 35.76 -25.57
N GLN C 274 23.12 36.38 -25.65
CA GLN C 274 23.06 37.77 -25.99
C GLN C 274 23.65 38.64 -24.91
N LEU C 275 23.70 38.17 -23.67
CA LEU C 275 24.16 39.02 -22.56
C LEU C 275 25.65 38.98 -22.33
N PHE C 276 26.35 38.07 -23.01
CA PHE C 276 27.80 38.04 -23.00
C PHE C 276 28.39 38.34 -24.38
N HIS C 277 29.53 39.01 -24.33
CA HIS C 277 30.30 39.43 -25.51
C HIS C 277 31.71 38.81 -25.41
N PHE C 278 32.01 37.81 -26.23
CA PHE C 278 33.36 37.28 -26.35
C PHE C 278 33.69 37.14 -27.80
N GLU C 279 34.97 37.36 -28.15
CA GLU C 279 35.40 37.31 -29.52
C GLU C 279 36.06 35.99 -29.69
N ASN C 280 36.08 35.51 -30.94
CA ASN C 280 36.87 34.35 -31.35
C ASN C 280 36.57 33.05 -30.62
N SER C 281 35.36 32.97 -30.08
CA SER C 281 34.90 31.76 -29.50
C SER C 281 35.83 31.32 -28.33
N GLU C 282 36.30 32.31 -27.61
CA GLU C 282 37.11 32.06 -26.46
C GLU C 282 36.88 33.14 -25.39
N LEU C 283 37.26 32.81 -24.16
CA LEU C 283 37.03 33.65 -22.99
C LEU C 283 38.17 33.54 -21.99
N THR C 284 38.09 34.36 -20.94
CA THR C 284 38.93 34.20 -19.76
C THR C 284 38.01 34.17 -18.56
N ASN C 285 38.41 33.47 -17.53
CA ASN C 285 37.60 33.42 -16.33
C ASN C 285 37.40 34.78 -15.67
N GLN C 286 38.43 35.61 -15.66
CA GLN C 286 38.31 36.93 -15.05
C GLN C 286 37.19 37.74 -15.76
N SER C 287 37.09 37.61 -17.07
CA SER C 287 36.10 38.38 -17.83
C SER C 287 34.69 37.79 -17.75
N LEU C 288 34.61 36.47 -17.67
CA LEU C 288 33.33 35.79 -17.48
C LEU C 288 32.62 36.21 -16.17
N LEU C 289 33.35 36.14 -15.07
CA LEU C 289 32.89 36.52 -13.80
C LEU C 289 32.50 37.98 -13.79
N GLN C 290 33.35 38.81 -14.34
CA GLN C 290 33.07 40.24 -14.42
C GLN C 290 31.77 40.54 -15.21
N GLN C 291 31.62 39.93 -16.37
CA GLN C 291 30.36 40.11 -17.14
C GLN C 291 29.10 39.58 -16.44
N GLY C 292 29.18 38.44 -15.82
CA GLY C 292 28.07 37.96 -15.02
C GLY C 292 27.68 38.91 -13.87
N ASP C 293 28.67 39.46 -13.21
CA ASP C 293 28.49 40.33 -12.07
C ASP C 293 27.77 41.56 -12.50
N ASN C 294 28.15 42.09 -13.64
CA ASN C 294 27.59 43.37 -14.07
C ASN C 294 26.30 43.15 -14.83
N GLN C 295 26.29 42.14 -15.69
CA GLN C 295 25.15 41.99 -16.60
C GLN C 295 24.03 41.13 -16.01
N ILE C 296 24.29 40.39 -14.90
CA ILE C 296 23.20 39.70 -14.25
C ILE C 296 23.08 39.82 -12.76
N CYS C 297 24.14 39.54 -12.02
CA CYS C 297 24.06 39.58 -10.57
C CYS C 297 23.54 40.90 -9.99
N HIS C 298 24.12 42.03 -10.41
CA HIS C 298 23.80 43.35 -9.81
C HIS C 298 22.71 44.07 -10.59
N GLN C 299 21.99 43.36 -11.49
CA GLN C 299 20.86 43.96 -12.23
C GLN C 299 19.55 43.71 -11.53
N GLN C 300 18.54 44.49 -11.93
CA GLN C 300 17.20 44.36 -11.40
C GLN C 300 16.44 43.29 -12.13
N TRP C 301 16.10 42.21 -11.42
CA TRP C 301 15.45 41.05 -12.06
C TRP C 301 14.24 41.34 -12.91
N ASP C 302 13.33 42.16 -12.41
CA ASP C 302 12.03 42.45 -13.04
C ASP C 302 12.23 43.22 -14.34
N ILE C 303 13.24 44.05 -14.42
CA ILE C 303 13.52 44.77 -15.66
C ILE C 303 14.26 43.81 -16.59
N LEU C 304 15.21 43.09 -16.04
CA LEU C 304 15.98 42.17 -16.86
C LEU C 304 15.06 41.16 -17.49
N ASN C 305 14.19 40.59 -16.68
CA ASN C 305 13.26 39.59 -17.21
C ASN C 305 12.23 40.20 -18.18
N GLY C 306 11.84 41.46 -17.95
CA GLY C 306 11.12 42.22 -18.96
C GLY C 306 11.85 42.31 -20.31
N GLN C 307 13.18 42.46 -20.27
CA GLN C 307 13.90 42.77 -21.49
C GLN C 307 14.04 41.53 -22.35
N TYR C 308 14.03 40.35 -21.72
CA TYR C 308 14.19 39.08 -22.42
C TYR C 308 13.18 38.12 -21.85
N PRO C 309 11.89 38.45 -21.98
CA PRO C 309 10.99 37.37 -21.59
C PRO C 309 11.27 36.30 -22.61
N ASP C 310 10.90 35.05 -22.33
CA ASP C 310 11.12 33.96 -23.30
C ASP C 310 12.52 33.47 -23.34
N ASP C 311 13.46 34.09 -22.64
CA ASP C 311 14.70 33.36 -22.26
C ASP C 311 14.60 32.61 -20.88
N GLU C 312 14.49 31.31 -20.94
CA GLU C 312 14.12 30.50 -19.79
C GLU C 312 15.35 30.11 -18.98
N TYR C 313 16.55 30.40 -19.48
CA TYR C 313 17.82 30.08 -18.72
C TYR C 313 18.47 31.29 -18.05
N LEU C 314 18.19 32.46 -18.59
CA LEU C 314 18.77 33.71 -18.07
C LEU C 314 18.91 33.80 -16.51
N TYR C 315 17.87 33.39 -15.81
CA TYR C 315 17.80 33.49 -14.34
C TYR C 315 18.94 32.80 -13.58
N GLN C 316 19.66 31.94 -14.26
CA GLN C 316 20.75 31.25 -13.64
C GLN C 316 22.13 31.78 -14.04
N TYR C 317 22.20 32.78 -14.90
CA TYR C 317 23.49 33.19 -15.44
C TYR C 317 24.43 33.81 -14.41
N CYS C 318 23.89 34.36 -13.34
CA CYS C 318 24.76 34.82 -12.26
C CYS C 318 25.38 33.60 -11.65
N LEU C 319 24.61 32.56 -11.44
CA LEU C 319 25.08 31.46 -10.64
C LEU C 319 26.07 30.68 -11.48
N LEU C 320 25.71 30.44 -12.74
CA LEU C 320 26.54 29.64 -13.60
C LEU C 320 27.90 30.26 -13.90
N SER C 321 27.94 31.58 -14.10
CA SER C 321 29.17 32.38 -14.24
C SER C 321 30.07 32.09 -13.09
N SER C 322 29.49 32.14 -11.90
CA SER C 322 30.27 32.00 -10.65
C SER C 322 30.74 30.59 -10.49
N TYR C 323 29.88 29.65 -10.88
CA TYR C 323 30.16 28.19 -10.77
C TYR C 323 31.29 27.77 -11.70
N TYR C 324 31.22 28.16 -12.97
CA TYR C 324 32.32 27.84 -13.93
C TYR C 324 33.69 28.41 -13.45
N TYR C 325 33.66 29.65 -12.91
CA TYR C 325 34.84 30.29 -12.32
C TYR C 325 35.33 29.52 -11.10
N ALA C 326 34.44 29.12 -10.20
CA ALA C 326 34.80 28.29 -9.04
C ALA C 326 35.47 27.02 -9.46
N LEU C 327 34.84 26.35 -10.41
CA LEU C 327 35.38 25.11 -10.92
C LEU C 327 36.74 25.27 -11.56
N MET C 328 36.83 26.17 -12.51
CA MET C 328 38.07 26.22 -13.35
C MET C 328 39.25 26.81 -12.58
N VAL C 329 38.98 27.87 -11.82
CA VAL C 329 39.98 28.61 -11.05
C VAL C 329 40.24 28.07 -9.63
N ASP C 330 39.24 27.99 -8.77
CA ASP C 330 39.47 27.52 -7.42
C ASP C 330 39.53 26.00 -7.35
N GLY C 331 38.88 25.31 -8.26
CA GLY C 331 38.98 23.84 -8.39
C GLY C 331 40.20 23.42 -9.21
N TYR C 332 40.20 23.68 -10.52
CA TYR C 332 41.31 23.17 -11.40
C TYR C 332 42.61 23.99 -11.27
N GLY C 333 42.51 25.21 -10.78
CA GLY C 333 43.70 26.02 -10.51
C GLY C 333 44.21 26.75 -11.73
N ILE C 334 43.34 26.84 -12.72
CA ILE C 334 43.67 27.55 -13.93
C ILE C 334 43.82 29.05 -13.59
N ASN C 335 44.69 29.72 -14.33
CA ASN C 335 44.85 31.15 -14.19
C ASN C 335 43.63 31.94 -14.70
N PRO C 336 43.21 32.94 -13.94
CA PRO C 336 42.03 33.64 -14.37
C PRO C 336 42.14 34.30 -15.71
N ASN C 337 43.36 34.63 -16.11
CA ASN C 337 43.59 35.30 -17.39
C ASN C 337 43.94 34.37 -18.53
N GLN C 338 43.96 33.06 -18.28
CA GLN C 338 44.23 32.10 -19.34
C GLN C 338 43.06 31.97 -20.27
N THR C 339 43.33 31.92 -21.56
CA THR C 339 42.32 31.80 -22.60
C THR C 339 41.68 30.43 -22.49
N ILE C 340 40.35 30.36 -22.57
CA ILE C 340 39.62 29.08 -22.62
C ILE C 340 38.81 29.09 -23.92
N HIS C 341 39.06 28.16 -24.83
CA HIS C 341 38.25 28.07 -26.07
C HIS C 341 36.99 27.24 -25.80
N TYR C 342 35.85 27.68 -26.36
CA TYR C 342 34.62 26.96 -26.29
C TYR C 342 34.14 26.69 -27.66
N ILE C 343 33.66 25.46 -27.85
CA ILE C 343 33.14 25.05 -29.15
C ILE C 343 31.76 25.71 -29.31
N PRO C 344 31.47 26.31 -30.47
CA PRO C 344 30.15 26.96 -30.61
C PRO C 344 29.04 25.95 -30.73
N PRO C 345 27.84 26.29 -30.21
CA PRO C 345 26.64 25.44 -30.31
C PRO C 345 26.36 24.99 -31.76
N GLU C 346 26.45 25.94 -32.68
CA GLU C 346 26.12 25.69 -34.08
C GLU C 346 26.97 24.64 -34.81
N GLN C 347 28.10 24.20 -34.24
CA GLN C 347 28.83 23.06 -34.78
C GLN C 347 28.35 21.69 -34.29
N ASN C 348 27.49 21.66 -33.29
CA ASN C 348 26.88 20.41 -32.86
C ASN C 348 27.94 19.35 -32.65
N LEU C 349 29.02 19.73 -32.01
CA LEU C 349 29.98 18.71 -31.67
C LEU C 349 29.55 17.99 -30.42
N ASP C 350 29.33 16.67 -30.48
CA ASP C 350 29.32 15.95 -29.20
C ASP C 350 30.13 14.69 -29.13
N TRP C 351 30.15 14.19 -27.90
CA TRP C 351 31.00 13.22 -27.47
C TRP C 351 30.82 11.91 -28.19
N THR C 352 29.64 11.71 -28.74
CA THR C 352 29.34 10.43 -29.34
C THR C 352 30.24 10.13 -30.52
N ILE C 353 30.84 11.16 -31.08
CA ILE C 353 31.72 10.94 -32.20
C ILE C 353 33.00 10.16 -31.73
N GLY C 354 33.35 10.33 -30.49
CA GLY C 354 34.37 9.55 -29.85
C GLY C 354 34.08 8.05 -29.88
N VAL C 355 32.83 7.66 -29.84
CA VAL C 355 32.55 6.25 -29.84
C VAL C 355 33.01 5.72 -31.14
N VAL C 356 32.76 6.47 -32.20
CA VAL C 356 33.13 5.94 -33.53
C VAL C 356 34.63 5.55 -33.53
N LEU C 357 35.44 6.43 -32.96
CA LEU C 357 36.87 6.34 -32.91
C LEU C 357 37.45 5.31 -31.95
N HIS C 358 36.68 4.87 -30.96
CA HIS C 358 37.10 3.92 -29.95
C HIS C 358 35.97 2.91 -29.58
N ARG C 359 36.01 1.69 -30.10
CA ARG C 359 35.02 0.63 -29.74
C ARG C 359 35.18 -0.25 -28.43
N ALA C 360 36.35 -0.88 -28.22
CA ALA C 360 36.52 -1.84 -27.07
C ALA C 360 36.61 -1.14 -25.71
N PRO D 5 -22.38 13.26 4.03
CA PRO D 5 -21.36 13.18 5.10
C PRO D 5 -20.83 14.56 5.51
N CYS D 6 -20.39 15.29 4.51
CA CYS D 6 -19.79 16.58 4.74
C CYS D 6 -20.86 17.64 4.91
N GLU D 7 -22.05 17.19 5.25
CA GLU D 7 -23.14 18.07 5.57
C GLU D 7 -23.26 18.22 7.07
N LYS D 8 -23.12 17.14 7.80
CA LYS D 8 -23.09 17.25 9.25
C LYS D 8 -21.73 17.76 9.76
N HIS D 9 -20.65 17.55 9.01
CA HIS D 9 -19.31 17.88 9.55
C HIS D 9 -18.55 18.65 8.51
N SER D 10 -17.51 19.34 8.91
CA SER D 10 -16.67 20.01 7.95
C SER D 10 -15.73 18.97 7.37
N CYS D 11 -15.42 19.13 6.08
CA CYS D 11 -14.44 18.38 5.37
C CYS D 11 -13.54 19.28 4.58
N ILE D 12 -12.28 18.92 4.38
CA ILE D 12 -11.49 19.54 3.29
C ILE D 12 -10.67 18.49 2.59
N ALA D 13 -10.25 18.80 1.37
CA ALA D 13 -9.27 17.98 0.70
C ALA D 13 -7.97 18.73 0.63
N VAL D 14 -6.88 18.05 0.94
CA VAL D 14 -5.57 18.58 0.78
C VAL D 14 -4.78 17.68 -0.14
N ILE D 15 -4.19 18.27 -1.18
CA ILE D 15 -3.25 17.59 -2.08
C ILE D 15 -1.80 17.99 -1.85
N ASP D 16 -1.01 17.04 -1.35
CA ASP D 16 0.43 17.10 -1.29
C ASP D 16 0.98 16.68 -2.67
N ALA D 17 1.44 17.64 -3.42
CA ALA D 17 2.08 17.40 -4.70
C ALA D 17 3.61 17.38 -4.50
N GLY D 18 4.16 16.19 -4.20
CA GLY D 18 5.58 15.99 -3.88
C GLY D 18 6.38 15.56 -5.05
N SER D 19 7.66 15.40 -4.86
CA SER D 19 8.52 15.23 -6.00
C SER D 19 8.22 13.89 -6.67
N THR D 20 7.89 12.84 -5.91
CA THR D 20 7.71 11.55 -6.56
C THR D 20 6.28 11.31 -6.90
N GLY D 21 5.37 12.17 -6.46
CA GLY D 21 3.96 11.83 -6.64
C GLY D 21 3.05 12.81 -5.94
N SER D 22 1.75 12.70 -6.23
CA SER D 22 0.77 13.56 -5.56
C SER D 22 -0.20 12.74 -4.72
N ARG D 23 -0.54 13.23 -3.55
CA ARG D 23 -1.33 12.46 -2.63
C ARG D 23 -2.52 13.28 -2.21
N LEU D 24 -3.71 12.79 -2.54
CA LEU D 24 -4.95 13.41 -2.07
C LEU D 24 -5.33 12.82 -0.69
N HIS D 25 -5.59 13.73 0.25
CA HIS D 25 -6.15 13.42 1.57
C HIS D 25 -7.46 14.14 1.74
N ILE D 26 -8.50 13.44 2.15
CA ILE D 26 -9.75 14.14 2.54
C ILE D 26 -10.01 13.90 4.03
N TYR D 27 -10.24 15.00 4.75
CA TYR D 27 -10.40 15.02 6.20
C TYR D 27 -11.74 15.53 6.60
N SER D 28 -12.38 14.88 7.54
CA SER D 28 -13.53 15.46 8.26
C SER D 28 -13.07 15.99 9.59
N TYR D 29 -13.85 16.89 10.18
CA TYR D 29 -13.60 17.37 11.52
C TYR D 29 -14.76 18.23 12.06
N ASP D 30 -14.78 18.34 13.39
CA ASP D 30 -15.64 19.21 14.10
C ASP D 30 -14.76 20.37 14.60
N THR D 31 -15.38 21.28 15.29
CA THR D 31 -14.73 22.48 15.71
C THR D 31 -15.13 22.70 17.14
N ASP D 32 -14.15 22.84 18.04
CA ASP D 32 -14.37 23.06 19.46
C ASP D 32 -14.74 24.55 19.78
N ASP D 33 -14.93 24.85 21.07
CA ASP D 33 -15.44 26.19 21.56
C ASP D 33 -14.41 27.32 21.40
N THR D 34 -13.19 26.96 20.99
CA THR D 34 -12.14 27.94 20.60
C THR D 34 -12.05 28.17 19.08
N ASN D 35 -13.01 27.67 18.32
CA ASN D 35 -12.93 27.71 16.86
C ASN D 35 -11.73 26.95 16.26
N THR D 36 -11.23 25.95 16.99
CA THR D 36 -10.19 25.07 16.50
C THR D 36 -10.72 23.64 16.18
N PRO D 37 -10.33 23.07 15.02
CA PRO D 37 -10.77 21.74 14.62
C PRO D 37 -10.39 20.74 15.65
N ILE D 38 -11.27 19.76 15.91
CA ILE D 38 -10.92 18.56 16.71
C ILE D 38 -11.42 17.32 16.02
N HIS D 39 -11.10 16.15 16.58
CA HIS D 39 -11.59 14.91 16.03
C HIS D 39 -11.41 14.90 14.51
N ILE D 40 -10.19 15.18 14.10
CA ILE D 40 -9.81 15.16 12.70
C ILE D 40 -9.58 13.75 12.21
N GLU D 41 -10.24 13.37 11.12
CA GLU D 41 -10.12 12.01 10.61
C GLU D 41 -9.98 12.03 9.11
N GLU D 42 -9.06 11.21 8.63
CA GLU D 42 -8.87 10.96 7.24
C GLU D 42 -9.84 9.92 6.77
N ILE D 43 -10.62 10.24 5.78
CA ILE D 43 -11.61 9.37 5.25
C ILE D 43 -11.39 8.97 3.78
N TRP D 44 -10.29 9.40 3.16
CA TRP D 44 -9.96 9.04 1.81
C TRP D 44 -8.56 9.49 1.52
N ASN D 45 -7.79 8.62 0.87
CA ASN D 45 -6.36 8.79 0.71
C ASN D 45 -6.03 8.16 -0.62
N LYS D 46 -5.36 8.89 -1.51
CA LYS D 46 -4.98 8.30 -2.77
C LYS D 46 -3.77 8.91 -3.36
N LYS D 47 -2.79 8.07 -3.74
CA LYS D 47 -1.55 8.54 -4.35
C LYS D 47 -1.49 8.17 -5.81
N ILE D 48 -0.91 9.06 -6.63
CA ILE D 48 -0.51 8.69 -8.02
C ILE D 48 0.90 9.17 -8.29
N LYS D 49 1.51 8.57 -9.33
CA LYS D 49 2.82 8.91 -9.85
C LYS D 49 2.66 9.35 -11.29
N PRO D 50 3.65 10.06 -11.86
CA PRO D 50 4.84 10.65 -11.24
C PRO D 50 4.53 11.96 -10.55
N GLY D 51 5.56 12.74 -10.18
CA GLY D 51 5.37 13.99 -9.52
C GLY D 51 4.87 15.01 -10.52
N PHE D 52 4.03 15.93 -10.04
CA PHE D 52 3.49 17.06 -10.83
C PHE D 52 4.49 17.87 -11.59
N ALA D 53 5.62 18.12 -11.00
CA ALA D 53 6.63 19.02 -11.61
C ALA D 53 7.39 18.35 -12.72
N SER D 54 7.18 17.05 -12.89
CA SER D 54 7.94 16.35 -13.94
C SER D 54 7.09 16.18 -15.20
N ILE D 55 5.82 16.56 -15.21
CA ILE D 55 5.01 16.35 -16.40
C ILE D 55 4.86 17.63 -17.20
N GLN D 56 4.30 17.48 -18.38
CA GLN D 56 4.21 18.52 -19.38
C GLN D 56 3.10 19.51 -19.03
N PRO D 57 3.36 20.83 -19.10
CA PRO D 57 2.39 21.68 -18.41
C PRO D 57 1.43 22.20 -19.47
N ASN D 58 0.67 21.29 -20.03
CA ASN D 58 -0.32 21.65 -20.96
C ASN D 58 -1.64 20.96 -20.55
N SER D 59 -2.74 21.47 -21.10
CA SER D 59 -4.11 21.13 -20.65
C SER D 59 -4.45 19.65 -20.73
N VAL D 60 -4.10 19.02 -21.83
CA VAL D 60 -4.24 17.58 -22.02
C VAL D 60 -3.51 16.70 -20.98
N THR D 61 -2.31 17.08 -20.61
CA THR D 61 -1.54 16.30 -19.64
C THR D 61 -2.02 16.51 -18.20
N ILE D 62 -2.27 17.75 -17.85
CA ILE D 62 -2.76 18.02 -16.52
C ILE D 62 -4.18 17.53 -16.28
N ASP D 63 -5.03 17.58 -17.28
CA ASP D 63 -6.37 17.00 -17.13
C ASP D 63 -6.24 15.50 -16.82
N ALA D 64 -5.51 14.77 -17.67
CA ALA D 64 -5.27 13.36 -17.37
C ALA D 64 -4.79 13.16 -15.96
N TYR D 65 -3.77 13.92 -15.58
CA TYR D 65 -3.19 13.74 -14.27
C TYR D 65 -4.28 13.94 -13.19
N LEU D 66 -5.06 15.01 -13.28
CA LEU D 66 -5.92 15.38 -12.17
C LEU D 66 -7.11 14.46 -12.14
N THR D 67 -7.52 14.06 -13.32
CA THR D 67 -8.61 13.11 -13.46
C THR D 67 -8.21 11.84 -12.86
N MET D 68 -7.01 11.34 -13.17
CA MET D 68 -6.52 10.11 -12.52
C MET D 68 -6.45 10.24 -10.96
N LEU D 69 -6.08 11.44 -10.45
CA LEU D 69 -5.98 11.64 -9.00
C LEU D 69 -7.33 11.75 -8.24
N LEU D 70 -8.38 12.19 -8.91
CA LEU D 70 -9.59 12.70 -8.25
C LEU D 70 -10.90 12.04 -8.70
N ALA D 71 -10.84 11.28 -9.78
CA ALA D 71 -12.07 10.78 -10.45
C ALA D 71 -12.83 9.75 -9.62
N ASP D 72 -12.10 8.98 -8.83
CA ASP D 72 -12.69 7.87 -8.08
C ASP D 72 -13.07 8.30 -6.67
N ALA D 73 -12.88 9.56 -6.36
CA ALA D 73 -13.11 9.98 -5.02
C ALA D 73 -14.61 9.91 -4.69
N PRO D 74 -14.96 9.48 -3.47
CA PRO D 74 -16.37 9.31 -3.20
C PRO D 74 -17.01 10.56 -2.56
N ILE D 75 -16.24 11.56 -2.24
CA ILE D 75 -16.79 12.72 -1.65
C ILE D 75 -16.55 13.86 -2.58
N HIS D 76 -17.63 14.55 -2.97
CA HIS D 76 -17.51 15.69 -3.89
C HIS D 76 -17.97 16.95 -3.19
N ASN D 77 -17.70 18.09 -3.81
CA ASN D 77 -18.28 19.38 -3.37
C ASN D 77 -17.67 19.85 -2.10
N ILE D 78 -16.34 19.79 -2.02
CA ILE D 78 -15.67 20.37 -0.86
C ILE D 78 -14.53 21.28 -1.32
N PRO D 79 -14.04 22.10 -0.40
CA PRO D 79 -12.90 22.91 -0.72
C PRO D 79 -11.65 22.11 -0.88
N VAL D 80 -10.79 22.58 -1.77
CA VAL D 80 -9.52 21.89 -2.05
C VAL D 80 -8.35 22.82 -1.94
N TYR D 81 -7.34 22.31 -1.28
CA TYR D 81 -6.08 23.02 -1.12
C TYR D 81 -5.03 22.23 -1.84
N PHE D 82 -4.39 22.85 -2.86
CA PHE D 82 -3.32 22.22 -3.66
C PHE D 82 -1.96 22.79 -3.29
N TYR D 83 -1.20 21.99 -2.56
CA TYR D 83 0.06 22.38 -2.07
C TYR D 83 1.20 21.51 -2.64
N ALA D 84 2.09 22.08 -3.49
CA ALA D 84 3.24 21.38 -4.04
C ALA D 84 4.37 21.77 -3.16
N THR D 85 5.39 20.88 -3.10
CA THR D 85 6.45 20.98 -2.12
C THR D 85 7.75 20.92 -2.93
N ALA D 86 8.75 20.11 -2.52
CA ALA D 86 10.15 20.33 -2.99
C ALA D 86 10.35 20.23 -4.43
N GLY D 87 9.60 19.39 -5.11
CA GLY D 87 9.86 19.12 -6.53
C GLY D 87 9.56 20.37 -7.32
N MET D 88 8.46 21.06 -7.04
CA MET D 88 8.17 22.37 -7.70
C MET D 88 9.11 23.47 -7.26
N ARG D 89 9.65 23.40 -6.03
CA ARG D 89 10.63 24.43 -5.59
C ARG D 89 11.89 24.46 -6.39
N LEU D 90 12.17 23.39 -7.12
CA LEU D 90 13.42 23.36 -7.95
C LEU D 90 13.22 24.09 -9.28
N LEU D 91 11.98 24.32 -9.65
CA LEU D 91 11.70 25.03 -10.90
C LEU D 91 11.66 26.52 -10.70
N PRO D 92 12.00 27.26 -11.78
CA PRO D 92 11.95 28.71 -11.64
C PRO D 92 10.51 29.21 -11.68
N GLN D 93 10.27 30.39 -11.19
CA GLN D 93 8.92 30.83 -11.09
C GLN D 93 8.13 30.75 -12.38
N SER D 94 8.80 30.96 -13.50
CA SER D 94 8.14 31.12 -14.80
C SER D 94 7.70 29.74 -15.35
N GLN D 95 8.45 28.67 -15.09
CA GLN D 95 7.98 27.29 -15.32
CA GLN D 95 7.97 27.35 -15.39
C GLN D 95 6.78 27.00 -14.43
N GLN D 96 6.84 27.37 -13.17
CA GLN D 96 5.71 27.10 -12.27
C GLN D 96 4.37 27.66 -12.72
N LYS D 97 4.43 28.90 -13.11
CA LYS D 97 3.25 29.61 -13.52
C LYS D 97 2.44 28.92 -14.58
N LYS D 98 3.14 28.27 -15.47
CA LYS D 98 2.52 27.50 -16.52
C LYS D 98 1.65 26.40 -15.94
N TYR D 99 2.11 25.78 -14.85
CA TYR D 99 1.33 24.75 -14.23
C TYR D 99 0.09 25.36 -13.56
N TYR D 100 0.27 26.44 -12.79
CA TYR D 100 -0.87 27.01 -12.02
C TYR D 100 -1.93 27.57 -12.96
N ASP D 101 -1.56 28.06 -14.13
CA ASP D 101 -2.54 28.56 -15.10
C ASP D 101 -3.40 27.47 -15.65
N GLU D 102 -2.78 26.36 -16.01
CA GLU D 102 -3.60 25.20 -16.44
C GLU D 102 -4.45 24.67 -15.27
N LEU D 103 -3.89 24.59 -14.10
CA LEU D 103 -4.65 24.16 -12.95
C LEU D 103 -5.85 25.04 -12.73
N ASP D 104 -5.63 26.33 -12.71
CA ASP D 104 -6.73 27.26 -12.50
C ASP D 104 -7.85 27.00 -13.57
N TYR D 105 -7.40 26.81 -14.81
CA TYR D 105 -8.30 26.52 -15.88
C TYR D 105 -9.06 25.18 -15.70
N TRP D 106 -8.39 24.12 -15.33
CA TRP D 106 -9.11 22.84 -15.11
C TRP D 106 -10.22 22.97 -14.04
N PHE D 107 -9.87 23.51 -12.87
CA PHE D 107 -10.83 23.64 -11.75
C PHE D 107 -12.00 24.49 -12.15
N ARG D 108 -11.79 25.51 -12.95
CA ARG D 108 -12.94 26.32 -13.47
C ARG D 108 -13.82 25.55 -14.45
N GLN D 109 -13.32 24.50 -15.08
CA GLN D 109 -14.13 23.71 -16.00
C GLN D 109 -14.98 22.68 -15.27
N GLN D 110 -15.08 22.71 -13.96
CA GLN D 110 -15.95 21.76 -13.31
C GLN D 110 -16.52 22.39 -11.99
N SER D 111 -17.42 21.68 -11.32
CA SER D 111 -18.06 22.24 -10.11
C SER D 111 -18.08 21.27 -8.91
N GLN D 112 -17.37 20.18 -8.98
CA GLN D 112 -17.38 19.27 -7.85
C GLN D 112 -16.34 19.66 -6.81
N TRP D 113 -15.23 20.18 -7.26
CA TRP D 113 -14.26 20.70 -6.35
C TRP D 113 -14.25 22.24 -6.32
N GLN D 114 -14.12 22.80 -5.12
CA GLN D 114 -14.06 24.23 -4.91
C GLN D 114 -12.61 24.58 -4.59
N LEU D 115 -11.83 24.91 -5.59
CA LEU D 115 -10.45 25.27 -5.35
C LEU D 115 -10.33 26.49 -4.45
N VAL D 116 -9.64 26.37 -3.32
CA VAL D 116 -9.38 27.51 -2.47
C VAL D 116 -8.05 28.12 -2.82
N GLU D 117 -7.03 27.28 -3.02
CA GLU D 117 -5.67 27.73 -3.30
C GLU D 117 -4.90 26.64 -4.03
N ALA D 118 -3.99 27.07 -4.89
CA ALA D 118 -3.03 26.21 -5.47
C ALA D 118 -1.74 26.99 -5.45
N LYS D 119 -0.75 26.48 -4.70
CA LYS D 119 0.59 27.08 -4.70
C LYS D 119 1.67 26.14 -4.25
N THR D 120 2.89 26.52 -4.54
CA THR D 120 4.08 25.85 -4.02
C THR D 120 4.31 26.42 -2.64
N ILE D 121 4.24 25.60 -1.57
CA ILE D 121 4.47 26.14 -0.24
C ILE D 121 5.97 26.17 0.01
N THR D 122 6.50 27.07 0.83
CA THR D 122 7.93 27.01 1.17
C THR D 122 8.21 25.87 2.17
N GLY D 123 9.46 25.48 2.36
CA GLY D 123 9.88 24.55 3.39
C GLY D 123 9.59 25.00 4.82
N ASN D 124 9.69 26.31 5.06
CA ASN D 124 9.25 26.88 6.31
C ASN D 124 7.77 26.67 6.59
N ASP D 125 6.90 26.81 5.55
CA ASP D 125 5.46 26.44 5.71
C ASP D 125 5.35 24.94 5.99
N GLU D 126 6.05 24.15 5.21
CA GLU D 126 5.96 22.70 5.43
C GLU D 126 6.38 22.30 6.87
N ALA D 127 7.40 22.98 7.38
CA ALA D 127 7.90 22.73 8.73
C ALA D 127 6.86 23.06 9.82
N LEU D 128 6.16 24.18 9.64
CA LEU D 128 5.05 24.50 10.51
C LEU D 128 4.05 23.36 10.56
N PHE D 129 3.59 22.90 9.39
CA PHE D 129 2.63 21.84 9.33
C PHE D 129 3.15 20.54 9.92
N ASP D 130 4.44 20.24 9.74
CA ASP D 130 5.01 19.06 10.39
C ASP D 130 4.76 19.18 11.91
N TRP D 131 5.09 20.33 12.51
CA TRP D 131 4.97 20.52 13.93
C TRP D 131 3.53 20.28 14.40
N LEU D 132 2.62 20.92 13.74
CA LEU D 132 1.25 20.74 14.15
C LEU D 132 0.87 19.30 14.02
N ALA D 133 1.36 18.64 12.99
CA ALA D 133 0.84 17.32 12.75
C ALA D 133 1.22 16.41 13.89
N VAL D 134 2.46 16.47 14.29
CA VAL D 134 2.97 15.59 15.27
C VAL D 134 2.32 15.85 16.66
N ASN D 135 2.29 17.13 17.08
CA ASN D 135 1.65 17.51 18.32
C ASN D 135 0.18 17.21 18.32
N TYR D 136 -0.49 17.38 17.20
CA TYR D 136 -1.90 16.95 17.19
C TYR D 136 -1.98 15.48 17.56
N LYS D 137 -1.17 14.62 16.93
CA LYS D 137 -1.21 13.17 17.26
C LYS D 137 -0.75 12.88 18.66
N LEU D 138 0.12 13.69 19.22
CA LEU D 138 0.50 13.48 20.60
C LEU D 138 -0.51 14.07 21.57
N ASP D 139 -1.42 14.95 21.13
CA ASP D 139 -2.44 15.53 22.00
C ASP D 139 -1.79 16.47 22.98
N THR D 140 -0.73 17.12 22.55
CA THR D 140 -0.06 18.19 23.31
C THR D 140 -0.39 19.60 22.90
N LEU D 141 -1.32 19.79 21.98
CA LEU D 141 -1.74 21.16 21.63
C LEU D 141 -2.79 21.62 22.56
N LYS D 142 -3.81 20.81 22.85
CA LYS D 142 -4.91 21.25 23.75
C LYS D 142 -4.29 21.73 25.08
N SER D 143 -3.49 20.89 25.74
CA SER D 143 -2.90 21.26 27.04
C SER D 143 -1.82 22.33 26.92
N VAL D 144 -1.79 23.16 27.99
CA VAL D 144 -0.80 24.23 28.17
C VAL D 144 0.54 23.56 28.39
N GLN D 145 1.35 23.48 27.33
CA GLN D 145 2.55 22.62 27.33
C GLN D 145 3.64 23.18 28.27
N ASN D 146 3.94 22.45 29.34
CA ASN D 146 5.15 22.69 30.14
C ASN D 146 6.43 22.12 29.49
N LYS D 147 6.28 21.18 28.54
CA LYS D 147 7.41 20.49 27.87
C LYS D 147 7.55 20.97 26.41
N SER D 148 8.79 21.29 26.03
CA SER D 148 9.17 21.73 24.67
C SER D 148 9.41 20.54 23.65
N VAL D 149 8.58 20.52 22.58
CA VAL D 149 8.56 19.46 21.56
C VAL D 149 9.14 19.92 20.24
N GLY D 150 10.20 19.26 19.78
CA GLY D 150 10.95 19.62 18.57
C GLY D 150 10.63 18.59 17.54
N VAL D 151 10.61 18.98 16.26
CA VAL D 151 10.20 18.06 15.18
C VAL D 151 11.20 18.17 14.03
N MET D 152 11.68 17.07 13.52
CA MET D 152 12.65 17.09 12.40
C MET D 152 12.07 16.23 11.31
N ASP D 153 11.98 16.75 10.09
CA ASP D 153 11.37 16.02 8.96
C ASP D 153 12.46 15.66 7.98
N MET D 154 12.73 14.38 7.80
CA MET D 154 13.79 13.92 6.85
C MET D 154 13.18 13.55 5.52
N GLY D 155 12.98 14.57 4.66
CA GLY D 155 12.26 14.43 3.40
C GLY D 155 13.16 14.05 2.26
N GLY D 156 12.55 13.76 1.13
CA GLY D 156 13.27 13.37 -0.03
C GLY D 156 14.21 14.47 -0.50
N ALA D 157 13.70 15.71 -0.63
CA ALA D 157 14.53 16.76 -1.21
C ALA D 157 15.04 17.81 -0.24
N SER D 158 14.26 18.07 0.81
CA SER D 158 14.68 18.99 1.85
C SER D 158 14.54 18.37 3.21
N VAL D 159 15.18 18.99 4.20
CA VAL D 159 14.94 18.58 5.57
C VAL D 159 14.46 19.77 6.35
N GLN D 160 13.51 19.50 7.25
CA GLN D 160 12.94 20.54 8.06
C GLN D 160 13.26 20.26 9.52
N ILE D 161 13.45 21.35 10.26
CA ILE D 161 13.55 21.37 11.71
C ILE D 161 12.66 22.50 12.28
N VAL D 162 12.01 22.26 13.42
CA VAL D 162 11.13 23.26 14.00
C VAL D 162 11.08 23.09 15.55
N PHE D 163 11.09 24.21 16.26
CA PHE D 163 11.05 24.14 17.74
C PHE D 163 10.63 25.45 18.36
N PRO D 164 10.09 25.38 19.60
CA PRO D 164 9.63 26.63 20.26
C PRO D 164 10.75 27.63 20.40
N MET D 165 10.46 28.90 20.11
CA MET D 165 11.41 29.97 20.28
C MET D 165 10.62 31.25 20.30
N PRO D 166 10.89 32.08 21.30
CA PRO D 166 10.22 33.36 21.39
C PRO D 166 10.74 34.33 20.34
N LYS D 167 9.90 35.26 19.93
CA LYS D 167 10.25 36.20 18.86
C LYS D 167 11.63 36.75 19.08
N ASN D 168 12.41 36.86 18.04
CA ASN D 168 13.80 37.32 18.10
C ASN D 168 14.10 38.15 16.83
N ALA D 169 14.31 39.44 17.02
CA ALA D 169 14.43 40.44 15.97
C ALA D 169 15.70 40.34 15.23
N GLU D 170 16.70 39.66 15.77
CA GLU D 170 18.01 39.45 15.06
C GLU D 170 17.84 38.46 13.95
N ILE D 171 16.76 37.66 14.04
CA ILE D 171 16.49 36.54 13.13
C ILE D 171 15.34 36.77 12.11
N SER D 172 15.57 36.37 10.89
CA SER D 172 14.62 36.64 9.81
C SER D 172 13.14 36.19 10.08
N LYS D 173 12.20 37.01 9.71
CA LYS D 173 10.80 36.76 9.86
C LYS D 173 10.33 35.46 9.08
N HIS D 174 10.99 35.11 8.01
CA HIS D 174 10.58 33.93 7.29
CA HIS D 174 10.66 33.87 7.27
C HIS D 174 10.89 32.67 8.13
N ASN D 175 11.80 32.81 9.11
CA ASN D 175 12.12 31.72 10.03
C ASN D 175 11.31 31.63 11.29
N GLN D 176 10.23 32.37 11.41
CA GLN D 176 9.52 32.42 12.71
C GLN D 176 8.07 32.44 12.41
N VAL D 177 7.28 31.93 13.33
CA VAL D 177 5.91 31.86 13.07
C VAL D 177 5.17 32.04 14.38
N GLU D 178 4.23 32.96 14.43
CA GLU D 178 3.41 33.16 15.63
C GLU D 178 2.04 32.60 15.35
N LEU D 179 1.53 31.72 16.22
CA LEU D 179 0.17 31.27 15.96
C LEU D 179 -0.50 31.10 17.28
N ASN D 180 -1.83 31.14 17.22
CA ASN D 180 -2.71 31.01 18.35
C ASN D 180 -3.59 29.80 18.10
N ILE D 181 -3.50 28.79 18.94
CA ILE D 181 -4.26 27.59 18.68
C ILE D 181 -4.66 26.92 19.95
N TYR D 182 -5.89 26.39 20.00
CA TYR D 182 -6.56 26.02 21.25
C TYR D 182 -6.39 27.11 22.35
N GLY D 183 -6.59 28.37 21.93
CA GLY D 183 -6.49 29.55 22.82
C GLY D 183 -5.09 29.82 23.41
N GLN D 184 -4.07 29.15 22.86
CA GLN D 184 -2.73 29.39 23.31
C GLN D 184 -1.89 30.12 22.23
N ASN D 185 -0.89 30.87 22.69
CA ASN D 185 -0.03 31.63 21.82
C ASN D 185 1.29 30.90 21.71
N ILE D 186 1.70 30.59 20.48
CA ILE D 186 2.87 29.77 20.18
C ILE D 186 3.84 30.48 19.25
N ASN D 187 5.12 30.46 19.60
CA ASN D 187 6.18 31.00 18.75
C ASN D 187 7.22 29.89 18.44
N LEU D 188 7.48 29.69 17.16
CA LEU D 188 8.28 28.58 16.69
C LEU D 188 9.32 29.13 15.70
N TYR D 189 10.52 28.58 15.81
CA TYR D 189 11.56 28.68 14.80
C TYR D 189 11.28 27.57 13.78
N VAL D 190 11.38 27.91 12.50
CA VAL D 190 11.22 27.00 11.40
C VAL D 190 12.37 27.23 10.43
N HIS D 191 13.01 26.15 9.99
CA HIS D 191 14.06 26.22 8.96
C HIS D 191 13.90 25.04 8.01
N SER D 192 14.03 25.28 6.71
CA SER D 192 14.15 24.18 5.74
C SER D 192 15.44 24.27 4.98
N PHE D 193 16.14 23.14 4.75
CA PHE D 193 17.38 23.12 3.93
C PHE D 193 17.14 22.41 2.61
N LEU D 194 16.95 23.18 1.56
CA LEU D 194 16.63 22.65 0.23
C LEU D 194 17.89 22.05 -0.34
N GLY D 195 17.82 20.79 -0.68
CA GLY D 195 18.95 20.18 -1.21
C GLY D 195 19.64 19.25 -0.23
N LEU D 196 19.19 19.20 1.02
CA LEU D 196 19.77 18.28 2.01
C LEU D 196 18.88 17.10 2.32
N GLY D 197 17.76 17.02 1.63
CA GLY D 197 16.95 15.82 1.69
C GLY D 197 17.75 14.60 1.21
N GLN D 198 17.31 13.42 1.60
CA GLN D 198 18.12 12.25 1.31
C GLN D 198 18.21 11.88 -0.18
N THR D 199 17.19 12.08 -1.02
CA THR D 199 17.38 11.81 -2.45
C THR D 199 18.46 12.76 -3.01
N GLU D 200 18.31 14.08 -2.87
CA GLU D 200 19.29 15.06 -3.43
C GLU D 200 20.68 14.96 -2.85
N MET D 201 20.76 14.80 -1.55
CA MET D 201 22.02 14.58 -0.83
C MET D 201 22.84 13.39 -1.35
N SER D 202 22.15 12.33 -1.66
CA SER D 202 22.78 11.08 -2.01
C SER D 202 23.53 11.31 -3.28
N HIS D 203 23.06 12.23 -4.13
CA HIS D 203 23.71 12.44 -5.41
C HIS D 203 25.12 13.02 -5.40
N GLN D 204 25.61 13.40 -4.24
CA GLN D 204 26.95 13.93 -4.11
C GLN D 204 27.92 12.85 -3.51
N PHE D 205 27.37 11.68 -3.21
CA PHE D 205 28.12 10.68 -2.50
C PHE D 205 27.98 9.29 -3.12
N LEU D 206 27.60 9.17 -4.41
CA LEU D 206 27.46 7.86 -5.00
C LEU D 206 28.80 7.05 -5.20
N ASN D 207 29.93 7.74 -5.35
CA ASN D 207 31.21 7.10 -5.63
C ASN D 207 32.07 7.30 -4.43
N SER D 208 31.45 7.42 -3.26
CA SER D 208 32.18 7.39 -2.01
C SER D 208 32.18 5.99 -1.40
N PRO D 209 33.34 5.27 -1.44
CA PRO D 209 33.41 3.86 -0.96
C PRO D 209 33.12 3.70 0.55
N SER D 210 33.32 4.77 1.30
CA SER D 210 32.96 4.72 2.70
C SER D 210 31.47 4.50 2.91
N CYS D 211 30.64 4.86 1.95
CA CYS D 211 29.19 4.93 2.21
C CYS D 211 28.35 3.72 1.77
N PHE D 212 29.05 2.66 1.33
CA PHE D 212 28.41 1.44 0.83
C PHE D 212 29.13 0.19 1.32
N ALA D 213 28.37 -0.90 1.26
CA ALA D 213 28.77 -2.23 1.67
C ALA D 213 30.03 -2.64 0.92
N TYR D 216 29.82 -3.50 -2.99
CA TYR D 216 28.86 -2.73 -3.79
C TYR D 216 29.52 -2.11 -5.03
N PRO D 217 28.97 -2.42 -6.22
CA PRO D 217 29.49 -1.81 -7.44
C PRO D 217 29.11 -0.32 -7.55
N LEU D 218 30.08 0.57 -7.34
CA LEU D 218 29.85 2.01 -7.53
C LEU D 218 29.71 2.45 -9.03
N PRO D 219 29.09 3.58 -9.28
CA PRO D 219 28.99 4.01 -10.68
C PRO D 219 30.36 4.16 -11.46
N ASP D 220 31.44 4.64 -10.84
CA ASP D 220 32.74 4.74 -11.50
C ASP D 220 33.45 3.39 -11.60
N GLY D 221 32.81 2.31 -11.14
CA GLY D 221 33.31 0.94 -11.30
C GLY D 221 34.18 0.45 -10.16
N GLU D 222 34.44 1.34 -9.20
CA GLU D 222 35.15 1.01 -7.98
C GLU D 222 34.21 0.27 -7.10
N SER D 223 34.73 -0.14 -5.96
CA SER D 223 34.00 -0.95 -5.02
C SER D 223 33.75 -0.27 -3.68
N GLY D 224 32.60 -0.69 -3.13
CA GLY D 224 32.26 -0.49 -1.76
C GLY D 224 33.21 -1.07 -0.74
N GLN D 225 33.44 -0.23 0.26
CA GLN D 225 34.27 -0.61 1.38
C GLN D 225 33.88 0.20 2.60
N GLY D 226 32.78 -0.26 3.20
CA GLY D 226 31.97 0.58 4.07
C GLY D 226 32.52 0.85 5.43
N ASN D 227 32.33 2.07 5.89
CA ASN D 227 32.80 2.49 7.15
C ASN D 227 32.07 3.72 7.64
N ALA D 228 31.06 3.51 8.46
CA ALA D 228 30.13 4.60 8.80
C ALA D 228 30.70 5.91 9.35
N PRO D 229 31.74 5.86 10.22
CA PRO D 229 32.29 7.13 10.73
C PRO D 229 32.93 7.96 9.65
N SER D 230 33.47 7.32 8.59
CA SER D 230 34.10 8.04 7.49
C SER D 230 33.06 8.75 6.68
N CYS D 231 31.98 8.02 6.38
CA CYS D 231 30.85 8.57 5.61
C CYS D 231 30.19 9.73 6.40
N LYS D 232 30.06 9.61 7.74
CA LYS D 232 29.56 10.73 8.52
C LYS D 232 30.37 12.01 8.25
N GLU D 233 31.67 11.88 8.17
CA GLU D 233 32.52 13.05 8.00
C GLU D 233 32.39 13.63 6.59
N GLU D 234 32.18 12.78 5.58
CA GLU D 234 31.99 13.25 4.19
C GLU D 234 30.74 14.15 4.14
N VAL D 235 29.66 13.59 4.67
CA VAL D 235 28.40 14.19 4.64
C VAL D 235 28.43 15.47 5.46
N THR D 236 29.16 15.42 6.56
CA THR D 236 29.22 16.57 7.44
C THR D 236 29.80 17.74 6.68
N SER D 237 30.69 17.50 5.75
CA SER D 237 31.18 18.57 4.87
C SER D 237 30.07 19.34 4.12
N LEU D 238 29.09 18.62 3.59
CA LEU D 238 27.97 19.23 2.91
C LEU D 238 27.10 20.01 3.87
N MET D 239 26.70 19.38 4.98
CA MET D 239 25.88 19.99 6.03
C MET D 239 26.49 21.30 6.46
N ASN D 240 27.78 21.27 6.81
CA ASN D 240 28.42 22.44 7.48
C ASN D 240 29.30 23.37 6.66
N SER D 241 30.05 22.86 5.70
CA SER D 241 30.87 23.74 4.86
C SER D 241 30.02 24.43 3.84
N VAL D 242 28.98 23.75 3.34
CA VAL D 242 28.08 24.32 2.31
C VAL D 242 26.85 25.03 2.92
N HIS D 243 25.89 24.29 3.45
CA HIS D 243 24.66 24.84 4.10
C HIS D 243 24.84 25.48 5.50
N LYS D 244 26.00 25.28 6.10
CA LYS D 244 26.26 25.99 7.35
C LYS D 244 25.20 25.71 8.44
N VAL D 245 24.75 24.46 8.50
CA VAL D 245 23.76 24.04 9.43
C VAL D 245 24.21 24.37 10.82
N ASN D 246 25.39 23.91 11.23
CA ASN D 246 25.91 24.17 12.61
C ASN D 246 25.77 25.63 13.07
N GLN D 247 26.19 26.56 12.24
CA GLN D 247 26.18 27.97 12.64
C GLN D 247 24.80 28.56 12.83
N GLN D 248 23.83 28.06 12.08
CA GLN D 248 22.52 28.66 12.14
C GLN D 248 21.72 28.01 13.26
N ILE D 249 21.88 26.72 13.47
CA ILE D 249 20.99 26.06 14.38
C ILE D 249 21.53 25.95 15.78
N GLN D 250 22.80 25.62 15.97
CA GLN D 250 23.25 25.28 17.36
C GLN D 250 23.12 26.42 18.37
N PRO D 251 23.44 27.65 17.95
CA PRO D 251 23.34 28.72 18.92
C PRO D 251 21.87 28.92 19.37
N LEU D 252 20.91 28.64 18.50
CA LEU D 252 19.51 28.74 18.84
C LEU D 252 19.00 27.65 19.75
N LEU D 253 19.37 26.38 19.55
CA LEU D 253 19.02 25.26 20.49
C LEU D 253 19.67 25.37 21.88
N ALA D 254 20.86 25.95 21.91
CA ALA D 254 21.53 26.12 23.18
C ALA D 254 20.73 27.08 24.04
N LEU D 255 20.21 28.13 23.39
CA LEU D 255 19.41 29.15 24.09
C LEU D 255 17.95 28.75 24.27
N ASN D 256 17.47 27.77 23.50
CA ASN D 256 16.04 27.34 23.56
C ASN D 256 15.91 25.83 23.56
N PRO D 257 16.39 25.19 24.63
CA PRO D 257 16.59 23.77 24.52
C PRO D 257 15.26 23.05 24.35
N VAL D 258 15.33 21.88 23.75
CA VAL D 258 14.15 21.05 23.50
C VAL D 258 14.06 19.89 24.49
N ASN D 259 12.88 19.59 25.02
CA ASN D 259 12.74 18.46 25.99
C ASN D 259 12.55 17.10 25.37
N GLU D 260 11.96 17.08 24.16
CA GLU D 260 11.67 15.85 23.40
C GLU D 260 11.70 16.05 21.86
N TRP D 261 12.38 15.14 21.17
CA TRP D 261 12.54 15.22 19.77
C TRP D 261 11.68 14.18 19.05
N TYR D 262 11.00 14.62 18.01
CA TYR D 262 10.30 13.69 17.16
C TYR D 262 10.79 13.82 15.75
N SER D 263 10.95 12.68 15.06
CA SER D 263 11.17 12.72 13.62
C SER D 263 10.16 12.02 12.80
N ILE D 264 10.07 12.48 11.55
CA ILE D 264 9.25 11.89 10.55
C ILE D 264 10.03 11.81 9.24
N GLY D 265 9.42 11.10 8.27
CA GLY D 265 10.05 10.90 7.03
C GLY D 265 10.82 9.63 7.05
N GLY D 266 11.89 9.63 6.29
CA GLY D 266 12.61 8.40 5.91
C GLY D 266 13.19 7.62 7.06
N ILE D 267 13.47 8.36 8.13
CA ILE D 267 14.07 7.71 9.31
C ILE D 267 13.12 6.68 9.93
N SER D 268 11.82 6.97 9.88
CA SER D 268 10.80 5.99 10.28
C SER D 268 10.95 4.66 9.52
N ASN D 269 11.25 4.73 8.22
CA ASN D 269 11.29 3.56 7.37
C ASN D 269 12.58 2.74 7.57
N LEU D 270 13.67 3.44 7.85
CA LEU D 270 14.93 2.79 8.07
C LEU D 270 14.96 2.11 9.45
N ALA D 271 14.52 2.83 10.46
CA ALA D 271 14.58 2.32 11.83
C ALA D 271 13.61 1.19 12.08
N SER D 272 12.58 1.08 11.25
CA SER D 272 11.60 0.00 11.43
C SER D 272 11.75 -1.11 10.40
N SER D 273 12.88 -1.16 9.69
CA SER D 273 13.15 -2.28 8.79
C SER D 273 13.73 -3.47 9.56
N GLN D 274 13.88 -4.60 8.85
CA GLN D 274 14.28 -5.86 9.45
C GLN D 274 15.76 -5.80 9.87
N LEU D 275 16.56 -4.93 9.28
CA LEU D 275 18.00 -4.92 9.58
C LEU D 275 18.33 -4.11 10.82
N PHE D 276 17.37 -3.34 11.30
CA PHE D 276 17.51 -2.61 12.56
C PHE D 276 16.54 -3.08 13.68
N HIS D 277 17.00 -2.96 14.93
CA HIS D 277 16.24 -3.33 16.15
C HIS D 277 16.23 -2.13 17.16
N PHE D 278 15.05 -1.56 17.37
CA PHE D 278 14.85 -0.54 18.34
C PHE D 278 13.58 -0.87 19.04
N GLU D 279 13.46 -0.40 20.27
CA GLU D 279 12.25 -0.57 21.05
C GLU D 279 11.55 0.74 21.22
N ASN D 280 10.25 0.65 21.44
CA ASN D 280 9.41 1.76 21.84
C ASN D 280 9.39 2.94 20.85
N SER D 281 9.70 2.67 19.60
CA SER D 281 9.56 3.63 18.53
C SER D 281 10.46 4.84 18.74
N GLU D 282 11.66 4.58 19.23
CA GLU D 282 12.63 5.63 19.49
C GLU D 282 14.03 5.11 19.37
N LEU D 283 15.01 6.00 19.22
CA LEU D 283 16.38 5.58 19.06
C LEU D 283 17.33 6.64 19.62
N THR D 284 18.62 6.36 19.51
CA THR D 284 19.72 7.31 19.80
C THR D 284 20.72 7.32 18.60
N ASN D 285 21.53 8.36 18.44
CA ASN D 285 22.44 8.40 17.32
C ASN D 285 23.57 7.37 17.41
N GLN D 286 24.19 7.24 18.60
CA GLN D 286 25.35 6.39 18.76
C GLN D 286 24.94 5.02 18.36
N SER D 287 23.71 4.63 18.67
CA SER D 287 23.27 3.30 18.31
C SER D 287 22.92 3.16 16.81
N LEU D 288 22.22 4.12 16.27
CA LEU D 288 21.88 4.07 14.86
C LEU D 288 23.17 3.89 14.03
N LEU D 289 24.18 4.71 14.33
CA LEU D 289 25.44 4.73 13.59
C LEU D 289 26.19 3.39 13.70
N GLN D 290 26.09 2.81 14.89
CA GLN D 290 26.69 1.55 15.21
C GLN D 290 26.04 0.38 14.44
N GLN D 291 24.72 0.27 14.54
CA GLN D 291 23.96 -0.77 13.83
C GLN D 291 24.22 -0.67 12.32
N GLY D 292 24.14 0.54 11.75
CA GLY D 292 24.46 0.75 10.32
C GLY D 292 25.87 0.25 9.96
N ASP D 293 26.84 0.60 10.80
CA ASP D 293 28.23 0.23 10.61
C ASP D 293 28.37 -1.34 10.60
N ASN D 294 27.75 -2.02 11.57
CA ASN D 294 27.89 -3.47 11.70
C ASN D 294 26.95 -4.27 10.83
N GLN D 295 25.74 -3.78 10.66
CA GLN D 295 24.75 -4.51 9.89
C GLN D 295 24.88 -4.27 8.43
N ILE D 296 25.30 -3.08 7.98
CA ILE D 296 25.39 -2.80 6.53
C ILE D 296 26.83 -2.50 6.07
N CYS D 297 27.43 -1.44 6.59
CA CYS D 297 28.69 -0.91 6.10
C CYS D 297 29.79 -1.92 6.00
N HIS D 298 29.97 -2.74 7.03
CA HIS D 298 31.06 -3.78 7.04
C HIS D 298 30.59 -5.17 6.62
N GLN D 299 29.40 -5.31 6.03
CA GLN D 299 28.96 -6.58 5.44
C GLN D 299 29.41 -6.78 3.96
N GLN D 300 29.40 -8.02 3.48
CA GLN D 300 29.67 -8.34 2.07
C GLN D 300 28.37 -8.01 1.34
N TRP D 301 28.41 -7.21 0.26
CA TRP D 301 27.18 -6.91 -0.48
C TRP D 301 26.47 -8.17 -0.99
N ASP D 302 27.25 -9.08 -1.59
CA ASP D 302 26.74 -10.37 -2.13
C ASP D 302 25.89 -11.16 -1.15
N ILE D 303 26.37 -11.21 0.09
CA ILE D 303 25.71 -12.01 1.13
C ILE D 303 24.47 -11.30 1.66
N LEU D 304 24.58 -9.99 1.90
CA LEU D 304 23.46 -9.19 2.41
C LEU D 304 22.36 -9.02 1.35
N ASN D 305 22.72 -8.85 0.07
CA ASN D 305 21.71 -8.82 -1.00
C ASN D 305 21.03 -10.17 -1.23
N GLY D 306 21.82 -11.24 -1.23
CA GLY D 306 21.28 -12.60 -1.29
C GLY D 306 20.27 -12.88 -0.18
N GLN D 307 20.53 -12.36 1.03
CA GLN D 307 19.66 -12.59 2.18
C GLN D 307 18.32 -11.82 2.06
N TYR D 308 18.27 -10.74 1.26
CA TYR D 308 17.02 -9.94 1.09
C TYR D 308 16.82 -9.41 -0.34
N PRO D 309 16.72 -10.31 -1.32
CA PRO D 309 16.37 -9.77 -2.64
C PRO D 309 14.94 -9.34 -2.54
N ASP D 310 14.54 -8.40 -3.36
CA ASP D 310 13.22 -7.81 -3.23
C ASP D 310 13.19 -6.66 -2.20
N ASP D 311 14.26 -6.46 -1.41
CA ASP D 311 14.46 -5.14 -0.73
C ASP D 311 15.26 -4.16 -1.61
N GLU D 312 14.53 -3.24 -2.22
CA GLU D 312 15.09 -2.30 -3.16
C GLU D 312 15.70 -1.06 -2.44
N TYR D 313 15.58 -0.92 -1.12
CA TYR D 313 16.24 0.20 -0.36
C TYR D 313 17.45 -0.16 0.48
N LEU D 314 17.65 -1.45 0.76
CA LEU D 314 18.69 -1.91 1.71
C LEU D 314 20.10 -1.45 1.37
N TYR D 315 20.41 -1.34 0.08
CA TYR D 315 21.72 -0.87 -0.38
C TYR D 315 22.15 0.52 0.17
N GLN D 316 21.20 1.38 0.50
CA GLN D 316 21.53 2.71 1.00
C GLN D 316 21.71 2.85 2.51
N TYR D 317 21.34 1.84 3.28
CA TYR D 317 21.27 1.99 4.74
C TYR D 317 22.64 2.36 5.44
N CYS D 318 23.76 2.13 4.80
CA CYS D 318 25.03 2.61 5.33
C CYS D 318 25.13 4.10 5.25
N LEU D 319 24.70 4.66 4.11
CA LEU D 319 24.76 6.11 3.83
C LEU D 319 23.79 6.88 4.73
N LEU D 320 22.53 6.43 4.73
CA LEU D 320 21.43 7.12 5.43
C LEU D 320 21.73 7.13 6.94
N SER D 321 22.22 6.02 7.46
CA SER D 321 22.66 5.97 8.88
C SER D 321 23.64 7.07 9.18
N SER D 322 24.60 7.19 8.30
CA SER D 322 25.67 8.08 8.54
C SER D 322 25.11 9.51 8.32
N TYR D 323 24.16 9.62 7.41
CA TYR D 323 23.59 10.95 7.07
C TYR D 323 22.73 11.47 8.21
N TYR D 324 21.88 10.61 8.74
CA TYR D 324 21.04 11.06 9.84
C TYR D 324 21.94 11.53 11.02
N TYR D 325 23.04 10.84 11.25
CA TYR D 325 23.91 11.17 12.42
C TYR D 325 24.64 12.48 12.20
N ALA D 326 25.06 12.71 10.98
CA ALA D 326 25.71 13.94 10.59
C ALA D 326 24.78 15.15 10.78
N LEU D 327 23.54 14.98 10.31
CA LEU D 327 22.55 16.04 10.39
C LEU D 327 22.22 16.30 11.86
N MET D 328 21.84 15.26 12.60
CA MET D 328 21.31 15.50 13.95
C MET D 328 22.43 15.87 14.86
N VAL D 329 23.51 15.11 14.85
CA VAL D 329 24.61 15.34 15.77
C VAL D 329 25.56 16.46 15.37
N ASP D 330 26.15 16.37 14.19
CA ASP D 330 27.13 17.34 13.79
C ASP D 330 26.52 18.61 13.27
N GLY D 331 25.26 18.54 12.82
CA GLY D 331 24.55 19.69 12.30
C GLY D 331 23.75 20.42 13.36
N TYR D 332 22.68 19.76 13.81
CA TYR D 332 21.83 20.35 14.81
C TYR D 332 22.49 20.34 16.20
N GLY D 333 23.53 19.55 16.41
CA GLY D 333 24.26 19.61 17.74
C GLY D 333 23.68 18.79 18.88
N ILE D 334 22.78 17.88 18.57
CA ILE D 334 22.09 17.04 19.56
C ILE D 334 23.10 16.05 20.07
N ASN D 335 22.94 15.60 21.31
CA ASN D 335 23.78 14.61 21.92
C ASN D 335 23.56 13.25 21.25
N PRO D 336 24.65 12.42 21.14
CA PRO D 336 24.50 11.07 20.54
C PRO D 336 23.68 10.08 21.36
N ASN D 337 23.60 10.29 22.66
CA ASN D 337 22.80 9.42 23.51
C ASN D 337 21.39 9.94 23.82
N GLN D 338 20.98 11.06 23.19
CA GLN D 338 19.65 11.58 23.42
C GLN D 338 18.58 10.79 22.65
N THR D 339 17.47 10.57 23.33
CA THR D 339 16.35 9.83 22.79
C THR D 339 15.75 10.65 21.64
N ILE D 340 15.49 10.02 20.51
CA ILE D 340 14.79 10.63 19.42
C ILE D 340 13.62 9.69 19.15
N HIS D 341 12.41 10.17 19.34
CA HIS D 341 11.24 9.39 18.97
C HIS D 341 10.95 9.47 17.47
N TYR D 342 10.60 8.34 16.86
CA TYR D 342 10.12 8.37 15.46
C TYR D 342 8.71 7.80 15.37
N ILE D 343 7.93 8.36 14.46
CA ILE D 343 6.55 7.95 14.29
C ILE D 343 6.52 6.74 13.38
N PRO D 344 5.73 5.70 13.74
CA PRO D 344 5.70 4.49 12.91
C PRO D 344 4.96 4.66 11.57
N PRO D 345 5.49 4.07 10.50
CA PRO D 345 4.90 4.16 9.16
C PRO D 345 3.39 3.85 9.15
N GLU D 346 3.00 2.82 9.90
CA GLU D 346 1.62 2.35 9.95
C GLU D 346 0.62 3.36 10.52
N GLN D 347 1.08 4.37 11.23
CA GLN D 347 0.14 5.36 11.71
C GLN D 347 -0.22 6.36 10.64
N ASN D 348 0.59 6.45 9.58
CA ASN D 348 0.31 7.31 8.41
C ASN D 348 0.08 8.77 8.82
N LEU D 349 0.88 9.31 9.76
CA LEU D 349 0.78 10.72 10.11
C LEU D 349 1.47 11.46 8.99
N ASP D 350 0.80 12.42 8.34
CA ASP D 350 1.60 13.39 7.64
C ASP D 350 1.12 14.78 7.72
N TRP D 351 2.02 15.64 7.25
CA TRP D 351 1.97 17.04 7.50
C TRP D 351 0.68 17.66 7.00
N THR D 352 -0.06 16.95 6.15
CA THR D 352 -1.26 17.54 5.56
C THR D 352 -2.38 17.83 6.61
N ILE D 353 -2.36 17.06 7.71
CA ILE D 353 -3.22 17.27 8.76
C ILE D 353 -2.99 18.62 9.39
N GLY D 354 -1.76 19.11 9.39
CA GLY D 354 -1.52 20.48 9.83
C GLY D 354 -2.22 21.54 9.01
N VAL D 355 -2.51 21.25 7.72
CA VAL D 355 -3.29 22.21 6.94
C VAL D 355 -4.67 22.41 7.57
N VAL D 356 -5.27 21.35 8.08
CA VAL D 356 -6.56 21.40 8.69
C VAL D 356 -6.60 22.38 9.89
N LEU D 357 -5.58 22.28 10.70
CA LEU D 357 -5.41 23.10 11.89
C LEU D 357 -5.08 24.56 11.61
N HIS D 358 -4.36 24.87 10.57
CA HIS D 358 -3.87 26.22 10.30
C HIS D 358 -4.26 26.59 8.87
N ARG D 359 -5.30 27.37 8.63
CA ARG D 359 -5.57 27.76 7.21
C ARG D 359 -4.57 28.73 6.62
BR BR E . -45.21 -34.54 5.72
BR BR F . -17.79 -23.85 -5.54
BR BR G . -19.63 -15.54 23.02
BR BR H . 10.64 -21.70 17.06
BR BR I . 31.05 43.75 -18.14
BR BR J . 12.26 26.62 0.57
BR BR K . 31.16 7.84 -12.56
#